data_2CT6
#
_entry.id   2CT6
#
_cell.length_a   1.000
_cell.length_b   1.000
_cell.length_c   1.000
_cell.angle_alpha   90.00
_cell.angle_beta   90.00
_cell.angle_gamma   90.00
#
_symmetry.space_group_name_H-M   'P 1'
#
_entity_poly.entity_id   1
_entity_poly.type   'polypeptide(L)'
_entity_poly.pdbx_seq_one_letter_code
;GSSGSSGMVIRVFIASSSGFVAIKKKQQDVVRFLEANKIEFEEVDITMSEEQRQWMYKNVPPEKKPTQGNPLPPQIFNGD
RYCGDYDSFFESKESNTVFSFLGLKSGPSSG
;
_entity_poly.pdbx_strand_id   A
#
# COMPACT_ATOMS: atom_id res chain seq x y z
N GLY A 1 -18.04 -23.60 0.96
CA GLY A 1 -17.09 -23.24 -0.08
C GLY A 1 -15.73 -22.88 0.52
N SER A 2 -15.04 -23.89 0.99
CA SER A 2 -13.73 -23.70 1.59
C SER A 2 -13.85 -22.81 2.83
N SER A 3 -13.70 -23.43 3.99
CA SER A 3 -13.80 -22.71 5.25
C SER A 3 -12.42 -22.15 5.63
N GLY A 4 -12.43 -21.29 6.63
CA GLY A 4 -11.20 -20.68 7.11
C GLY A 4 -11.19 -19.17 6.82
N SER A 5 -10.40 -18.46 7.61
CA SER A 5 -10.29 -17.02 7.45
C SER A 5 -9.33 -16.45 8.51
N SER A 6 -8.22 -15.92 8.03
CA SER A 6 -7.23 -15.34 8.91
C SER A 6 -7.49 -13.85 9.10
N GLY A 7 -7.55 -13.14 7.97
CA GLY A 7 -7.80 -11.72 7.99
C GLY A 7 -7.06 -11.01 6.85
N MET A 8 -7.23 -9.70 6.80
CA MET A 8 -6.59 -8.91 5.76
C MET A 8 -5.52 -8.00 6.36
N VAL A 9 -4.61 -7.55 5.50
CA VAL A 9 -3.53 -6.68 5.94
C VAL A 9 -3.03 -5.87 4.74
N ILE A 10 -3.24 -4.56 4.82
CA ILE A 10 -2.81 -3.67 3.76
C ILE A 10 -1.31 -3.45 3.85
N ARG A 11 -0.57 -4.44 3.37
CA ARG A 11 0.88 -4.38 3.39
C ARG A 11 1.37 -3.14 2.63
N VAL A 12 1.74 -2.13 3.40
CA VAL A 12 2.23 -0.89 2.82
C VAL A 12 3.75 -0.90 2.80
N PHE A 13 4.29 -0.96 1.59
CA PHE A 13 5.74 -0.98 1.41
C PHE A 13 6.33 0.42 1.62
N ILE A 14 7.35 0.47 2.46
CA ILE A 14 8.02 1.73 2.75
C ILE A 14 9.54 1.53 2.69
N ALA A 15 10.21 2.54 2.19
CA ALA A 15 11.67 2.49 2.08
C ALA A 15 12.29 3.55 2.98
N SER A 16 12.38 3.22 4.26
CA SER A 16 12.95 4.14 5.23
C SER A 16 14.14 4.89 4.61
N SER A 17 14.80 4.21 3.70
CA SER A 17 15.95 4.80 3.03
C SER A 17 15.71 4.84 1.51
N SER A 18 15.06 5.91 1.08
CA SER A 18 14.77 6.08 -0.33
C SER A 18 15.52 7.29 -0.88
N GLY A 19 15.33 8.42 -0.21
CA GLY A 19 15.98 9.65 -0.61
C GLY A 19 14.98 10.81 -0.66
N PHE A 20 13.95 10.63 -1.47
CA PHE A 20 12.93 11.65 -1.62
C PHE A 20 12.00 11.68 -0.40
N VAL A 21 12.25 12.66 0.46
CA VAL A 21 11.45 12.81 1.67
C VAL A 21 9.97 12.78 1.30
N ALA A 22 9.67 13.43 0.19
CA ALA A 22 8.28 13.49 -0.28
C ALA A 22 7.66 12.10 -0.19
N ILE A 23 8.39 11.13 -0.68
CA ILE A 23 7.92 9.75 -0.67
C ILE A 23 7.54 9.37 0.76
N LYS A 24 8.41 9.73 1.69
CA LYS A 24 8.19 9.43 3.10
C LYS A 24 6.79 9.91 3.50
N LYS A 25 6.58 11.22 3.33
CA LYS A 25 5.30 11.82 3.66
C LYS A 25 4.17 10.95 3.10
N LYS A 26 4.28 10.66 1.81
CA LYS A 26 3.28 9.85 1.15
C LYS A 26 3.04 8.56 1.96
N GLN A 27 4.15 7.92 2.30
CA GLN A 27 4.08 6.69 3.08
C GLN A 27 3.29 6.91 4.36
N GLN A 28 3.47 8.10 4.92
CA GLN A 28 2.79 8.45 6.16
C GLN A 28 1.28 8.60 5.91
N ASP A 29 0.94 9.63 5.14
CA ASP A 29 -0.45 9.89 4.82
C ASP A 29 -1.18 8.56 4.60
N VAL A 30 -0.43 7.59 4.10
CA VAL A 30 -0.99 6.28 3.83
C VAL A 30 -1.33 5.60 5.15
N VAL A 31 -0.29 5.14 5.83
CA VAL A 31 -0.46 4.47 7.12
C VAL A 31 -1.30 5.36 8.04
N ARG A 32 -0.90 6.62 8.10
CA ARG A 32 -1.61 7.58 8.94
C ARG A 32 -3.12 7.42 8.79
N PHE A 33 -3.58 7.53 7.54
CA PHE A 33 -4.98 7.40 7.24
C PHE A 33 -5.55 6.11 7.83
N LEU A 34 -4.87 5.01 7.56
CA LEU A 34 -5.29 3.71 8.04
C LEU A 34 -5.41 3.76 9.57
N GLU A 35 -4.33 4.24 10.20
CA GLU A 35 -4.29 4.35 11.65
C GLU A 35 -5.46 5.21 12.15
N ALA A 36 -5.59 6.38 11.54
CA ALA A 36 -6.65 7.30 11.91
C ALA A 36 -8.01 6.67 11.56
N ASN A 37 -7.97 5.72 10.64
CA ASN A 37 -9.17 5.04 10.21
C ASN A 37 -9.25 3.67 10.88
N LYS A 38 -8.32 3.45 11.80
CA LYS A 38 -8.26 2.18 12.52
C LYS A 38 -8.32 1.03 11.53
N ILE A 39 -7.59 1.21 10.43
CA ILE A 39 -7.55 0.19 9.39
C ILE A 39 -6.34 -0.72 9.62
N GLU A 40 -6.52 -2.00 9.31
CA GLU A 40 -5.45 -2.97 9.47
C GLU A 40 -4.48 -2.88 8.31
N PHE A 41 -3.19 -2.93 8.66
CA PHE A 41 -2.14 -2.87 7.65
C PHE A 41 -0.77 -3.11 8.28
N GLU A 42 0.25 -3.06 7.43
CA GLU A 42 1.61 -3.27 7.89
C GLU A 42 2.59 -2.49 7.01
N GLU A 43 3.62 -1.96 7.66
CA GLU A 43 4.64 -1.20 6.94
C GLU A 43 5.80 -2.11 6.53
N VAL A 44 5.67 -2.67 5.34
CA VAL A 44 6.70 -3.55 4.82
C VAL A 44 7.93 -2.73 4.45
N ASP A 45 8.87 -2.65 5.38
CA ASP A 45 10.10 -1.92 5.16
C ASP A 45 10.88 -2.56 4.02
N ILE A 46 10.62 -2.08 2.82
CA ILE A 46 11.30 -2.61 1.64
C ILE A 46 12.79 -2.26 1.72
N THR A 47 13.07 -1.16 2.39
CA THR A 47 14.44 -0.71 2.55
C THR A 47 15.25 -1.74 3.33
N MET A 48 14.68 -2.18 4.44
CA MET A 48 15.33 -3.16 5.29
C MET A 48 15.44 -4.52 4.59
N SER A 49 14.30 -4.99 4.11
CA SER A 49 14.26 -6.26 3.41
C SER A 49 14.30 -6.03 1.89
N GLU A 50 15.47 -6.31 1.33
CA GLU A 50 15.66 -6.14 -0.11
C GLU A 50 14.57 -6.88 -0.87
N GLU A 51 14.40 -8.15 -0.54
CA GLU A 51 13.39 -8.97 -1.18
C GLU A 51 12.08 -8.20 -1.32
N GLN A 52 11.54 -7.79 -0.18
CA GLN A 52 10.30 -7.05 -0.16
C GLN A 52 10.25 -6.06 -1.33
N ARG A 53 11.32 -5.29 -1.45
CA ARG A 53 11.42 -4.30 -2.51
C ARG A 53 11.42 -4.99 -3.87
N GLN A 54 12.37 -5.90 -4.03
CA GLN A 54 12.49 -6.64 -5.28
C GLN A 54 11.13 -7.17 -5.73
N TRP A 55 10.41 -7.74 -4.77
CA TRP A 55 9.09 -8.29 -5.05
C TRP A 55 8.26 -7.19 -5.70
N MET A 56 8.12 -6.09 -4.98
CA MET A 56 7.34 -4.96 -5.47
C MET A 56 7.71 -4.64 -6.92
N TYR A 57 9.01 -4.52 -7.17
CA TYR A 57 9.49 -4.22 -8.49
C TYR A 57 9.00 -5.26 -9.51
N LYS A 58 8.53 -6.37 -8.97
CA LYS A 58 8.03 -7.45 -9.82
C LYS A 58 6.51 -7.38 -9.87
N ASN A 59 5.95 -6.56 -8.98
CA ASN A 59 4.50 -6.41 -8.93
C ASN A 59 4.15 -4.95 -9.20
N VAL A 60 4.80 -4.39 -10.22
CA VAL A 60 4.56 -3.01 -10.59
C VAL A 60 4.92 -2.82 -12.07
N PRO A 61 3.88 -2.49 -12.87
CA PRO A 61 4.07 -2.27 -14.30
C PRO A 61 4.75 -0.93 -14.56
N PRO A 62 5.17 -0.73 -15.84
CA PRO A 62 5.82 0.49 -16.24
C PRO A 62 4.82 1.64 -16.36
N GLU A 63 3.59 1.27 -16.68
CA GLU A 63 2.53 2.25 -16.83
C GLU A 63 2.14 2.82 -15.47
N LYS A 64 2.52 2.11 -14.43
CA LYS A 64 2.21 2.52 -13.07
C LYS A 64 3.46 3.17 -12.45
N LYS A 65 4.61 2.69 -12.90
CA LYS A 65 5.87 3.22 -12.40
C LYS A 65 5.76 4.73 -12.23
N PRO A 66 5.97 5.19 -10.97
CA PRO A 66 5.88 6.61 -10.65
C PRO A 66 7.13 7.34 -11.16
N THR A 67 7.08 8.66 -11.07
CA THR A 67 8.19 9.50 -11.51
C THR A 67 8.82 8.90 -12.77
N GLN A 68 9.91 8.17 -12.55
CA GLN A 68 10.62 7.54 -13.65
C GLN A 68 11.59 6.48 -13.12
N GLY A 69 11.68 5.39 -13.85
CA GLY A 69 12.56 4.30 -13.48
C GLY A 69 11.84 3.30 -12.56
N ASN A 70 12.64 2.55 -11.81
CA ASN A 70 12.10 1.56 -10.90
C ASN A 70 10.97 2.20 -10.09
N PRO A 71 10.06 1.31 -9.59
CA PRO A 71 8.93 1.78 -8.81
C PRO A 71 9.36 2.17 -7.40
N LEU A 72 8.83 3.31 -6.94
CA LEU A 72 9.16 3.81 -5.63
C LEU A 72 7.90 3.78 -4.75
N PRO A 73 8.14 3.78 -3.41
CA PRO A 73 7.04 3.76 -2.46
C PRO A 73 6.36 5.13 -2.38
N PRO A 74 5.19 5.15 -1.70
CA PRO A 74 4.65 3.94 -1.10
C PRO A 74 4.05 3.02 -2.17
N GLN A 75 3.91 1.76 -1.81
CA GLN A 75 3.35 0.77 -2.73
C GLN A 75 2.42 -0.18 -1.99
N ILE A 76 1.25 0.33 -1.64
CA ILE A 76 0.27 -0.46 -0.92
C ILE A 76 0.06 -1.79 -1.67
N PHE A 77 -0.09 -2.85 -0.89
CA PHE A 77 -0.30 -4.17 -1.45
C PHE A 77 -1.17 -5.03 -0.53
N ASN A 78 -2.39 -5.29 -0.99
CA ASN A 78 -3.32 -6.10 -0.22
C ASN A 78 -3.07 -7.58 -0.51
N GLY A 79 -2.33 -8.20 0.39
CA GLY A 79 -2.02 -9.62 0.26
C GLY A 79 -0.98 -9.83 -0.84
N ASP A 80 -1.47 -10.07 -2.04
CA ASP A 80 -0.60 -10.30 -3.19
C ASP A 80 -1.15 -9.56 -4.41
N ARG A 81 -2.10 -8.67 -4.14
CA ARG A 81 -2.73 -7.90 -5.21
C ARG A 81 -2.22 -6.46 -5.18
N TYR A 82 -1.75 -6.01 -6.34
CA TYR A 82 -1.23 -4.66 -6.46
C TYR A 82 -2.35 -3.63 -6.27
N CYS A 83 -2.33 -3.00 -5.11
CA CYS A 83 -3.32 -1.99 -4.80
C CYS A 83 -3.06 -0.75 -5.66
N GLY A 84 -2.03 -0.02 -5.27
CA GLY A 84 -1.66 1.19 -6.00
C GLY A 84 -0.75 2.09 -5.14
N ASP A 85 0.11 2.82 -5.83
CA ASP A 85 1.03 3.72 -5.16
C ASP A 85 0.25 4.88 -4.55
N TYR A 86 0.98 5.79 -3.93
CA TYR A 86 0.38 6.95 -3.29
C TYR A 86 -0.60 7.64 -4.25
N ASP A 87 -0.25 7.62 -5.53
CA ASP A 87 -1.08 8.24 -6.55
C ASP A 87 -2.49 7.64 -6.47
N SER A 88 -2.54 6.31 -6.47
CA SER A 88 -3.80 5.61 -6.41
C SER A 88 -4.56 6.00 -5.14
N PHE A 89 -3.93 5.73 -4.01
CA PHE A 89 -4.52 6.05 -2.72
C PHE A 89 -5.11 7.46 -2.73
N PHE A 90 -4.25 8.43 -2.98
CA PHE A 90 -4.67 9.81 -3.01
C PHE A 90 -5.89 9.99 -3.93
N GLU A 91 -5.75 9.47 -5.14
CA GLU A 91 -6.82 9.57 -6.12
C GLU A 91 -8.11 8.94 -5.56
N SER A 92 -7.94 8.16 -4.50
CA SER A 92 -9.07 7.50 -3.88
C SER A 92 -9.58 8.35 -2.71
N LYS A 93 -8.64 8.83 -1.92
CA LYS A 93 -8.98 9.65 -0.76
C LYS A 93 -9.99 10.71 -1.18
N GLU A 94 -9.75 11.28 -2.36
CA GLU A 94 -10.63 12.31 -2.88
C GLU A 94 -12.06 11.77 -3.02
N SER A 95 -12.15 10.49 -3.33
CA SER A 95 -13.44 9.84 -3.50
C SER A 95 -13.79 9.04 -2.24
N ASN A 96 -12.87 9.06 -1.29
CA ASN A 96 -13.07 8.34 -0.04
C ASN A 96 -13.31 6.87 -0.34
N THR A 97 -12.48 6.33 -1.22
CA THR A 97 -12.60 4.93 -1.60
C THR A 97 -11.35 4.15 -1.17
N VAL A 98 -10.51 4.82 -0.39
CA VAL A 98 -9.29 4.21 0.10
C VAL A 98 -9.58 2.77 0.52
N PHE A 99 -10.68 2.61 1.24
CA PHE A 99 -11.07 1.28 1.71
C PHE A 99 -11.23 0.31 0.53
N SER A 100 -12.05 0.71 -0.42
CA SER A 100 -12.29 -0.11 -1.61
C SER A 100 -11.01 -0.21 -2.44
N PHE A 101 -10.23 0.86 -2.40
CA PHE A 101 -8.99 0.90 -3.15
C PHE A 101 -8.02 -0.19 -2.67
N LEU A 102 -8.09 -0.48 -1.39
CA LEU A 102 -7.23 -1.49 -0.80
C LEU A 102 -7.94 -2.85 -0.87
N GLY A 103 -9.26 -2.80 -0.99
CA GLY A 103 -10.05 -4.00 -1.08
C GLY A 103 -10.76 -4.29 0.25
N LEU A 104 -11.13 -3.21 0.93
CA LEU A 104 -11.81 -3.33 2.20
C LEU A 104 -13.31 -3.13 2.00
N LYS A 105 -13.87 -3.94 1.11
CA LYS A 105 -15.29 -3.87 0.82
C LYS A 105 -15.66 -4.96 -0.18
N SER A 106 -15.87 -6.15 0.35
CA SER A 106 -16.23 -7.29 -0.47
C SER A 106 -16.49 -8.52 0.41
N GLY A 107 -17.71 -8.59 0.92
CA GLY A 107 -18.10 -9.71 1.77
C GLY A 107 -18.05 -9.30 3.24
N PRO A 108 -18.56 -10.22 4.11
CA PRO A 108 -18.56 -9.98 5.54
C PRO A 108 -17.17 -10.13 6.14
N SER A 109 -16.86 -9.25 7.08
CA SER A 109 -15.57 -9.27 7.74
C SER A 109 -15.48 -8.13 8.74
N SER A 110 -15.65 -6.92 8.23
CA SER A 110 -15.59 -5.73 9.07
C SER A 110 -16.71 -5.76 10.11
N GLY A 111 -16.52 -4.98 11.17
CA GLY A 111 -17.51 -4.92 12.23
C GLY A 111 -16.84 -5.00 13.60
N GLY A 1 -22.11 -23.25 6.19
CA GLY A 1 -20.85 -23.76 6.68
C GLY A 1 -19.73 -22.74 6.47
N SER A 2 -19.12 -22.34 7.57
CA SER A 2 -18.03 -21.37 7.52
C SER A 2 -16.98 -21.71 8.58
N SER A 3 -15.75 -21.37 8.27
CA SER A 3 -14.64 -21.63 9.18
C SER A 3 -13.48 -20.68 8.87
N GLY A 4 -12.97 -20.79 7.66
CA GLY A 4 -11.86 -19.95 7.24
C GLY A 4 -12.28 -18.49 7.15
N SER A 5 -11.28 -17.61 7.11
CA SER A 5 -11.55 -16.18 7.03
C SER A 5 -10.29 -15.45 6.54
N SER A 6 -9.20 -15.67 7.26
CA SER A 6 -7.94 -15.04 6.93
C SER A 6 -8.06 -13.52 7.03
N GLY A 7 -7.46 -12.98 8.09
CA GLY A 7 -7.49 -11.56 8.32
C GLY A 7 -6.71 -10.80 7.24
N MET A 8 -7.28 -9.70 6.79
CA MET A 8 -6.64 -8.89 5.78
C MET A 8 -5.55 -8.01 6.38
N VAL A 9 -4.64 -7.57 5.52
CA VAL A 9 -3.54 -6.73 5.95
C VAL A 9 -3.03 -5.91 4.76
N ILE A 10 -3.21 -4.60 4.85
CA ILE A 10 -2.78 -3.71 3.80
C ILE A 10 -1.26 -3.51 3.88
N ARG A 11 -0.54 -4.47 3.33
CA ARG A 11 0.91 -4.42 3.33
C ARG A 11 1.40 -3.18 2.59
N VAL A 12 1.67 -2.13 3.36
CA VAL A 12 2.14 -0.87 2.80
C VAL A 12 3.67 -0.91 2.71
N PHE A 13 4.17 -1.03 1.49
CA PHE A 13 5.60 -1.07 1.26
C PHE A 13 6.22 0.33 1.38
N ILE A 14 7.21 0.43 2.25
CA ILE A 14 7.88 1.69 2.47
C ILE A 14 9.40 1.47 2.43
N ALA A 15 10.11 2.51 1.99
CA ALA A 15 11.56 2.44 1.91
C ALA A 15 12.17 3.58 2.70
N SER A 16 12.37 3.33 3.99
CA SER A 16 12.95 4.34 4.86
C SER A 16 14.03 5.13 4.12
N SER A 17 15.22 4.55 4.08
CA SER A 17 16.34 5.19 3.41
C SER A 17 16.05 5.31 1.92
N SER A 18 15.23 6.30 1.59
CA SER A 18 14.86 6.53 0.20
C SER A 18 15.48 7.85 -0.29
N GLY A 19 15.29 8.88 0.51
CA GLY A 19 15.81 10.20 0.17
C GLY A 19 14.68 11.19 -0.13
N PHE A 20 13.93 10.88 -1.16
CA PHE A 20 12.81 11.74 -1.56
C PHE A 20 11.81 11.88 -0.42
N VAL A 21 12.05 12.87 0.42
CA VAL A 21 11.17 13.12 1.56
C VAL A 21 9.72 13.04 1.10
N ALA A 22 9.49 13.48 -0.13
CA ALA A 22 8.15 13.46 -0.70
C ALA A 22 7.51 12.10 -0.43
N ILE A 23 8.27 11.05 -0.72
CA ILE A 23 7.79 9.70 -0.51
C ILE A 23 7.32 9.54 0.94
N LYS A 24 8.22 9.89 1.85
CA LYS A 24 7.92 9.79 3.27
C LYS A 24 6.51 10.32 3.52
N LYS A 25 6.34 11.62 3.32
CA LYS A 25 5.05 12.25 3.52
C LYS A 25 3.95 11.33 3.00
N LYS A 26 4.17 10.82 1.80
CA LYS A 26 3.20 9.92 1.18
C LYS A 26 3.09 8.64 2.01
N GLN A 27 4.23 8.04 2.28
CA GLN A 27 4.26 6.82 3.07
C GLN A 27 3.51 7.01 4.38
N GLN A 28 3.50 8.26 4.84
CA GLN A 28 2.82 8.59 6.08
C GLN A 28 1.31 8.70 5.84
N ASP A 29 0.95 9.64 4.97
CA ASP A 29 -0.45 9.87 4.64
C ASP A 29 -1.16 8.52 4.54
N VAL A 30 -0.41 7.51 4.14
CA VAL A 30 -0.96 6.17 4.00
C VAL A 30 -1.34 5.64 5.38
N VAL A 31 -0.37 4.98 6.01
CA VAL A 31 -0.60 4.41 7.32
C VAL A 31 -1.44 5.38 8.16
N ARG A 32 -0.96 6.61 8.25
CA ARG A 32 -1.66 7.63 9.02
C ARG A 32 -3.17 7.48 8.84
N PHE A 33 -3.59 7.49 7.59
CA PHE A 33 -5.00 7.36 7.27
C PHE A 33 -5.58 6.06 7.85
N LEU A 34 -4.84 4.98 7.66
CA LEU A 34 -5.26 3.68 8.15
C LEU A 34 -5.35 3.73 9.68
N GLU A 35 -4.27 4.21 10.29
CA GLU A 35 -4.21 4.32 11.73
C GLU A 35 -5.35 5.20 12.25
N ALA A 36 -5.48 6.37 11.63
CA ALA A 36 -6.52 7.31 12.02
C ALA A 36 -7.89 6.68 11.76
N ASN A 37 -7.90 5.72 10.86
CA ASN A 37 -9.14 5.03 10.51
C ASN A 37 -9.16 3.67 11.20
N LYS A 38 -8.15 3.44 12.03
CA LYS A 38 -8.05 2.19 12.76
C LYS A 38 -8.17 1.02 11.77
N ILE A 39 -7.42 1.13 10.68
CA ILE A 39 -7.44 0.10 9.65
C ILE A 39 -6.23 -0.83 9.85
N GLU A 40 -6.42 -2.08 9.47
CA GLU A 40 -5.37 -3.07 9.59
C GLU A 40 -4.39 -2.95 8.41
N PHE A 41 -3.11 -3.03 8.73
CA PHE A 41 -2.08 -2.95 7.71
C PHE A 41 -0.70 -3.19 8.31
N GLU A 42 0.31 -3.06 7.45
CA GLU A 42 1.68 -3.28 7.89
C GLU A 42 2.64 -2.49 6.98
N GLU A 43 3.66 -1.93 7.62
CA GLU A 43 4.66 -1.16 6.89
C GLU A 43 5.82 -2.05 6.47
N VAL A 44 5.67 -2.65 5.29
CA VAL A 44 6.69 -3.52 4.75
C VAL A 44 7.92 -2.70 4.36
N ASP A 45 8.83 -2.56 5.30
CA ASP A 45 10.04 -1.80 5.06
C ASP A 45 10.85 -2.46 3.94
N ILE A 46 10.48 -2.12 2.71
CA ILE A 46 11.15 -2.67 1.54
C ILE A 46 12.64 -2.29 1.59
N THR A 47 12.92 -1.24 2.34
CA THR A 47 14.28 -0.74 2.48
C THR A 47 15.15 -1.79 3.18
N MET A 48 14.64 -2.30 4.29
CA MET A 48 15.35 -3.30 5.05
C MET A 48 15.37 -4.64 4.32
N SER A 49 14.17 -5.14 4.03
CA SER A 49 14.04 -6.41 3.34
C SER A 49 14.09 -6.19 1.82
N GLU A 50 15.24 -6.52 1.26
CA GLU A 50 15.44 -6.36 -0.17
C GLU A 50 14.34 -7.10 -0.94
N GLU A 51 14.23 -8.39 -0.65
CA GLU A 51 13.24 -9.22 -1.30
C GLU A 51 11.92 -8.46 -1.44
N GLN A 52 11.39 -8.04 -0.30
CA GLN A 52 10.14 -7.31 -0.29
C GLN A 52 10.10 -6.29 -1.43
N ARG A 53 11.16 -5.51 -1.53
CA ARG A 53 11.27 -4.51 -2.57
C ARG A 53 11.24 -5.16 -3.95
N GLN A 54 12.18 -6.08 -4.15
CA GLN A 54 12.27 -6.79 -5.42
C GLN A 54 10.89 -7.28 -5.85
N TRP A 55 10.17 -7.87 -4.91
CA TRP A 55 8.85 -8.38 -5.19
C TRP A 55 8.04 -7.26 -5.83
N MET A 56 7.96 -6.14 -5.12
CA MET A 56 7.21 -4.99 -5.60
C MET A 56 7.59 -4.67 -7.05
N TYR A 57 8.89 -4.56 -7.28
CA TYR A 57 9.39 -4.25 -8.61
C TYR A 57 8.89 -5.27 -9.63
N LYS A 58 8.38 -6.39 -9.12
CA LYS A 58 7.86 -7.43 -9.98
C LYS A 58 6.34 -7.35 -10.00
N ASN A 59 5.79 -6.63 -9.03
CA ASN A 59 4.35 -6.47 -8.93
C ASN A 59 3.99 -5.01 -9.21
N VAL A 60 4.64 -4.46 -10.23
CA VAL A 60 4.40 -3.08 -10.61
C VAL A 60 4.76 -2.89 -12.09
N PRO A 61 3.71 -2.57 -12.90
CA PRO A 61 3.91 -2.36 -14.32
C PRO A 61 4.57 -1.02 -14.59
N PRO A 62 4.99 -0.83 -15.87
CA PRO A 62 5.64 0.41 -16.27
C PRO A 62 4.62 1.54 -16.41
N GLU A 63 3.40 1.16 -16.73
CA GLU A 63 2.33 2.12 -16.90
C GLU A 63 1.89 2.67 -15.54
N LYS A 64 2.40 2.03 -14.50
CA LYS A 64 2.07 2.44 -13.13
C LYS A 64 3.31 3.04 -12.48
N LYS A 65 4.47 2.60 -12.95
CA LYS A 65 5.73 3.09 -12.43
C LYS A 65 5.63 4.59 -12.16
N PRO A 66 5.80 4.96 -10.87
CA PRO A 66 5.73 6.36 -10.47
C PRO A 66 6.99 7.11 -10.89
N THR A 67 6.93 8.43 -10.73
CA THR A 67 8.06 9.28 -11.09
C THR A 67 8.77 8.72 -12.32
N GLN A 68 9.93 8.12 -12.10
CA GLN A 68 10.71 7.55 -13.18
C GLN A 68 11.56 6.39 -12.66
N GLY A 69 12.01 5.57 -13.60
CA GLY A 69 12.84 4.42 -13.25
C GLY A 69 12.03 3.39 -12.46
N ASN A 70 12.76 2.58 -11.71
CA ASN A 70 12.13 1.54 -10.89
C ASN A 70 11.01 2.16 -10.06
N PRO A 71 10.08 1.28 -9.60
CA PRO A 71 8.96 1.73 -8.80
C PRO A 71 9.40 2.06 -7.38
N LEU A 72 8.98 3.24 -6.92
CA LEU A 72 9.32 3.68 -5.59
C LEU A 72 8.07 3.69 -4.71
N PRO A 73 8.29 3.64 -3.37
CA PRO A 73 7.19 3.64 -2.43
C PRO A 73 6.56 5.03 -2.31
N PRO A 74 5.39 5.08 -1.62
CA PRO A 74 4.81 3.88 -1.05
C PRO A 74 4.18 3.00 -2.14
N GLN A 75 3.96 1.75 -1.79
CA GLN A 75 3.37 0.81 -2.73
C GLN A 75 2.38 -0.12 -1.99
N ILE A 76 1.20 0.41 -1.74
CA ILE A 76 0.17 -0.36 -1.05
C ILE A 76 -0.02 -1.70 -1.75
N PHE A 77 -0.11 -2.74 -0.95
CA PHE A 77 -0.30 -4.07 -1.48
C PHE A 77 -1.15 -4.94 -0.54
N ASN A 78 -2.38 -5.19 -0.96
CA ASN A 78 -3.29 -5.98 -0.16
C ASN A 78 -2.98 -7.47 -0.37
N GLY A 79 -2.10 -7.98 0.47
CA GLY A 79 -1.71 -9.38 0.38
C GLY A 79 -0.72 -9.60 -0.76
N ASP A 80 -1.28 -9.93 -1.92
CA ASP A 80 -0.46 -10.18 -3.10
C ASP A 80 -1.12 -9.53 -4.31
N ARG A 81 -2.08 -8.67 -4.03
CA ARG A 81 -2.80 -7.98 -5.09
C ARG A 81 -2.36 -6.51 -5.15
N TYR A 82 -1.81 -6.13 -6.29
CA TYR A 82 -1.34 -4.77 -6.49
C TYR A 82 -2.49 -3.78 -6.33
N CYS A 83 -2.41 -2.99 -5.26
CA CYS A 83 -3.44 -2.00 -4.98
C CYS A 83 -3.10 -0.72 -5.76
N GLY A 84 -1.97 -0.13 -5.41
CA GLY A 84 -1.52 1.09 -6.07
C GLY A 84 -0.60 1.90 -5.16
N ASP A 85 0.13 2.81 -5.78
CA ASP A 85 1.04 3.67 -5.03
C ASP A 85 0.27 4.85 -4.45
N TYR A 86 0.99 5.70 -3.74
CA TYR A 86 0.40 6.87 -3.12
C TYR A 86 -0.61 7.53 -4.07
N ASP A 87 -0.19 7.67 -5.32
CA ASP A 87 -1.03 8.29 -6.33
C ASP A 87 -2.43 7.66 -6.27
N SER A 88 -2.45 6.35 -6.43
CA SER A 88 -3.71 5.62 -6.40
C SER A 88 -4.47 5.93 -5.12
N PHE A 89 -3.78 5.78 -4.01
CA PHE A 89 -4.37 6.05 -2.70
C PHE A 89 -5.02 7.43 -2.67
N PHE A 90 -4.18 8.45 -2.80
CA PHE A 90 -4.66 9.82 -2.79
C PHE A 90 -5.86 10.00 -3.72
N GLU A 91 -5.66 9.60 -4.96
CA GLU A 91 -6.71 9.70 -5.96
C GLU A 91 -8.02 9.13 -5.41
N SER A 92 -7.90 7.96 -4.78
CA SER A 92 -9.06 7.31 -4.21
C SER A 92 -9.50 8.04 -2.95
N LYS A 93 -8.56 8.75 -2.34
CA LYS A 93 -8.84 9.49 -1.14
C LYS A 93 -9.87 10.58 -1.43
N GLU A 94 -9.63 11.29 -2.52
CA GLU A 94 -10.53 12.37 -2.93
C GLU A 94 -11.93 11.81 -3.21
N SER A 95 -11.96 10.54 -3.58
CA SER A 95 -13.23 9.89 -3.88
C SER A 95 -13.67 9.05 -2.67
N ASN A 96 -12.84 9.06 -1.64
CA ASN A 96 -13.13 8.31 -0.43
C ASN A 96 -13.34 6.84 -0.79
N THR A 97 -12.34 6.27 -1.44
CA THR A 97 -12.40 4.88 -1.84
C THR A 97 -11.18 4.12 -1.32
N VAL A 98 -10.34 4.83 -0.58
CA VAL A 98 -9.14 4.25 -0.02
C VAL A 98 -9.44 2.81 0.43
N PHE A 99 -10.48 2.69 1.25
CA PHE A 99 -10.88 1.38 1.75
C PHE A 99 -10.98 0.36 0.61
N SER A 100 -11.73 0.74 -0.41
CA SER A 100 -11.91 -0.13 -1.57
C SER A 100 -10.59 -0.24 -2.35
N PHE A 101 -9.95 0.90 -2.53
CA PHE A 101 -8.69 0.93 -3.26
C PHE A 101 -7.74 -0.15 -2.74
N LEU A 102 -7.78 -0.37 -1.43
CA LEU A 102 -6.93 -1.37 -0.82
C LEU A 102 -7.60 -2.75 -0.95
N GLY A 103 -8.91 -2.73 -1.02
CA GLY A 103 -9.67 -3.96 -1.15
C GLY A 103 -10.48 -4.24 0.12
N LEU A 104 -10.91 -3.16 0.76
CA LEU A 104 -11.69 -3.27 1.97
C LEU A 104 -13.16 -3.07 1.66
N LYS A 105 -13.97 -3.99 2.15
CA LYS A 105 -15.41 -3.93 1.92
C LYS A 105 -15.69 -4.12 0.43
N SER A 106 -16.45 -5.17 0.13
CA SER A 106 -16.79 -5.48 -1.24
C SER A 106 -17.62 -6.76 -1.30
N GLY A 107 -18.88 -6.64 -0.87
CA GLY A 107 -19.78 -7.78 -0.86
C GLY A 107 -19.40 -8.77 0.24
N PRO A 108 -19.75 -10.07 -0.01
CA PRO A 108 -19.46 -11.11 0.94
C PRO A 108 -17.97 -11.48 0.91
N SER A 109 -17.18 -10.63 1.56
CA SER A 109 -15.74 -10.84 1.61
C SER A 109 -15.37 -11.50 2.95
N SER A 110 -14.36 -12.36 2.88
CA SER A 110 -13.90 -13.06 4.06
C SER A 110 -15.07 -13.68 4.81
N GLY A 111 -15.32 -14.95 4.52
CA GLY A 111 -16.41 -15.67 5.14
C GLY A 111 -17.62 -15.74 4.21
N GLY A 1 -14.80 -23.05 5.44
CA GLY A 1 -13.86 -24.10 5.78
C GLY A 1 -13.38 -23.95 7.23
N SER A 2 -12.33 -24.71 7.55
CA SER A 2 -11.78 -24.68 8.89
C SER A 2 -10.39 -24.02 8.86
N SER A 3 -10.16 -23.17 9.86
CA SER A 3 -8.89 -22.48 9.96
C SER A 3 -8.68 -21.60 8.73
N GLY A 4 -7.93 -20.52 8.93
CA GLY A 4 -7.64 -19.60 7.85
C GLY A 4 -7.18 -18.24 8.39
N SER A 5 -7.45 -17.20 7.61
CA SER A 5 -7.07 -15.86 8.01
C SER A 5 -8.28 -14.92 7.87
N SER A 6 -8.37 -14.00 8.82
CA SER A 6 -9.47 -13.04 8.83
C SER A 6 -8.91 -11.61 8.77
N GLY A 7 -9.48 -10.83 7.87
CA GLY A 7 -9.05 -9.45 7.70
C GLY A 7 -7.93 -9.34 6.68
N MET A 8 -7.99 -8.28 5.89
CA MET A 8 -6.97 -8.04 4.87
C MET A 8 -5.91 -7.06 5.36
N VAL A 9 -4.67 -7.53 5.34
CA VAL A 9 -3.56 -6.70 5.78
C VAL A 9 -3.04 -5.88 4.60
N ILE A 10 -3.20 -4.57 4.71
CA ILE A 10 -2.77 -3.66 3.67
C ILE A 10 -1.24 -3.50 3.75
N ARG A 11 -0.54 -4.50 3.20
CA ARG A 11 0.91 -4.48 3.21
C ARG A 11 1.42 -3.24 2.48
N VAL A 12 1.72 -2.21 3.26
CA VAL A 12 2.22 -0.97 2.71
C VAL A 12 3.75 -1.01 2.67
N PHE A 13 4.29 -0.96 1.46
CA PHE A 13 5.73 -0.99 1.27
C PHE A 13 6.34 0.40 1.47
N ILE A 14 7.39 0.44 2.28
CA ILE A 14 8.06 1.69 2.56
C ILE A 14 9.58 1.46 2.55
N ALA A 15 10.31 2.50 2.17
CA ALA A 15 11.76 2.42 2.11
C ALA A 15 12.35 3.42 3.11
N SER A 16 12.54 2.93 4.34
CA SER A 16 13.10 3.77 5.39
C SER A 16 14.22 4.64 4.83
N SER A 17 14.88 4.11 3.80
CA SER A 17 15.97 4.83 3.17
C SER A 17 15.51 5.42 1.83
N SER A 18 14.71 6.46 1.93
CA SER A 18 14.19 7.12 0.73
C SER A 18 14.56 8.61 0.75
N GLY A 19 15.73 8.89 0.20
CA GLY A 19 16.22 10.26 0.14
C GLY A 19 15.09 11.23 -0.23
N PHE A 20 14.14 10.71 -0.99
CA PHE A 20 13.00 11.51 -1.41
C PHE A 20 11.98 11.67 -0.27
N VAL A 21 12.11 12.77 0.45
CA VAL A 21 11.22 13.04 1.56
C VAL A 21 9.77 12.94 1.08
N ALA A 22 9.52 13.52 -0.08
CA ALA A 22 8.19 13.51 -0.66
C ALA A 22 7.61 12.09 -0.55
N ILE A 23 8.43 11.11 -0.91
CA ILE A 23 8.01 9.72 -0.85
C ILE A 23 7.57 9.39 0.57
N LYS A 24 8.44 9.71 1.53
CA LYS A 24 8.15 9.45 2.92
C LYS A 24 6.78 10.04 3.27
N LYS A 25 6.65 11.34 3.04
CA LYS A 25 5.41 12.03 3.33
C LYS A 25 4.24 11.15 2.92
N LYS A 26 4.30 10.63 1.70
CA LYS A 26 3.25 9.78 1.18
C LYS A 26 3.10 8.57 2.10
N GLN A 27 4.20 7.88 2.32
CA GLN A 27 4.20 6.71 3.17
C GLN A 27 3.38 6.98 4.44
N GLN A 28 3.52 8.19 4.96
CA GLN A 28 2.81 8.59 6.15
C GLN A 28 1.31 8.69 5.87
N ASP A 29 0.97 9.65 5.02
CA ASP A 29 -0.41 9.88 4.65
C ASP A 29 -1.14 8.53 4.56
N VAL A 30 -0.40 7.53 4.10
CA VAL A 30 -0.96 6.19 3.96
C VAL A 30 -1.33 5.65 5.34
N VAL A 31 -0.34 5.02 5.96
CA VAL A 31 -0.55 4.45 7.29
C VAL A 31 -1.40 5.41 8.13
N ARG A 32 -0.93 6.65 8.20
CA ARG A 32 -1.62 7.68 8.96
C ARG A 32 -3.14 7.50 8.82
N PHE A 33 -3.60 7.56 7.58
CA PHE A 33 -5.00 7.42 7.29
C PHE A 33 -5.55 6.09 7.83
N LEU A 34 -4.80 5.04 7.55
CA LEU A 34 -5.18 3.70 8.01
C LEU A 34 -5.29 3.71 9.54
N GLU A 35 -4.25 4.22 10.18
CA GLU A 35 -4.21 4.29 11.62
C GLU A 35 -5.37 5.14 12.15
N ALA A 36 -5.50 6.32 11.56
CA ALA A 36 -6.55 7.24 11.96
C ALA A 36 -7.91 6.61 11.66
N ASN A 37 -7.90 5.65 10.74
CA ASN A 37 -9.12 4.95 10.36
C ASN A 37 -9.12 3.55 10.98
N LYS A 38 -8.23 3.37 11.95
CA LYS A 38 -8.12 2.10 12.63
C LYS A 38 -8.21 0.96 11.60
N ILE A 39 -7.41 1.10 10.55
CA ILE A 39 -7.40 0.10 9.49
C ILE A 39 -6.20 -0.84 9.68
N GLU A 40 -6.40 -2.09 9.32
CA GLU A 40 -5.34 -3.08 9.44
C GLU A 40 -4.37 -2.98 8.26
N PHE A 41 -3.08 -3.04 8.59
CA PHE A 41 -2.05 -2.95 7.57
C PHE A 41 -0.67 -3.21 8.17
N GLU A 42 0.33 -3.17 7.30
CA GLU A 42 1.71 -3.39 7.73
C GLU A 42 2.67 -2.61 6.84
N GLU A 43 3.72 -2.10 7.47
CA GLU A 43 4.73 -1.33 6.75
C GLU A 43 5.86 -2.24 6.29
N VAL A 44 5.69 -2.77 5.08
CA VAL A 44 6.69 -3.65 4.50
C VAL A 44 7.93 -2.84 4.14
N ASP A 45 8.80 -2.68 5.13
CA ASP A 45 10.04 -1.93 4.93
C ASP A 45 10.84 -2.58 3.81
N ILE A 46 10.69 -2.03 2.62
CA ILE A 46 11.40 -2.54 1.45
C ILE A 46 12.90 -2.25 1.60
N THR A 47 13.18 -1.10 2.21
CA THR A 47 14.56 -0.70 2.42
C THR A 47 15.30 -1.74 3.26
N MET A 48 14.69 -2.10 4.38
CA MET A 48 15.29 -3.07 5.28
C MET A 48 15.42 -4.43 4.59
N SER A 49 14.31 -4.91 4.07
CA SER A 49 14.29 -6.20 3.38
C SER A 49 14.35 -5.98 1.88
N GLU A 50 15.45 -6.43 1.29
CA GLU A 50 15.64 -6.30 -0.14
C GLU A 50 14.54 -7.04 -0.90
N GLU A 51 14.45 -8.34 -0.63
CA GLU A 51 13.45 -9.17 -1.27
C GLU A 51 12.13 -8.40 -1.42
N GLN A 52 11.59 -8.00 -0.28
CA GLN A 52 10.34 -7.26 -0.26
C GLN A 52 10.29 -6.28 -1.44
N ARG A 53 11.33 -5.47 -1.53
CA ARG A 53 11.41 -4.48 -2.59
C ARG A 53 11.36 -5.18 -3.96
N GLN A 54 12.24 -6.15 -4.12
CA GLN A 54 12.31 -6.90 -5.37
C GLN A 54 10.91 -7.39 -5.77
N TRP A 55 10.20 -7.90 -4.79
CA TRP A 55 8.85 -8.40 -5.03
C TRP A 55 8.04 -7.29 -5.68
N MET A 56 7.93 -6.17 -4.97
CA MET A 56 7.19 -5.04 -5.46
C MET A 56 7.55 -4.73 -6.92
N TYR A 57 8.85 -4.64 -7.16
CA TYR A 57 9.34 -4.35 -8.50
C TYR A 57 8.79 -5.36 -9.51
N LYS A 58 8.28 -6.46 -8.98
CA LYS A 58 7.73 -7.51 -9.81
C LYS A 58 6.20 -7.39 -9.84
N ASN A 59 5.68 -6.62 -8.88
CA ASN A 59 4.25 -6.42 -8.77
C ASN A 59 3.93 -4.95 -9.08
N VAL A 60 4.64 -4.42 -10.07
CA VAL A 60 4.44 -3.04 -10.47
C VAL A 60 4.91 -2.86 -11.92
N PRO A 61 3.93 -2.53 -12.80
CA PRO A 61 4.23 -2.33 -14.21
C PRO A 61 4.94 -0.99 -14.43
N PRO A 62 5.43 -0.79 -15.69
CA PRO A 62 6.11 0.43 -16.04
C PRO A 62 5.13 1.59 -16.22
N GLU A 63 3.92 1.23 -16.62
CA GLU A 63 2.88 2.23 -16.82
C GLU A 63 2.46 2.85 -15.48
N LYS A 64 2.56 2.04 -14.44
CA LYS A 64 2.20 2.48 -13.10
C LYS A 64 3.42 3.11 -12.43
N LYS A 65 4.59 2.63 -12.83
CA LYS A 65 5.83 3.13 -12.28
C LYS A 65 5.74 4.65 -12.11
N PRO A 66 5.97 5.10 -10.86
CA PRO A 66 5.92 6.53 -10.56
C PRO A 66 7.15 7.25 -11.09
N THR A 67 7.09 8.57 -11.05
CA THR A 67 8.19 9.39 -11.53
C THR A 67 8.85 8.73 -12.74
N GLN A 68 9.94 8.01 -12.48
CA GLN A 68 10.67 7.33 -13.53
C GLN A 68 11.58 6.27 -12.94
N GLY A 69 11.83 5.24 -13.74
CA GLY A 69 12.69 4.15 -13.30
C GLY A 69 11.93 3.17 -12.40
N ASN A 70 12.69 2.32 -11.73
CA ASN A 70 12.10 1.35 -10.83
C ASN A 70 10.95 1.99 -10.06
N PRO A 71 10.02 1.12 -9.57
CA PRO A 71 8.87 1.59 -8.82
C PRO A 71 9.28 2.00 -7.40
N LEU A 72 8.95 3.24 -7.06
CA LEU A 72 9.27 3.77 -5.75
C LEU A 72 8.01 3.74 -4.87
N PRO A 73 8.25 3.76 -3.53
CA PRO A 73 7.15 3.74 -2.57
C PRO A 73 6.46 5.10 -2.51
N PRO A 74 5.27 5.11 -1.84
CA PRO A 74 4.75 3.89 -1.24
C PRO A 74 4.17 2.96 -2.30
N GLN A 75 3.90 1.73 -1.88
CA GLN A 75 3.35 0.74 -2.79
C GLN A 75 2.38 -0.18 -2.04
N ILE A 76 1.21 0.37 -1.74
CA ILE A 76 0.19 -0.37 -1.04
C ILE A 76 -0.02 -1.73 -1.73
N PHE A 77 -0.15 -2.76 -0.91
CA PHE A 77 -0.35 -4.10 -1.43
C PHE A 77 -1.25 -4.92 -0.52
N ASN A 78 -2.48 -5.12 -0.97
CA ASN A 78 -3.45 -5.88 -0.19
C ASN A 78 -3.13 -7.38 -0.32
N GLY A 79 -2.21 -7.83 0.52
CA GLY A 79 -1.81 -9.22 0.51
C GLY A 79 -0.80 -9.50 -0.60
N ASP A 80 -1.31 -9.92 -1.74
CA ASP A 80 -0.46 -10.22 -2.88
C ASP A 80 -1.06 -9.58 -4.14
N ARG A 81 -1.97 -8.65 -3.92
CA ARG A 81 -2.62 -7.96 -5.01
C ARG A 81 -2.19 -6.50 -5.06
N TYR A 82 -1.87 -6.04 -6.27
CA TYR A 82 -1.44 -4.66 -6.46
C TYR A 82 -2.60 -3.70 -6.25
N CYS A 83 -2.41 -2.80 -5.28
CA CYS A 83 -3.44 -1.82 -4.96
C CYS A 83 -3.20 -0.58 -5.84
N GLY A 84 -2.13 0.12 -5.53
CA GLY A 84 -1.78 1.32 -6.28
C GLY A 84 -0.83 2.21 -5.48
N ASP A 85 0.02 2.93 -6.20
CA ASP A 85 0.98 3.82 -5.58
C ASP A 85 0.23 4.91 -4.81
N TYR A 86 1.00 5.77 -4.16
CA TYR A 86 0.42 6.85 -3.39
C TYR A 86 -0.66 7.59 -4.19
N ASP A 87 -0.35 7.84 -5.46
CA ASP A 87 -1.28 8.52 -6.34
C ASP A 87 -2.66 7.87 -6.22
N SER A 88 -2.68 6.56 -6.47
CA SER A 88 -3.93 5.81 -6.39
C SER A 88 -4.64 6.11 -5.08
N PHE A 89 -3.95 5.86 -3.98
CA PHE A 89 -4.52 6.11 -2.67
C PHE A 89 -5.18 7.48 -2.60
N PHE A 90 -4.37 8.51 -2.80
CA PHE A 90 -4.88 9.87 -2.78
C PHE A 90 -6.10 10.03 -3.68
N GLU A 91 -5.91 9.66 -4.94
CA GLU A 91 -6.99 9.76 -5.91
C GLU A 91 -8.27 9.17 -5.33
N SER A 92 -8.12 8.01 -4.71
CA SER A 92 -9.26 7.32 -4.12
C SER A 92 -9.72 8.07 -2.86
N LYS A 93 -8.76 8.71 -2.21
CA LYS A 93 -9.05 9.47 -1.00
C LYS A 93 -10.11 10.52 -1.30
N GLU A 94 -9.87 11.27 -2.37
CA GLU A 94 -10.80 12.31 -2.78
C GLU A 94 -12.19 11.72 -3.03
N SER A 95 -12.20 10.45 -3.40
CA SER A 95 -13.44 9.76 -3.68
C SER A 95 -13.85 8.91 -2.47
N ASN A 96 -13.09 9.08 -1.39
CA ASN A 96 -13.37 8.34 -0.17
C ASN A 96 -13.58 6.86 -0.52
N THR A 97 -12.59 6.29 -1.19
CA THR A 97 -12.66 4.89 -1.57
C THR A 97 -11.41 4.15 -1.12
N VAL A 98 -10.55 4.88 -0.41
CA VAL A 98 -9.32 4.30 0.08
C VAL A 98 -9.57 2.85 0.51
N PHE A 99 -10.61 2.67 1.32
CA PHE A 99 -10.96 1.35 1.80
C PHE A 99 -11.12 0.38 0.65
N SER A 100 -11.92 0.78 -0.33
CA SER A 100 -12.16 -0.06 -1.49
C SER A 100 -10.88 -0.16 -2.34
N PHE A 101 -10.18 0.96 -2.43
CA PHE A 101 -8.94 1.01 -3.19
C PHE A 101 -7.97 -0.07 -2.73
N LEU A 102 -7.95 -0.31 -1.43
CA LEU A 102 -7.07 -1.30 -0.85
C LEU A 102 -7.75 -2.68 -0.93
N GLY A 103 -9.08 -2.64 -0.98
CA GLY A 103 -9.85 -3.87 -1.05
C GLY A 103 -10.50 -4.18 0.30
N LEU A 104 -10.96 -3.14 0.97
CA LEU A 104 -11.60 -3.29 2.25
C LEU A 104 -13.10 -3.08 2.11
N LYS A 105 -13.71 -3.91 1.27
CA LYS A 105 -15.14 -3.83 1.02
C LYS A 105 -15.56 -5.00 0.13
N SER A 106 -16.87 -5.08 -0.10
CA SER A 106 -17.42 -6.14 -0.93
C SER A 106 -17.30 -7.48 -0.21
N GLY A 107 -16.06 -7.86 0.07
CA GLY A 107 -15.80 -9.12 0.75
C GLY A 107 -16.52 -9.17 2.10
N PRO A 108 -16.09 -10.15 2.94
CA PRO A 108 -16.68 -10.31 4.26
C PRO A 108 -16.19 -9.23 5.22
N SER A 109 -14.88 -9.13 5.33
CA SER A 109 -14.27 -8.14 6.20
C SER A 109 -14.66 -8.42 7.65
N SER A 110 -13.79 -9.13 8.34
CA SER A 110 -14.03 -9.47 9.73
C SER A 110 -14.33 -8.21 10.53
N GLY A 111 -13.37 -7.29 10.52
CA GLY A 111 -13.51 -6.04 11.24
C GLY A 111 -12.49 -5.94 12.37
N GLY A 1 -16.84 -26.40 1.67
CA GLY A 1 -16.15 -25.28 1.07
C GLY A 1 -16.31 -24.01 1.93
N SER A 2 -16.59 -22.91 1.26
CA SER A 2 -16.76 -21.64 1.95
C SER A 2 -15.52 -21.32 2.78
N SER A 3 -14.59 -20.63 2.15
CA SER A 3 -13.35 -20.25 2.82
C SER A 3 -13.23 -18.72 2.88
N GLY A 4 -12.57 -18.25 3.91
CA GLY A 4 -12.38 -16.82 4.10
C GLY A 4 -11.03 -16.52 4.75
N SER A 5 -10.83 -15.26 5.11
CA SER A 5 -9.60 -14.84 5.74
C SER A 5 -9.91 -14.04 7.01
N SER A 6 -8.87 -13.85 7.81
CA SER A 6 -9.02 -13.10 9.05
C SER A 6 -8.60 -11.65 8.84
N GLY A 7 -9.39 -10.95 8.06
CA GLY A 7 -9.12 -9.55 7.77
C GLY A 7 -8.00 -9.42 6.74
N MET A 8 -8.09 -8.36 5.95
CA MET A 8 -7.09 -8.10 4.93
C MET A 8 -6.04 -7.11 5.42
N VAL A 9 -4.78 -7.54 5.36
CA VAL A 9 -3.68 -6.71 5.79
C VAL A 9 -3.15 -5.91 4.60
N ILE A 10 -3.26 -4.59 4.71
CA ILE A 10 -2.80 -3.70 3.65
C ILE A 10 -1.27 -3.58 3.72
N ARG A 11 -0.60 -4.53 3.09
CA ARG A 11 0.85 -4.54 3.07
C ARG A 11 1.38 -3.30 2.33
N VAL A 12 1.53 -2.22 3.07
CA VAL A 12 2.02 -0.98 2.49
C VAL A 12 3.56 -0.99 2.53
N PHE A 13 4.14 -0.93 1.35
CA PHE A 13 5.60 -0.92 1.23
C PHE A 13 6.17 0.47 1.55
N ILE A 14 7.24 0.45 2.34
CA ILE A 14 7.88 1.69 2.73
C ILE A 14 9.41 1.51 2.68
N ALA A 15 10.09 2.58 2.33
CA ALA A 15 11.54 2.55 2.24
C ALA A 15 12.12 3.62 3.16
N SER A 16 12.33 3.23 4.42
CA SER A 16 12.88 4.14 5.40
C SER A 16 13.95 5.03 4.76
N SER A 17 15.18 4.52 4.80
CA SER A 17 16.29 5.25 4.23
C SER A 17 16.24 5.17 2.70
N SER A 18 15.47 6.06 2.12
CA SER A 18 15.32 6.11 0.67
C SER A 18 16.10 7.28 0.10
N GLY A 19 15.58 8.48 0.35
CA GLY A 19 16.22 9.70 -0.13
C GLY A 19 15.19 10.77 -0.48
N PHE A 20 14.02 10.30 -0.91
CA PHE A 20 12.95 11.20 -1.27
C PHE A 20 11.98 11.42 -0.10
N VAL A 21 12.25 12.47 0.65
CA VAL A 21 11.43 12.80 1.81
C VAL A 21 9.96 12.77 1.39
N ALA A 22 9.71 13.22 0.17
CA ALA A 22 8.35 13.25 -0.36
C ALA A 22 7.75 11.85 -0.30
N ILE A 23 8.50 10.89 -0.82
CA ILE A 23 8.06 9.51 -0.83
C ILE A 23 7.69 9.09 0.59
N LYS A 24 8.54 9.48 1.53
CA LYS A 24 8.31 9.15 2.93
C LYS A 24 6.97 9.74 3.38
N LYS A 25 6.83 11.04 3.14
CA LYS A 25 5.61 11.74 3.52
C LYS A 25 4.39 10.94 3.02
N LYS A 26 4.45 10.59 1.75
CA LYS A 26 3.36 9.83 1.14
C LYS A 26 3.10 8.57 1.97
N GLN A 27 4.19 7.88 2.29
CA GLN A 27 4.09 6.66 3.07
C GLN A 27 3.32 6.92 4.37
N GLN A 28 3.53 8.11 4.91
CA GLN A 28 2.86 8.49 6.15
C GLN A 28 1.36 8.68 5.90
N ASP A 29 1.04 9.73 5.17
CA ASP A 29 -0.35 10.03 4.86
C ASP A 29 -1.10 8.73 4.59
N VAL A 30 -0.37 7.76 4.05
CA VAL A 30 -0.95 6.47 3.74
C VAL A 30 -1.31 5.74 5.04
N VAL A 31 -0.27 5.32 5.75
CA VAL A 31 -0.46 4.62 7.01
C VAL A 31 -1.28 5.50 7.96
N ARG A 32 -0.84 6.74 8.09
CA ARG A 32 -1.51 7.69 8.95
C ARG A 32 -3.03 7.53 8.83
N PHE A 33 -3.50 7.59 7.59
CA PHE A 33 -4.92 7.47 7.33
C PHE A 33 -5.47 6.16 7.91
N LEU A 34 -4.79 5.07 7.57
CA LEU A 34 -5.20 3.76 8.05
C LEU A 34 -5.25 3.77 9.58
N GLU A 35 -4.15 4.20 10.17
CA GLU A 35 -4.06 4.27 11.61
C GLU A 35 -5.19 5.12 12.19
N ALA A 36 -5.33 6.31 11.64
CA ALA A 36 -6.37 7.23 12.08
C ALA A 36 -7.74 6.61 11.81
N ASN A 37 -7.75 5.66 10.88
CA ASN A 37 -8.98 4.98 10.53
C ASN A 37 -9.02 3.61 11.20
N LYS A 38 -8.00 3.35 12.02
CA LYS A 38 -7.90 2.09 12.72
C LYS A 38 -7.96 0.94 11.72
N ILE A 39 -7.43 1.20 10.53
CA ILE A 39 -7.41 0.20 9.48
C ILE A 39 -6.22 -0.73 9.68
N GLU A 40 -6.43 -1.98 9.32
CA GLU A 40 -5.38 -2.99 9.45
C GLU A 40 -4.42 -2.91 8.26
N PHE A 41 -3.12 -2.99 8.59
CA PHE A 41 -2.10 -2.93 7.56
C PHE A 41 -0.71 -3.16 8.16
N GLU A 42 0.28 -3.18 7.28
CA GLU A 42 1.65 -3.39 7.71
C GLU A 42 2.61 -2.58 6.83
N GLU A 43 3.60 -1.99 7.49
CA GLU A 43 4.58 -1.19 6.78
C GLU A 43 5.75 -2.06 6.32
N VAL A 44 5.53 -2.77 5.22
CA VAL A 44 6.55 -3.64 4.67
C VAL A 44 7.81 -2.82 4.35
N ASP A 45 8.76 -2.85 5.27
CA ASP A 45 9.99 -2.12 5.09
C ASP A 45 10.80 -2.76 3.96
N ILE A 46 10.84 -2.06 2.83
CA ILE A 46 11.56 -2.54 1.67
C ILE A 46 13.03 -2.12 1.78
N THR A 47 13.23 -0.92 2.32
CA THR A 47 14.57 -0.38 2.48
C THR A 47 15.42 -1.33 3.34
N MET A 48 14.74 -2.00 4.27
CA MET A 48 15.41 -2.92 5.15
C MET A 48 15.51 -4.32 4.53
N SER A 49 14.38 -4.79 4.04
CA SER A 49 14.31 -6.10 3.41
C SER A 49 14.35 -5.95 1.89
N GLU A 50 15.55 -6.07 1.34
CA GLU A 50 15.73 -5.95 -0.09
C GLU A 50 14.68 -6.78 -0.83
N GLU A 51 14.57 -8.04 -0.43
CA GLU A 51 13.61 -8.94 -1.05
C GLU A 51 12.29 -8.21 -1.29
N GLN A 52 11.73 -7.69 -0.21
CA GLN A 52 10.46 -6.98 -0.29
C GLN A 52 10.47 -6.02 -1.48
N ARG A 53 11.57 -5.30 -1.62
CA ARG A 53 11.71 -4.35 -2.71
C ARG A 53 11.59 -5.07 -4.05
N GLN A 54 12.54 -5.95 -4.30
CA GLN A 54 12.56 -6.71 -5.55
C GLN A 54 11.15 -7.22 -5.87
N TRP A 55 10.58 -7.95 -4.91
CA TRP A 55 9.25 -8.49 -5.08
C TRP A 55 8.34 -7.38 -5.60
N MET A 56 8.46 -6.23 -4.96
CA MET A 56 7.66 -5.07 -5.34
C MET A 56 7.90 -4.70 -6.81
N TYR A 57 9.16 -4.70 -7.19
CA TYR A 57 9.54 -4.37 -8.55
C TYR A 57 9.02 -5.42 -9.53
N LYS A 58 8.50 -6.50 -8.98
CA LYS A 58 7.97 -7.58 -9.79
C LYS A 58 6.45 -7.51 -9.79
N ASN A 59 5.93 -6.67 -8.91
CA ASN A 59 4.49 -6.51 -8.80
C ASN A 59 4.13 -5.06 -9.14
N VAL A 60 4.80 -4.53 -10.15
CA VAL A 60 4.56 -3.16 -10.58
C VAL A 60 4.99 -3.02 -12.04
N PRO A 61 3.99 -2.73 -12.92
CA PRO A 61 4.25 -2.56 -14.33
C PRO A 61 4.92 -1.21 -14.61
N PRO A 62 5.41 -1.07 -15.88
CA PRO A 62 6.07 0.16 -16.27
C PRO A 62 5.05 1.29 -16.50
N GLU A 63 3.85 0.88 -16.87
CA GLU A 63 2.78 1.84 -17.12
C GLU A 63 2.26 2.40 -15.80
N LYS A 64 2.72 1.80 -14.71
CA LYS A 64 2.31 2.24 -13.38
C LYS A 64 3.51 2.87 -12.67
N LYS A 65 4.70 2.42 -13.05
CA LYS A 65 5.91 2.93 -12.45
C LYS A 65 5.78 4.44 -12.23
N PRO A 66 5.84 4.84 -10.94
CA PRO A 66 5.73 6.24 -10.58
C PRO A 66 7.01 7.01 -10.92
N THR A 67 6.86 8.30 -11.13
CA THR A 67 7.99 9.15 -11.46
C THR A 67 8.98 8.38 -12.33
N GLN A 68 10.21 8.27 -11.82
CA GLN A 68 11.26 7.57 -12.54
C GLN A 68 10.79 6.18 -12.95
N GLY A 69 11.71 5.42 -13.51
CA GLY A 69 11.39 4.07 -13.96
C GLY A 69 11.10 3.15 -12.77
N ASN A 70 12.17 2.68 -12.15
CA ASN A 70 12.03 1.80 -10.99
C ASN A 70 10.87 2.27 -10.13
N PRO A 71 10.07 1.29 -9.64
CA PRO A 71 8.92 1.60 -8.79
C PRO A 71 9.37 1.99 -7.38
N LEU A 72 8.86 3.12 -6.93
CA LEU A 72 9.20 3.60 -5.60
C LEU A 72 7.92 3.66 -4.74
N PRO A 73 8.13 3.65 -3.40
CA PRO A 73 7.03 3.70 -2.47
C PRO A 73 6.43 5.11 -2.39
N PRO A 74 5.23 5.20 -1.74
CA PRO A 74 4.62 4.03 -1.15
C PRO A 74 3.99 3.14 -2.22
N GLN A 75 3.80 1.88 -1.87
CA GLN A 75 3.21 0.92 -2.80
C GLN A 75 2.25 -0.02 -2.05
N ILE A 76 1.02 0.46 -1.89
CA ILE A 76 0.01 -0.32 -1.21
C ILE A 76 -0.16 -1.67 -1.92
N PHE A 77 -0.34 -2.71 -1.12
CA PHE A 77 -0.53 -4.05 -1.65
C PHE A 77 -1.33 -4.92 -0.69
N ASN A 78 -2.57 -5.21 -1.09
CA ASN A 78 -3.45 -6.02 -0.28
C ASN A 78 -3.14 -7.50 -0.52
N GLY A 79 -2.31 -8.05 0.35
CA GLY A 79 -1.92 -9.44 0.24
C GLY A 79 -0.89 -9.64 -0.87
N ASP A 80 -1.39 -9.93 -2.06
CA ASP A 80 -0.53 -10.14 -3.21
C ASP A 80 -1.14 -9.46 -4.44
N ARG A 81 -2.11 -8.60 -4.17
CA ARG A 81 -2.78 -7.87 -5.23
C ARG A 81 -2.34 -6.40 -5.23
N TYR A 82 -1.97 -5.93 -6.41
CA TYR A 82 -1.53 -4.54 -6.56
C TYR A 82 -2.70 -3.58 -6.32
N CYS A 83 -2.54 -2.74 -5.31
CA CYS A 83 -3.56 -1.76 -4.98
C CYS A 83 -3.32 -0.51 -5.83
N GLY A 84 -2.23 0.17 -5.51
CA GLY A 84 -1.87 1.38 -6.24
C GLY A 84 -0.93 2.25 -5.40
N ASP A 85 -0.16 3.08 -6.11
CA ASP A 85 0.78 3.97 -5.45
C ASP A 85 0.01 5.07 -4.71
N TYR A 86 0.77 5.97 -4.12
CA TYR A 86 0.17 7.07 -3.38
C TYR A 86 -0.86 7.81 -4.23
N ASP A 87 -0.54 7.96 -5.49
CA ASP A 87 -1.43 8.64 -6.42
C ASP A 87 -2.82 8.00 -6.34
N SER A 88 -2.84 6.69 -6.46
CA SER A 88 -4.09 5.95 -6.41
C SER A 88 -4.81 6.24 -5.09
N PHE A 89 -4.08 6.06 -4.00
CA PHE A 89 -4.63 6.29 -2.67
C PHE A 89 -5.37 7.63 -2.62
N PHE A 90 -4.63 8.69 -2.89
CA PHE A 90 -5.21 10.03 -2.87
C PHE A 90 -6.44 10.10 -3.78
N GLU A 91 -6.26 9.67 -5.01
CA GLU A 91 -7.34 9.69 -5.98
C GLU A 91 -8.61 9.11 -5.35
N SER A 92 -8.46 7.93 -4.75
CA SER A 92 -9.58 7.27 -4.12
C SER A 92 -9.98 8.01 -2.84
N LYS A 93 -9.01 8.72 -2.28
CA LYS A 93 -9.24 9.47 -1.06
C LYS A 93 -10.29 10.55 -1.32
N GLU A 94 -10.09 11.28 -2.41
CA GLU A 94 -11.01 12.33 -2.78
C GLU A 94 -12.41 11.77 -2.99
N SER A 95 -12.45 10.49 -3.38
CA SER A 95 -13.72 9.82 -3.61
C SER A 95 -14.08 8.95 -2.41
N ASN A 96 -13.29 9.08 -1.37
CA ASN A 96 -13.50 8.31 -0.15
C ASN A 96 -13.69 6.84 -0.52
N THR A 97 -12.68 6.29 -1.18
CA THR A 97 -12.70 4.90 -1.59
C THR A 97 -11.45 4.18 -1.14
N VAL A 98 -10.61 4.91 -0.41
CA VAL A 98 -9.37 4.36 0.09
C VAL A 98 -9.60 2.90 0.51
N PHE A 99 -10.59 2.72 1.37
CA PHE A 99 -10.93 1.39 1.86
C PHE A 99 -11.04 0.39 0.70
N SER A 100 -11.83 0.77 -0.29
CA SER A 100 -12.03 -0.08 -1.45
C SER A 100 -10.75 -0.13 -2.28
N PHE A 101 -10.13 1.02 -2.45
CA PHE A 101 -8.90 1.11 -3.21
C PHE A 101 -7.89 0.05 -2.76
N LEU A 102 -7.85 -0.15 -1.45
CA LEU A 102 -6.94 -1.13 -0.88
C LEU A 102 -7.59 -2.51 -0.91
N GLY A 103 -8.91 -2.50 -1.00
CA GLY A 103 -9.67 -3.74 -1.04
C GLY A 103 -10.23 -4.09 0.35
N LEU A 104 -10.85 -3.10 0.96
CA LEU A 104 -11.43 -3.30 2.28
C LEU A 104 -12.96 -3.32 2.16
N LYS A 105 -13.57 -2.25 2.64
CA LYS A 105 -15.02 -2.14 2.60
C LYS A 105 -15.64 -3.49 2.93
N SER A 106 -15.69 -3.78 4.22
CA SER A 106 -16.25 -5.04 4.69
C SER A 106 -16.72 -4.89 6.14
N GLY A 107 -17.86 -4.24 6.30
CA GLY A 107 -18.42 -4.02 7.62
C GLY A 107 -17.49 -3.18 8.50
N PRO A 108 -17.85 -3.07 9.80
CA PRO A 108 -17.05 -2.30 10.74
C PRO A 108 -15.77 -3.05 11.11
N SER A 109 -14.84 -3.05 10.17
CA SER A 109 -13.56 -3.72 10.40
C SER A 109 -12.58 -2.77 11.08
N SER A 110 -12.55 -1.55 10.58
CA SER A 110 -11.66 -0.54 11.13
C SER A 110 -12.47 0.49 11.93
N GLY A 111 -12.63 0.18 13.22
CA GLY A 111 -13.38 1.07 14.10
C GLY A 111 -13.34 0.55 15.54
N GLY A 1 -24.06 -23.11 6.79
CA GLY A 1 -23.74 -22.45 8.04
C GLY A 1 -22.75 -21.30 7.82
N SER A 2 -21.97 -21.02 8.86
CA SER A 2 -20.99 -19.96 8.79
C SER A 2 -19.58 -20.54 8.83
N SER A 3 -18.78 -20.16 7.84
CA SER A 3 -17.42 -20.64 7.75
C SER A 3 -16.50 -19.52 7.25
N GLY A 4 -15.21 -19.67 7.54
CA GLY A 4 -14.23 -18.68 7.11
C GLY A 4 -13.24 -18.39 8.24
N SER A 5 -12.02 -18.08 7.83
CA SER A 5 -10.97 -17.78 8.80
C SER A 5 -9.76 -17.17 8.07
N SER A 6 -9.73 -15.85 8.04
CA SER A 6 -8.64 -15.14 7.39
C SER A 6 -8.92 -13.63 7.40
N GLY A 7 -7.88 -12.88 7.72
CA GLY A 7 -8.00 -11.43 7.78
C GLY A 7 -7.21 -10.77 6.64
N MET A 8 -7.25 -9.44 6.62
CA MET A 8 -6.56 -8.69 5.60
C MET A 8 -5.44 -7.83 6.20
N VAL A 9 -4.56 -7.35 5.34
CA VAL A 9 -3.45 -6.52 5.77
C VAL A 9 -2.90 -5.75 4.58
N ILE A 10 -3.29 -4.48 4.51
CA ILE A 10 -2.84 -3.62 3.42
C ILE A 10 -1.33 -3.42 3.54
N ARG A 11 -0.59 -4.45 3.17
CA ARG A 11 0.87 -4.40 3.23
C ARG A 11 1.37 -3.16 2.49
N VAL A 12 1.76 -2.17 3.27
CA VAL A 12 2.27 -0.93 2.71
C VAL A 12 3.80 -0.95 2.73
N PHE A 13 4.38 -1.01 1.53
CA PHE A 13 5.83 -1.04 1.40
C PHE A 13 6.42 0.35 1.60
N ILE A 14 7.47 0.41 2.41
CA ILE A 14 8.14 1.66 2.69
C ILE A 14 9.65 1.46 2.61
N ALA A 15 10.34 2.52 2.22
CA ALA A 15 11.79 2.48 2.10
C ALA A 15 12.41 3.61 2.93
N SER A 16 12.44 3.39 4.23
CA SER A 16 13.00 4.38 5.14
C SER A 16 14.50 4.53 4.87
N SER A 17 14.81 5.19 3.77
CA SER A 17 16.18 5.43 3.38
C SER A 17 16.24 6.28 2.11
N SER A 18 15.35 5.95 1.19
CA SER A 18 15.29 6.67 -0.07
C SER A 18 15.53 8.16 0.16
N GLY A 19 16.19 8.79 -0.81
CA GLY A 19 16.48 10.21 -0.72
C GLY A 19 15.34 11.04 -1.30
N PHE A 20 14.13 10.68 -0.91
CA PHE A 20 12.95 11.39 -1.39
C PHE A 20 11.93 11.59 -0.25
N VAL A 21 12.15 12.64 0.52
CA VAL A 21 11.27 12.95 1.63
C VAL A 21 9.82 12.97 1.14
N ALA A 22 9.66 13.38 -0.11
CA ALA A 22 8.34 13.44 -0.72
C ALA A 22 7.67 12.07 -0.61
N ILE A 23 8.48 11.03 -0.75
CA ILE A 23 7.99 9.67 -0.67
C ILE A 23 7.54 9.38 0.77
N LYS A 24 8.31 9.92 1.71
CA LYS A 24 8.00 9.71 3.11
C LYS A 24 6.58 10.21 3.41
N LYS A 25 6.39 11.50 3.22
CA LYS A 25 5.09 12.11 3.45
C LYS A 25 4.00 11.17 2.95
N LYS A 26 4.12 10.77 1.69
CA LYS A 26 3.16 9.88 1.08
C LYS A 26 2.98 8.65 1.98
N GLN A 27 4.10 8.01 2.28
CA GLN A 27 4.08 6.82 3.12
C GLN A 27 3.21 7.07 4.37
N GLN A 28 3.39 8.26 4.95
CA GLN A 28 2.64 8.63 6.13
C GLN A 28 1.16 8.78 5.80
N ASP A 29 0.87 9.75 4.93
CA ASP A 29 -0.49 10.01 4.52
C ASP A 29 -1.24 8.69 4.36
N VAL A 30 -0.48 7.66 3.97
CA VAL A 30 -1.05 6.34 3.78
C VAL A 30 -1.37 5.73 5.15
N VAL A 31 -0.38 5.04 5.69
CA VAL A 31 -0.53 4.39 6.99
C VAL A 31 -1.34 5.30 7.91
N ARG A 32 -0.90 6.56 7.98
CA ARG A 32 -1.58 7.53 8.83
C ARG A 32 -3.10 7.33 8.77
N PHE A 33 -3.62 7.34 7.54
CA PHE A 33 -5.04 7.16 7.33
C PHE A 33 -5.51 5.81 7.88
N LEU A 34 -4.73 4.78 7.56
CA LEU A 34 -5.05 3.44 8.01
C LEU A 34 -5.04 3.39 9.54
N GLU A 35 -4.00 3.98 10.11
CA GLU A 35 -3.86 4.02 11.56
C GLU A 35 -5.01 4.81 12.18
N ALA A 36 -5.25 5.99 11.62
CA ALA A 36 -6.32 6.85 12.11
C ALA A 36 -7.66 6.15 11.91
N ASN A 37 -7.69 5.27 10.91
CA ASN A 37 -8.90 4.53 10.61
C ASN A 37 -8.76 3.08 11.11
N LYS A 38 -7.72 2.87 11.91
CA LYS A 38 -7.47 1.56 12.47
C LYS A 38 -7.77 0.50 11.40
N ILE A 39 -7.16 0.67 10.24
CA ILE A 39 -7.35 -0.26 9.14
C ILE A 39 -6.20 -1.28 9.14
N GLU A 40 -6.48 -2.44 8.57
CA GLU A 40 -5.49 -3.50 8.49
C GLU A 40 -4.41 -3.14 7.46
N PHE A 41 -3.17 -3.22 7.92
CA PHE A 41 -2.04 -2.91 7.06
C PHE A 41 -0.71 -3.09 7.81
N GLU A 42 0.37 -2.86 7.08
CA GLU A 42 1.70 -3.00 7.66
C GLU A 42 2.71 -2.20 6.84
N GLU A 43 3.79 -1.81 7.52
CA GLU A 43 4.84 -1.05 6.87
C GLU A 43 5.97 -1.98 6.42
N VAL A 44 5.74 -2.65 5.30
CA VAL A 44 6.72 -3.57 4.76
C VAL A 44 7.98 -2.80 4.38
N ASP A 45 8.93 -2.75 5.31
CA ASP A 45 10.17 -2.04 5.08
C ASP A 45 10.92 -2.70 3.93
N ILE A 46 10.99 -1.98 2.81
CA ILE A 46 11.67 -2.47 1.63
C ILE A 46 13.13 -2.01 1.66
N THR A 47 13.38 -0.96 2.43
CA THR A 47 14.72 -0.42 2.54
C THR A 47 15.62 -1.41 3.27
N MET A 48 15.04 -2.07 4.26
CA MET A 48 15.79 -3.05 5.05
C MET A 48 15.71 -4.45 4.42
N SER A 49 14.49 -4.83 4.08
CA SER A 49 14.25 -6.13 3.47
C SER A 49 14.29 -6.01 1.94
N GLU A 50 15.48 -6.20 1.40
CA GLU A 50 15.67 -6.11 -0.04
C GLU A 50 14.66 -7.01 -0.76
N GLU A 51 14.56 -8.24 -0.28
CA GLU A 51 13.64 -9.20 -0.87
C GLU A 51 12.30 -8.53 -1.17
N GLN A 52 11.71 -7.94 -0.14
CA GLN A 52 10.44 -7.26 -0.29
C GLN A 52 10.47 -6.32 -1.50
N ARG A 53 11.51 -5.51 -1.54
CA ARG A 53 11.68 -4.56 -2.62
C ARG A 53 11.52 -5.26 -3.97
N GLN A 54 12.41 -6.21 -4.22
CA GLN A 54 12.37 -6.97 -5.46
C GLN A 54 10.96 -7.43 -5.76
N TRP A 55 10.40 -8.20 -4.84
CA TRP A 55 9.05 -8.71 -4.99
C TRP A 55 8.16 -7.55 -5.48
N MET A 56 8.27 -6.43 -4.78
CA MET A 56 7.48 -5.26 -5.14
C MET A 56 7.74 -4.85 -6.59
N TYR A 57 9.02 -4.90 -6.96
CA TYR A 57 9.41 -4.52 -8.31
C TYR A 57 8.96 -5.58 -9.32
N LYS A 58 8.37 -6.64 -8.80
CA LYS A 58 7.88 -7.72 -9.64
C LYS A 58 6.35 -7.67 -9.71
N ASN A 59 5.79 -6.85 -8.84
CA ASN A 59 4.35 -6.69 -8.79
C ASN A 59 3.98 -5.24 -9.10
N VAL A 60 4.76 -4.65 -10.00
CA VAL A 60 4.52 -3.27 -10.41
C VAL A 60 5.05 -3.06 -11.82
N PRO A 61 4.11 -2.76 -12.76
CA PRO A 61 4.47 -2.53 -14.15
C PRO A 61 5.14 -1.18 -14.32
N PRO A 62 5.65 -0.94 -15.57
CA PRO A 62 6.31 0.32 -15.88
C PRO A 62 5.28 1.44 -16.05
N GLU A 63 4.10 1.06 -16.51
CA GLU A 63 3.04 2.02 -16.73
C GLU A 63 2.54 2.57 -15.39
N LYS A 64 2.89 1.87 -14.33
CA LYS A 64 2.49 2.28 -12.99
C LYS A 64 3.67 2.96 -12.30
N LYS A 65 4.87 2.50 -12.64
CA LYS A 65 6.08 3.06 -12.06
C LYS A 65 5.92 4.57 -11.92
N PRO A 66 6.11 5.06 -10.67
CA PRO A 66 5.99 6.49 -10.40
C PRO A 66 7.21 7.25 -10.91
N THR A 67 7.15 8.57 -10.80
CA THR A 67 8.24 9.42 -11.24
C THR A 67 8.86 8.85 -12.51
N GLN A 68 9.95 8.13 -12.33
CA GLN A 68 10.65 7.52 -13.46
C GLN A 68 11.67 6.51 -12.96
N GLY A 69 11.54 5.28 -13.46
CA GLY A 69 12.44 4.21 -13.07
C GLY A 69 11.73 3.18 -12.20
N ASN A 70 12.53 2.38 -11.51
CA ASN A 70 11.99 1.35 -10.63
C ASN A 70 10.82 1.93 -9.85
N PRO A 71 9.94 1.01 -9.36
CA PRO A 71 8.78 1.41 -8.58
C PRO A 71 9.18 1.83 -7.17
N LEU A 72 8.80 3.06 -6.83
CA LEU A 72 9.11 3.60 -5.52
C LEU A 72 7.84 3.61 -4.66
N PRO A 73 8.05 3.65 -3.32
CA PRO A 73 6.94 3.67 -2.38
C PRO A 73 6.28 5.04 -2.35
N PRO A 74 5.08 5.10 -1.69
CA PRO A 74 4.52 3.90 -1.09
C PRO A 74 3.93 2.97 -2.16
N GLN A 75 3.79 1.71 -1.78
CA GLN A 75 3.25 0.71 -2.70
C GLN A 75 2.26 -0.19 -1.96
N ILE A 76 1.04 0.30 -1.85
CA ILE A 76 -0.02 -0.46 -1.17
C ILE A 76 -0.21 -1.79 -1.88
N PHE A 77 -0.33 -2.84 -1.08
CA PHE A 77 -0.52 -4.18 -1.63
C PHE A 77 -1.36 -5.04 -0.68
N ASN A 78 -2.58 -5.32 -1.12
CA ASN A 78 -3.49 -6.13 -0.34
C ASN A 78 -3.14 -7.62 -0.51
N GLY A 79 -2.18 -8.06 0.28
CA GLY A 79 -1.75 -9.45 0.22
C GLY A 79 -0.73 -9.65 -0.92
N ASP A 80 -1.25 -10.05 -2.06
CA ASP A 80 -0.41 -10.28 -3.22
C ASP A 80 -1.03 -9.60 -4.45
N ARG A 81 -2.02 -8.77 -4.18
CA ARG A 81 -2.70 -8.04 -5.24
C ARG A 81 -2.36 -6.55 -5.17
N TYR A 82 -1.92 -6.04 -6.30
CA TYR A 82 -1.56 -4.62 -6.39
C TYR A 82 -2.79 -3.73 -6.24
N CYS A 83 -2.70 -2.81 -5.30
CA CYS A 83 -3.80 -1.88 -5.06
C CYS A 83 -3.54 -0.61 -5.86
N GLY A 84 -2.48 0.09 -5.49
CA GLY A 84 -2.12 1.32 -6.18
C GLY A 84 -1.15 2.14 -5.34
N ASP A 85 -0.39 2.99 -6.03
CA ASP A 85 0.60 3.83 -5.36
C ASP A 85 -0.13 5.03 -4.72
N TYR A 86 0.66 5.83 -4.02
CA TYR A 86 0.12 7.00 -3.36
C TYR A 86 -0.84 7.77 -4.28
N ASP A 87 -0.57 7.67 -5.57
CA ASP A 87 -1.39 8.34 -6.56
C ASP A 87 -2.82 7.80 -6.48
N SER A 88 -2.91 6.48 -6.41
CA SER A 88 -4.20 5.81 -6.33
C SER A 88 -4.88 6.16 -5.02
N PHE A 89 -4.14 5.94 -3.93
CA PHE A 89 -4.68 6.23 -2.61
C PHE A 89 -5.35 7.60 -2.56
N PHE A 90 -4.56 8.62 -2.89
CA PHE A 90 -5.07 9.98 -2.90
C PHE A 90 -6.31 10.10 -3.79
N GLU A 91 -6.16 9.64 -5.01
CA GLU A 91 -7.25 9.69 -5.98
C GLU A 91 -8.55 9.19 -5.33
N SER A 92 -8.45 8.01 -4.72
CA SER A 92 -9.60 7.40 -4.07
C SER A 92 -9.94 8.19 -2.79
N LYS A 93 -8.92 8.84 -2.26
CA LYS A 93 -9.10 9.62 -1.04
C LYS A 93 -10.07 10.77 -1.31
N GLU A 94 -9.84 11.44 -2.44
CA GLU A 94 -10.69 12.56 -2.82
C GLU A 94 -12.14 12.10 -2.97
N SER A 95 -12.29 10.85 -3.35
CA SER A 95 -13.62 10.28 -3.53
C SER A 95 -14.00 9.43 -2.31
N ASN A 96 -13.13 9.47 -1.31
CA ASN A 96 -13.36 8.71 -0.09
C ASN A 96 -13.61 7.25 -0.45
N THR A 97 -12.64 6.65 -1.10
CA THR A 97 -12.74 5.26 -1.52
C THR A 97 -11.52 4.47 -1.05
N VAL A 98 -10.66 5.16 -0.30
CA VAL A 98 -9.45 4.53 0.21
C VAL A 98 -9.77 3.09 0.63
N PHE A 99 -10.81 2.94 1.42
CA PHE A 99 -11.23 1.63 1.89
C PHE A 99 -11.39 0.66 0.72
N SER A 100 -12.19 1.07 -0.25
CA SER A 100 -12.43 0.24 -1.42
C SER A 100 -11.15 0.11 -2.24
N PHE A 101 -10.41 1.20 -2.30
CA PHE A 101 -9.16 1.22 -3.04
C PHE A 101 -8.22 0.12 -2.55
N LEU A 102 -8.29 -0.13 -1.26
CA LEU A 102 -7.44 -1.15 -0.65
C LEU A 102 -8.22 -2.47 -0.56
N GLY A 103 -9.39 -2.48 -1.20
CA GLY A 103 -10.23 -3.66 -1.21
C GLY A 103 -10.81 -3.92 0.19
N LEU A 104 -11.23 -2.84 0.83
CA LEU A 104 -11.81 -2.95 2.16
C LEU A 104 -13.31 -2.68 2.08
N LYS A 105 -13.99 -3.53 1.33
CA LYS A 105 -15.43 -3.39 1.17
C LYS A 105 -15.96 -4.54 0.30
N SER A 106 -16.17 -5.67 0.95
CA SER A 106 -16.67 -6.85 0.26
C SER A 106 -16.93 -7.98 1.26
N GLY A 107 -18.02 -7.83 2.00
CA GLY A 107 -18.40 -8.83 2.99
C GLY A 107 -18.80 -8.17 4.30
N PRO A 108 -19.17 -9.03 5.29
CA PRO A 108 -19.58 -8.53 6.59
C PRO A 108 -18.37 -8.08 7.41
N SER A 109 -17.75 -7.00 6.93
CA SER A 109 -16.59 -6.46 7.60
C SER A 109 -16.96 -5.15 8.30
N SER A 110 -16.39 -4.96 9.49
CA SER A 110 -16.66 -3.76 10.26
C SER A 110 -15.58 -3.58 11.33
N GLY A 111 -15.53 -2.38 11.88
CA GLY A 111 -14.56 -2.07 12.92
C GLY A 111 -14.17 -0.60 12.88
N GLY A 1 -10.03 -21.19 -7.77
CA GLY A 1 -10.93 -21.26 -6.64
C GLY A 1 -10.17 -21.10 -5.32
N SER A 2 -10.79 -20.37 -4.40
CA SER A 2 -10.19 -20.13 -3.10
C SER A 2 -11.15 -19.34 -2.21
N SER A 3 -11.10 -19.64 -0.93
CA SER A 3 -11.97 -18.96 0.03
C SER A 3 -11.50 -19.27 1.46
N GLY A 4 -11.40 -18.22 2.25
CA GLY A 4 -10.97 -18.37 3.63
C GLY A 4 -9.91 -17.32 3.99
N SER A 5 -10.26 -16.47 4.93
CA SER A 5 -9.35 -15.41 5.37
C SER A 5 -9.79 -14.88 6.74
N SER A 6 -8.83 -14.85 7.66
CA SER A 6 -9.10 -14.36 9.00
C SER A 6 -8.20 -13.17 9.32
N GLY A 7 -8.69 -11.99 8.97
CA GLY A 7 -7.94 -10.77 9.22
C GLY A 7 -7.12 -10.38 7.99
N MET A 8 -7.18 -9.10 7.65
CA MET A 8 -6.45 -8.59 6.52
C MET A 8 -5.24 -7.75 6.96
N VAL A 9 -4.42 -7.39 5.99
CA VAL A 9 -3.24 -6.59 6.26
C VAL A 9 -2.82 -5.84 5.00
N ILE A 10 -3.16 -4.56 4.98
CA ILE A 10 -2.83 -3.71 3.84
C ILE A 10 -1.33 -3.47 3.81
N ARG A 11 -0.60 -4.51 3.42
CA ARG A 11 0.85 -4.42 3.34
C ARG A 11 1.27 -3.14 2.60
N VAL A 12 1.72 -2.17 3.38
CA VAL A 12 2.14 -0.90 2.81
C VAL A 12 3.67 -0.87 2.76
N PHE A 13 4.19 -1.16 1.57
CA PHE A 13 5.63 -1.16 1.35
C PHE A 13 6.21 0.26 1.49
N ILE A 14 7.32 0.34 2.19
CA ILE A 14 7.99 1.62 2.39
C ILE A 14 9.51 1.41 2.30
N ALA A 15 10.19 2.48 1.89
CA ALA A 15 11.63 2.44 1.77
C ALA A 15 12.24 3.57 2.60
N SER A 16 12.45 3.28 3.88
CA SER A 16 13.02 4.26 4.78
C SER A 16 14.11 5.07 4.06
N SER A 17 15.33 4.56 4.14
CA SER A 17 16.46 5.21 3.51
C SER A 17 16.25 5.27 1.99
N SER A 18 15.46 6.24 1.57
CA SER A 18 15.18 6.41 0.15
C SER A 18 15.81 7.70 -0.36
N GLY A 19 15.39 8.80 0.22
CA GLY A 19 15.91 10.10 -0.17
C GLY A 19 14.78 11.12 -0.34
N PHE A 20 13.91 10.82 -1.31
CA PHE A 20 12.79 11.70 -1.59
C PHE A 20 11.88 11.84 -0.36
N VAL A 21 12.07 12.95 0.33
CA VAL A 21 11.27 13.22 1.52
C VAL A 21 9.79 13.17 1.17
N ALA A 22 9.49 13.54 -0.07
CA ALA A 22 8.13 13.55 -0.55
C ALA A 22 7.49 12.17 -0.29
N ILE A 23 8.22 11.14 -0.69
CA ILE A 23 7.73 9.78 -0.51
C ILE A 23 7.38 9.57 0.97
N LYS A 24 8.30 9.97 1.83
CA LYS A 24 8.09 9.83 3.26
C LYS A 24 6.67 10.28 3.61
N LYS A 25 6.41 11.56 3.38
CA LYS A 25 5.11 12.13 3.66
C LYS A 25 4.02 11.18 3.15
N LYS A 26 4.11 10.87 1.86
CA LYS A 26 3.14 9.97 1.25
C LYS A 26 3.04 8.70 2.06
N GLN A 27 4.19 8.09 2.33
CA GLN A 27 4.23 6.85 3.09
C GLN A 27 3.42 7.02 4.39
N GLN A 28 3.50 8.22 4.95
CA GLN A 28 2.78 8.51 6.17
C GLN A 28 1.27 8.58 5.91
N ASP A 29 0.88 9.61 5.18
CA ASP A 29 -0.52 9.81 4.85
C ASP A 29 -1.17 8.45 4.56
N VAL A 30 -0.35 7.54 4.03
CA VAL A 30 -0.83 6.21 3.71
C VAL A 30 -1.23 5.49 4.99
N VAL A 31 -0.23 5.23 5.83
CA VAL A 31 -0.47 4.55 7.09
C VAL A 31 -1.33 5.43 7.99
N ARG A 32 -0.92 6.69 8.12
CA ARG A 32 -1.64 7.64 8.94
C ARG A 32 -3.15 7.44 8.77
N PHE A 33 -3.57 7.41 7.52
CA PHE A 33 -4.98 7.23 7.21
C PHE A 33 -5.51 5.91 7.78
N LEU A 34 -4.78 4.84 7.49
CA LEU A 34 -5.15 3.52 7.97
C LEU A 34 -5.23 3.54 9.49
N GLU A 35 -4.19 4.11 10.10
CA GLU A 35 -4.13 4.19 11.55
C GLU A 35 -5.32 4.98 12.09
N ALA A 36 -5.55 6.14 11.48
CA ALA A 36 -6.66 6.99 11.88
C ALA A 36 -7.98 6.31 11.54
N ASN A 37 -7.90 5.40 10.58
CA ASN A 37 -9.09 4.67 10.15
C ASN A 37 -9.06 3.26 10.75
N LYS A 38 -8.12 3.06 11.67
CA LYS A 38 -7.99 1.78 12.32
C LYS A 38 -8.07 0.66 11.29
N ILE A 39 -7.30 0.82 10.22
CA ILE A 39 -7.28 -0.17 9.15
C ILE A 39 -6.03 -1.04 9.28
N GLU A 40 -6.20 -2.31 8.93
CA GLU A 40 -5.10 -3.25 9.01
C GLU A 40 -4.07 -2.96 7.91
N PHE A 41 -2.80 -3.10 8.27
CA PHE A 41 -1.72 -2.86 7.34
C PHE A 41 -0.36 -3.08 8.00
N GLU A 42 0.68 -3.02 7.18
CA GLU A 42 2.04 -3.21 7.67
C GLU A 42 3.03 -2.41 6.82
N GLU A 43 3.98 -1.80 7.50
CA GLU A 43 5.00 -1.02 6.81
C GLU A 43 6.14 -1.91 6.34
N VAL A 44 5.91 -2.59 5.24
CA VAL A 44 6.92 -3.49 4.68
C VAL A 44 8.12 -2.66 4.21
N ASP A 45 9.09 -2.54 5.10
CA ASP A 45 10.30 -1.79 4.80
C ASP A 45 11.05 -2.49 3.67
N ILE A 46 10.81 -2.01 2.45
CA ILE A 46 11.46 -2.59 1.28
C ILE A 46 12.96 -2.27 1.33
N THR A 47 13.27 -1.08 1.85
CA THR A 47 14.65 -0.65 1.96
C THR A 47 15.46 -1.65 2.79
N MET A 48 14.88 -2.03 3.92
CA MET A 48 15.53 -2.98 4.81
C MET A 48 15.57 -4.38 4.18
N SER A 49 14.40 -4.86 3.82
CA SER A 49 14.29 -6.18 3.22
C SER A 49 14.34 -6.06 1.69
N GLU A 50 15.49 -6.41 1.14
CA GLU A 50 15.69 -6.36 -0.30
C GLU A 50 14.59 -7.13 -1.01
N GLU A 51 14.47 -8.40 -0.65
CA GLU A 51 13.46 -9.26 -1.26
C GLU A 51 12.15 -8.50 -1.42
N GLN A 52 11.60 -8.09 -0.29
CA GLN A 52 10.33 -7.36 -0.31
C GLN A 52 10.30 -6.39 -1.49
N ARG A 53 11.31 -5.54 -1.55
CA ARG A 53 11.40 -4.56 -2.62
C ARG A 53 11.35 -5.26 -3.98
N GLN A 54 12.23 -6.23 -4.14
CA GLN A 54 12.30 -6.98 -5.39
C GLN A 54 10.90 -7.47 -5.79
N TRP A 55 10.27 -8.17 -4.87
CA TRP A 55 8.93 -8.69 -5.11
C TRP A 55 8.06 -7.54 -5.60
N MET A 56 8.11 -6.44 -4.85
CA MET A 56 7.33 -5.28 -5.19
C MET A 56 7.61 -4.83 -6.63
N TYR A 57 8.88 -4.82 -6.99
CA TYR A 57 9.28 -4.43 -8.33
C TYR A 57 8.78 -5.43 -9.37
N LYS A 58 8.24 -6.53 -8.88
CA LYS A 58 7.73 -7.57 -9.75
C LYS A 58 6.20 -7.50 -9.77
N ASN A 59 5.67 -6.69 -8.86
CA ASN A 59 4.23 -6.54 -8.77
C ASN A 59 3.87 -5.07 -9.04
N VAL A 60 4.60 -4.48 -9.98
CA VAL A 60 4.36 -3.09 -10.34
C VAL A 60 4.79 -2.88 -11.80
N PRO A 61 3.78 -2.54 -12.65
CA PRO A 61 4.03 -2.31 -14.06
C PRO A 61 4.71 -0.96 -14.27
N PRO A 62 5.15 -0.73 -15.54
CA PRO A 62 5.81 0.51 -15.89
C PRO A 62 4.80 1.65 -16.01
N GLU A 63 3.59 1.29 -16.38
CA GLU A 63 2.52 2.27 -16.53
C GLU A 63 2.13 2.84 -15.17
N LYS A 64 2.49 2.10 -14.12
CA LYS A 64 2.19 2.53 -12.77
C LYS A 64 3.44 3.13 -12.13
N LYS A 65 4.58 2.63 -12.55
CA LYS A 65 5.86 3.11 -12.04
C LYS A 65 5.79 4.63 -11.88
N PRO A 66 6.00 5.08 -10.62
CA PRO A 66 5.96 6.51 -10.32
C PRO A 66 7.24 7.20 -10.80
N THR A 67 7.22 8.53 -10.73
CA THR A 67 8.36 9.32 -11.15
C THR A 67 9.01 8.69 -12.39
N GLN A 68 10.05 7.91 -12.15
CA GLN A 68 10.77 7.25 -13.22
C GLN A 68 11.70 6.17 -12.66
N GLY A 69 11.72 5.04 -13.36
CA GLY A 69 12.57 3.93 -12.94
C GLY A 69 11.80 2.97 -12.04
N ASN A 70 12.55 2.16 -11.32
CA ASN A 70 11.96 1.19 -10.41
C ASN A 70 10.82 1.85 -9.64
N PRO A 71 9.86 1.00 -9.17
CA PRO A 71 8.73 1.49 -8.42
C PRO A 71 9.13 1.87 -6.99
N LEU A 72 8.87 3.12 -6.65
CA LEU A 72 9.20 3.62 -5.32
C LEU A 72 7.93 3.67 -4.46
N PRO A 73 8.14 3.66 -3.13
CA PRO A 73 7.03 3.72 -2.19
C PRO A 73 6.42 5.12 -2.14
N PRO A 74 5.23 5.20 -1.47
CA PRO A 74 4.63 4.03 -0.87
C PRO A 74 4.00 3.13 -1.94
N GLN A 75 3.82 1.87 -1.57
CA GLN A 75 3.24 0.90 -2.49
C GLN A 75 2.30 -0.03 -1.74
N ILE A 76 1.04 0.39 -1.64
CA ILE A 76 0.03 -0.39 -0.94
C ILE A 76 -0.16 -1.72 -1.68
N PHE A 77 -0.29 -2.78 -0.89
CA PHE A 77 -0.49 -4.11 -1.46
C PHE A 77 -1.32 -4.98 -0.52
N ASN A 78 -2.53 -5.27 -0.94
CA ASN A 78 -3.43 -6.09 -0.15
C ASN A 78 -3.16 -7.57 -0.46
N GLY A 79 -2.41 -8.20 0.43
CA GLY A 79 -2.07 -9.60 0.27
C GLY A 79 -1.04 -9.79 -0.84
N ASP A 80 -1.54 -10.07 -2.03
CA ASP A 80 -0.67 -10.28 -3.18
C ASP A 80 -1.24 -9.52 -4.38
N ARG A 81 -2.22 -8.67 -4.10
CA ARG A 81 -2.85 -7.88 -5.15
C ARG A 81 -2.37 -6.43 -5.08
N TYR A 82 -1.88 -5.94 -6.22
CA TYR A 82 -1.40 -4.58 -6.30
C TYR A 82 -2.55 -3.57 -6.15
N CYS A 83 -2.45 -2.79 -5.09
CA CYS A 83 -3.48 -1.78 -4.82
C CYS A 83 -3.17 -0.55 -5.67
N GLY A 84 -2.06 0.09 -5.35
CA GLY A 84 -1.65 1.28 -6.08
C GLY A 84 -0.74 2.17 -5.22
N ASP A 85 0.05 2.98 -5.90
CA ASP A 85 0.97 3.88 -5.22
C ASP A 85 0.17 4.99 -4.52
N TYR A 86 0.91 5.92 -3.92
CA TYR A 86 0.29 7.03 -3.23
C TYR A 86 -0.71 7.76 -4.14
N ASP A 87 -0.34 7.86 -5.41
CA ASP A 87 -1.19 8.52 -6.38
C ASP A 87 -2.58 7.88 -6.36
N SER A 88 -2.60 6.56 -6.45
CA SER A 88 -3.84 5.82 -6.44
C SER A 88 -4.60 6.11 -5.15
N PHE A 89 -3.91 5.93 -4.03
CA PHE A 89 -4.51 6.17 -2.73
C PHE A 89 -5.24 7.51 -2.70
N PHE A 90 -4.49 8.56 -2.95
CA PHE A 90 -5.05 9.91 -2.95
C PHE A 90 -6.26 10.00 -3.89
N GLU A 91 -6.03 9.58 -5.12
CA GLU A 91 -7.08 9.61 -6.13
C GLU A 91 -8.39 9.07 -5.53
N SER A 92 -8.30 7.91 -4.92
CA SER A 92 -9.45 7.29 -4.31
C SER A 92 -9.86 8.06 -3.05
N LYS A 93 -8.88 8.74 -2.46
CA LYS A 93 -9.12 9.52 -1.27
C LYS A 93 -10.11 10.65 -1.58
N GLU A 94 -9.89 11.28 -2.72
CA GLU A 94 -10.75 12.37 -3.16
C GLU A 94 -12.19 11.89 -3.29
N SER A 95 -12.33 10.62 -3.66
CA SER A 95 -13.64 10.04 -3.83
C SER A 95 -13.99 9.16 -2.62
N ASN A 96 -13.12 9.23 -1.62
CA ASN A 96 -13.31 8.45 -0.40
C ASN A 96 -13.52 6.99 -0.78
N THR A 97 -12.49 6.42 -1.41
CA THR A 97 -12.55 5.03 -1.82
C THR A 97 -11.33 4.27 -1.29
N VAL A 98 -10.50 5.00 -0.55
CA VAL A 98 -9.30 4.41 0.02
C VAL A 98 -9.59 2.97 0.45
N PHE A 99 -10.61 2.84 1.28
CA PHE A 99 -11.01 1.53 1.78
C PHE A 99 -11.13 0.52 0.63
N SER A 100 -11.88 0.92 -0.39
CA SER A 100 -12.09 0.06 -1.55
C SER A 100 -10.78 -0.06 -2.34
N PHE A 101 -10.07 1.05 -2.44
CA PHE A 101 -8.81 1.08 -3.16
C PHE A 101 -7.84 0.03 -2.62
N LEU A 102 -7.90 -0.15 -1.30
CA LEU A 102 -7.04 -1.13 -0.65
C LEU A 102 -7.65 -2.51 -0.78
N GLY A 103 -8.96 -2.54 -0.98
CA GLY A 103 -9.68 -3.79 -1.12
C GLY A 103 -10.53 -4.07 0.12
N LEU A 104 -11.05 -3.00 0.70
CA LEU A 104 -11.89 -3.13 1.89
C LEU A 104 -13.34 -2.85 1.50
N LYS A 105 -14.22 -3.70 2.04
CA LYS A 105 -15.64 -3.56 1.77
C LYS A 105 -15.91 -3.90 0.30
N SER A 106 -15.42 -3.03 -0.58
CA SER A 106 -15.61 -3.22 -2.01
C SER A 106 -14.94 -4.52 -2.44
N GLY A 107 -13.66 -4.63 -2.14
CA GLY A 107 -12.90 -5.82 -2.49
C GLY A 107 -13.52 -7.07 -1.88
N PRO A 108 -12.91 -8.24 -2.22
CA PRO A 108 -13.40 -9.51 -1.72
C PRO A 108 -13.03 -9.70 -0.25
N SER A 109 -13.63 -8.87 0.59
CA SER A 109 -13.37 -8.94 2.03
C SER A 109 -14.44 -9.79 2.71
N SER A 110 -14.06 -10.36 3.84
CA SER A 110 -14.97 -11.20 4.60
C SER A 110 -14.50 -11.29 6.06
N GLY A 111 -15.13 -10.49 6.90
CA GLY A 111 -14.79 -10.47 8.32
C GLY A 111 -13.80 -9.34 8.62
N GLY A 1 -16.22 -22.32 2.65
CA GLY A 1 -15.25 -21.51 1.93
C GLY A 1 -14.25 -20.89 2.91
N SER A 2 -13.28 -20.18 2.32
CA SER A 2 -12.25 -19.53 3.13
C SER A 2 -11.43 -20.58 3.87
N SER A 3 -10.17 -20.69 3.49
CA SER A 3 -9.27 -21.64 4.12
C SER A 3 -7.96 -20.96 4.48
N GLY A 4 -7.76 -20.76 5.78
CA GLY A 4 -6.54 -20.13 6.27
C GLY A 4 -6.63 -18.61 6.13
N SER A 5 -5.46 -17.98 6.10
CA SER A 5 -5.39 -16.54 5.96
C SER A 5 -6.00 -15.87 7.19
N SER A 6 -5.17 -15.10 7.88
CA SER A 6 -5.61 -14.39 9.07
C SER A 6 -6.11 -13.00 8.70
N GLY A 7 -7.39 -12.92 8.41
CA GLY A 7 -7.99 -11.64 8.05
C GLY A 7 -7.22 -10.97 6.91
N MET A 8 -7.40 -9.66 6.81
CA MET A 8 -6.73 -8.89 5.77
C MET A 8 -5.59 -8.06 6.36
N VAL A 9 -4.73 -7.59 5.48
CA VAL A 9 -3.60 -6.78 5.90
C VAL A 9 -3.10 -5.95 4.71
N ILE A 10 -3.31 -4.64 4.80
CA ILE A 10 -2.89 -3.74 3.75
C ILE A 10 -1.37 -3.55 3.82
N ARG A 11 -0.67 -4.55 3.30
CA ARG A 11 0.78 -4.50 3.29
C ARG A 11 1.27 -3.26 2.54
N VAL A 12 1.68 -2.27 3.32
CA VAL A 12 2.17 -1.02 2.74
C VAL A 12 3.69 -1.04 2.74
N PHE A 13 4.25 -0.99 1.54
CA PHE A 13 5.70 -0.99 1.39
C PHE A 13 6.28 0.40 1.64
N ILE A 14 7.33 0.43 2.44
CA ILE A 14 7.98 1.69 2.77
C ILE A 14 9.50 1.50 2.69
N ALA A 15 10.19 2.57 2.29
CA ALA A 15 11.63 2.54 2.18
C ALA A 15 12.24 3.56 3.13
N SER A 16 12.39 3.15 4.38
CA SER A 16 12.95 4.03 5.39
C SER A 16 14.09 4.85 4.79
N SER A 17 14.76 4.26 3.81
CA SER A 17 15.87 4.93 3.16
C SER A 17 15.50 5.25 1.70
N SER A 18 15.45 6.53 1.40
CA SER A 18 15.10 6.97 0.06
C SER A 18 15.21 8.50 -0.04
N GLY A 19 16.14 8.94 -0.86
CA GLY A 19 16.36 10.36 -1.05
C GLY A 19 15.03 11.12 -1.06
N PHE A 20 14.25 10.88 -2.10
CA PHE A 20 12.96 11.54 -2.24
C PHE A 20 12.22 11.55 -0.90
N VAL A 21 12.19 12.72 -0.29
CA VAL A 21 11.51 12.89 0.98
C VAL A 21 10.00 12.81 0.77
N ALA A 22 9.58 13.32 -0.38
CA ALA A 22 8.16 13.32 -0.71
C ALA A 22 7.58 11.94 -0.46
N ILE A 23 8.33 10.92 -0.87
CA ILE A 23 7.90 9.55 -0.69
C ILE A 23 7.50 9.33 0.77
N LYS A 24 8.42 9.66 1.66
CA LYS A 24 8.18 9.51 3.08
C LYS A 24 6.77 10.01 3.40
N LYS A 25 6.57 11.30 3.20
CA LYS A 25 5.28 11.90 3.47
C LYS A 25 4.17 10.97 2.99
N LYS A 26 4.26 10.62 1.71
CA LYS A 26 3.27 9.73 1.12
C LYS A 26 3.09 8.49 2.01
N GLN A 27 4.20 7.81 2.26
CA GLN A 27 4.17 6.62 3.08
C GLN A 27 3.32 6.87 4.33
N GLN A 28 3.47 8.05 4.90
CA GLN A 28 2.73 8.42 6.09
C GLN A 28 1.25 8.60 5.75
N ASP A 29 0.99 9.55 4.87
CA ASP A 29 -0.38 9.83 4.46
C ASP A 29 -1.15 8.52 4.33
N VAL A 30 -0.42 7.48 3.97
CA VAL A 30 -1.02 6.17 3.80
C VAL A 30 -1.39 5.61 5.17
N VAL A 31 -0.44 4.90 5.76
CA VAL A 31 -0.66 4.31 7.07
C VAL A 31 -1.45 5.28 7.94
N ARG A 32 -0.98 6.51 7.99
CA ARG A 32 -1.63 7.54 8.78
C ARG A 32 -3.15 7.38 8.70
N PHE A 33 -3.65 7.34 7.48
CA PHE A 33 -5.07 7.19 7.25
C PHE A 33 -5.59 5.89 7.87
N LEU A 34 -4.88 4.82 7.59
CA LEU A 34 -5.27 3.51 8.12
C LEU A 34 -5.31 3.58 9.65
N GLU A 35 -4.23 4.10 10.22
CA GLU A 35 -4.13 4.22 11.66
C GLU A 35 -5.27 5.11 12.19
N ALA A 36 -5.44 6.25 11.55
CA ALA A 36 -6.49 7.18 11.95
C ALA A 36 -7.85 6.56 11.69
N ASN A 37 -7.86 5.57 10.80
CA ASN A 37 -9.10 4.88 10.46
C ASN A 37 -9.15 3.54 11.20
N LYS A 38 -8.09 3.29 11.96
CA LYS A 38 -8.00 2.05 12.72
C LYS A 38 -8.10 0.86 11.77
N ILE A 39 -7.50 1.03 10.60
CA ILE A 39 -7.51 -0.01 9.59
C ILE A 39 -6.31 -0.93 9.79
N GLU A 40 -6.48 -2.18 9.39
CA GLU A 40 -5.42 -3.16 9.52
C GLU A 40 -4.45 -3.07 8.35
N PHE A 41 -3.17 -3.12 8.67
CA PHE A 41 -2.13 -3.04 7.64
C PHE A 41 -0.75 -3.31 8.25
N GLU A 42 0.25 -3.28 7.38
CA GLU A 42 1.62 -3.50 7.81
C GLU A 42 2.59 -2.72 6.92
N GLU A 43 3.63 -2.19 7.56
CA GLU A 43 4.63 -1.43 6.85
C GLU A 43 5.77 -2.33 6.40
N VAL A 44 5.62 -2.86 5.19
CA VAL A 44 6.63 -3.75 4.63
C VAL A 44 7.88 -2.95 4.30
N ASP A 45 8.76 -2.86 5.30
CA ASP A 45 10.00 -2.12 5.13
C ASP A 45 10.81 -2.73 3.99
N ILE A 46 10.69 -2.13 2.82
CA ILE A 46 11.40 -2.60 1.65
C ILE A 46 12.84 -2.11 1.70
N THR A 47 13.07 -1.11 2.54
CA THR A 47 14.40 -0.54 2.69
C THR A 47 15.31 -1.52 3.42
N MET A 48 14.76 -2.16 4.44
CA MET A 48 15.52 -3.12 5.22
C MET A 48 15.64 -4.45 4.48
N SER A 49 14.50 -4.96 4.06
CA SER A 49 14.46 -6.23 3.33
C SER A 49 14.48 -5.97 1.83
N GLU A 50 15.51 -6.48 1.18
CA GLU A 50 15.67 -6.32 -0.25
C GLU A 50 14.56 -7.07 -0.99
N GLU A 51 14.44 -8.35 -0.66
CA GLU A 51 13.43 -9.19 -1.28
C GLU A 51 12.13 -8.41 -1.46
N GLN A 52 11.56 -8.00 -0.32
CA GLN A 52 10.32 -7.26 -0.34
C GLN A 52 10.30 -6.27 -1.51
N ARG A 53 11.34 -5.42 -1.53
CA ARG A 53 11.46 -4.43 -2.58
C ARG A 53 11.45 -5.10 -3.96
N GLN A 54 12.35 -6.06 -4.12
CA GLN A 54 12.46 -6.78 -5.37
C GLN A 54 11.07 -7.28 -5.82
N TRP A 55 10.35 -7.85 -4.86
CA TRP A 55 9.02 -8.37 -5.14
C TRP A 55 8.20 -7.25 -5.79
N MET A 56 8.09 -6.15 -5.07
CA MET A 56 7.34 -4.99 -5.56
C MET A 56 7.71 -4.69 -7.02
N TYR A 57 9.00 -4.58 -7.25
CA TYR A 57 9.49 -4.29 -8.59
C TYR A 57 8.99 -5.32 -9.60
N LYS A 58 8.52 -6.45 -9.06
CA LYS A 58 8.01 -7.52 -9.90
C LYS A 58 6.48 -7.43 -9.94
N ASN A 59 5.94 -6.64 -9.05
CA ASN A 59 4.49 -6.46 -8.97
C ASN A 59 4.15 -5.00 -9.21
N VAL A 60 4.75 -4.44 -10.25
CA VAL A 60 4.52 -3.05 -10.59
C VAL A 60 4.86 -2.82 -12.07
N PRO A 61 3.82 -2.46 -12.85
CA PRO A 61 3.99 -2.22 -14.28
C PRO A 61 4.70 -0.87 -14.52
N PRO A 62 5.11 -0.66 -15.80
CA PRO A 62 5.78 0.57 -16.17
C PRO A 62 4.80 1.73 -16.25
N GLU A 63 3.56 1.40 -16.57
CA GLU A 63 2.52 2.41 -16.68
C GLU A 63 2.18 2.98 -15.30
N LYS A 64 2.48 2.20 -14.28
CA LYS A 64 2.22 2.62 -12.91
C LYS A 64 3.48 3.24 -12.32
N LYS A 65 4.63 2.72 -12.77
CA LYS A 65 5.90 3.22 -12.29
C LYS A 65 5.84 4.74 -12.15
N PRO A 66 6.05 5.21 -10.89
CA PRO A 66 6.02 6.63 -10.61
C PRO A 66 7.28 7.33 -11.12
N THR A 67 7.16 8.63 -11.34
CA THR A 67 8.28 9.42 -11.82
C THR A 67 9.10 8.61 -12.82
N GLN A 68 10.34 8.35 -12.46
CA GLN A 68 11.24 7.59 -13.31
C GLN A 68 12.37 6.97 -12.48
N GLY A 69 12.65 5.71 -12.75
CA GLY A 69 13.70 5.00 -12.05
C GLY A 69 13.12 3.93 -11.13
N ASN A 70 12.67 2.85 -11.73
CA ASN A 70 12.08 1.75 -10.98
C ASN A 70 10.92 2.27 -10.14
N PRO A 71 10.09 1.32 -9.65
CA PRO A 71 8.94 1.67 -8.83
C PRO A 71 9.37 2.08 -7.41
N LEU A 72 8.79 3.17 -6.95
CA LEU A 72 9.11 3.67 -5.62
C LEU A 72 7.85 3.64 -4.75
N PRO A 73 8.07 3.64 -3.41
CA PRO A 73 6.97 3.62 -2.47
C PRO A 73 6.29 4.99 -2.39
N PRO A 74 5.10 5.01 -1.72
CA PRO A 74 4.56 3.80 -1.12
C PRO A 74 3.97 2.87 -2.20
N GLN A 75 3.79 1.63 -1.81
CA GLN A 75 3.23 0.65 -2.73
C GLN A 75 2.26 -0.28 -1.99
N ILE A 76 1.11 0.27 -1.64
CA ILE A 76 0.10 -0.49 -0.92
C ILE A 76 -0.14 -1.82 -1.65
N PHE A 77 -0.29 -2.88 -0.86
CA PHE A 77 -0.52 -4.20 -1.42
C PHE A 77 -1.41 -5.04 -0.49
N ASN A 78 -2.63 -5.26 -0.94
CA ASN A 78 -3.58 -6.04 -0.16
C ASN A 78 -3.30 -7.53 -0.37
N GLY A 79 -2.39 -8.04 0.44
CA GLY A 79 -2.03 -9.45 0.36
C GLY A 79 -1.52 -9.80 -1.04
N ASP A 80 -0.53 -9.06 -1.48
CA ASP A 80 0.05 -9.28 -2.79
C ASP A 80 -0.75 -8.51 -3.84
N ARG A 81 -2.06 -8.51 -3.63
CA ARG A 81 -2.95 -7.82 -4.56
C ARG A 81 -2.51 -6.37 -4.75
N TYR A 82 -2.01 -6.09 -5.94
CA TYR A 82 -1.54 -4.75 -6.25
C TYR A 82 -2.67 -3.73 -6.12
N CYS A 83 -2.56 -2.91 -5.08
CA CYS A 83 -3.57 -1.89 -4.83
C CYS A 83 -3.25 -0.68 -5.70
N GLY A 84 -2.17 0.01 -5.35
CA GLY A 84 -1.76 1.18 -6.09
C GLY A 84 -0.84 2.07 -5.24
N ASP A 85 0.05 2.77 -5.92
CA ASP A 85 0.98 3.66 -5.24
C ASP A 85 0.21 4.83 -4.62
N TYR A 86 0.94 5.65 -3.88
CA TYR A 86 0.34 6.80 -3.25
C TYR A 86 -0.70 7.47 -4.15
N ASP A 87 -0.33 7.63 -5.41
CA ASP A 87 -1.21 8.24 -6.39
C ASP A 87 -2.59 7.60 -6.28
N SER A 88 -2.62 6.28 -6.43
CA SER A 88 -3.86 5.53 -6.34
C SER A 88 -4.63 5.92 -5.07
N PHE A 89 -3.94 5.77 -3.95
CA PHE A 89 -4.55 6.10 -2.67
C PHE A 89 -5.18 7.49 -2.69
N PHE A 90 -4.32 8.50 -2.83
CA PHE A 90 -4.78 9.87 -2.87
C PHE A 90 -5.99 10.02 -3.80
N GLU A 91 -5.79 9.64 -5.05
CA GLU A 91 -6.84 9.72 -6.05
C GLU A 91 -8.14 9.11 -5.50
N SER A 92 -7.98 7.99 -4.82
CA SER A 92 -9.12 7.30 -4.24
C SER A 92 -9.61 8.05 -2.99
N LYS A 93 -8.68 8.77 -2.38
CA LYS A 93 -8.99 9.53 -1.19
C LYS A 93 -10.06 10.57 -1.52
N GLU A 94 -9.81 11.32 -2.57
CA GLU A 94 -10.74 12.35 -3.00
C GLU A 94 -12.12 11.75 -3.24
N SER A 95 -12.12 10.47 -3.59
CA SER A 95 -13.36 9.76 -3.85
C SER A 95 -13.76 8.93 -2.63
N ASN A 96 -13.04 9.15 -1.54
CA ASN A 96 -13.30 8.44 -0.31
C ASN A 96 -13.54 6.96 -0.62
N THR A 97 -12.62 6.40 -1.38
CA THR A 97 -12.72 5.00 -1.76
C THR A 97 -11.50 4.23 -1.26
N VAL A 98 -10.63 4.93 -0.55
CA VAL A 98 -9.42 4.33 -0.02
C VAL A 98 -9.73 2.89 0.41
N PHE A 99 -10.74 2.77 1.25
CA PHE A 99 -11.14 1.46 1.75
C PHE A 99 -11.31 0.47 0.60
N SER A 100 -12.10 0.87 -0.38
CA SER A 100 -12.35 0.03 -1.53
C SER A 100 -11.07 -0.13 -2.36
N PHE A 101 -10.33 0.96 -2.44
CA PHE A 101 -9.09 0.96 -3.19
C PHE A 101 -8.11 -0.10 -2.65
N LEU A 102 -8.18 -0.30 -1.34
CA LEU A 102 -7.33 -1.27 -0.69
C LEU A 102 -8.03 -2.63 -0.66
N GLY A 103 -9.36 -2.57 -0.69
CA GLY A 103 -10.15 -3.79 -0.67
C GLY A 103 -10.75 -4.04 0.72
N LEU A 104 -11.23 -2.97 1.32
CA LEU A 104 -11.82 -3.05 2.64
C LEU A 104 -13.32 -2.78 2.54
N LYS A 105 -13.94 -3.36 1.52
CA LYS A 105 -15.36 -3.20 1.31
C LYS A 105 -15.87 -4.35 0.44
N SER A 106 -16.13 -5.47 1.09
CA SER A 106 -16.62 -6.65 0.38
C SER A 106 -16.92 -7.77 1.39
N GLY A 107 -18.21 -8.01 1.58
CA GLY A 107 -18.64 -9.04 2.50
C GLY A 107 -18.87 -8.47 3.90
N PRO A 108 -19.31 -9.37 4.83
CA PRO A 108 -19.58 -8.96 6.20
C PRO A 108 -18.27 -8.75 6.97
N SER A 109 -17.34 -9.67 6.77
CA SER A 109 -16.05 -9.59 7.44
C SER A 109 -16.20 -9.95 8.92
N SER A 110 -17.04 -9.17 9.60
CA SER A 110 -17.28 -9.41 11.01
C SER A 110 -18.70 -8.98 11.38
N GLY A 111 -19.55 -9.98 11.56
CA GLY A 111 -20.94 -9.73 11.91
C GLY A 111 -21.54 -8.65 11.00
N GLY A 1 -9.54 -11.29 -2.57
CA GLY A 1 -9.29 -12.41 -3.46
C GLY A 1 -9.07 -13.71 -2.67
N SER A 2 -7.83 -14.14 -2.64
CA SER A 2 -7.49 -15.36 -1.93
C SER A 2 -6.46 -15.06 -0.84
N SER A 3 -6.30 -16.00 0.07
CA SER A 3 -5.37 -15.85 1.17
C SER A 3 -5.81 -14.70 2.07
N GLY A 4 -6.47 -15.07 3.17
CA GLY A 4 -6.95 -14.09 4.12
C GLY A 4 -7.67 -14.76 5.29
N SER A 5 -7.13 -14.54 6.48
CA SER A 5 -7.71 -15.12 7.68
C SER A 5 -8.46 -14.04 8.47
N SER A 6 -9.66 -13.75 8.00
CA SER A 6 -10.49 -12.75 8.65
C SER A 6 -9.70 -11.45 8.83
N GLY A 7 -9.80 -10.58 7.83
CA GLY A 7 -9.11 -9.31 7.87
C GLY A 7 -8.00 -9.27 6.81
N MET A 8 -7.98 -8.15 6.08
CA MET A 8 -6.98 -7.97 5.04
C MET A 8 -5.88 -7.00 5.49
N VAL A 9 -4.66 -7.51 5.51
CA VAL A 9 -3.52 -6.71 5.91
C VAL A 9 -3.03 -5.89 4.73
N ILE A 10 -3.23 -4.58 4.83
CA ILE A 10 -2.81 -3.67 3.77
C ILE A 10 -1.29 -3.50 3.82
N ARG A 11 -0.59 -4.52 3.32
CA ARG A 11 0.86 -4.50 3.29
C ARG A 11 1.35 -3.27 2.53
N VAL A 12 1.62 -2.21 3.29
CA VAL A 12 2.11 -0.97 2.70
C VAL A 12 3.63 -0.97 2.72
N PHE A 13 4.21 -0.94 1.53
CA PHE A 13 5.65 -0.93 1.40
C PHE A 13 6.22 0.47 1.62
N ILE A 14 7.29 0.53 2.41
CA ILE A 14 7.92 1.79 2.72
C ILE A 14 9.44 1.60 2.68
N ALA A 15 10.14 2.70 2.40
CA ALA A 15 11.58 2.68 2.34
C ALA A 15 12.15 3.80 3.22
N SER A 16 12.41 3.47 4.47
CA SER A 16 12.95 4.44 5.40
C SER A 16 13.97 5.34 4.71
N SER A 17 14.98 4.69 4.14
CA SER A 17 16.03 5.43 3.44
C SER A 17 15.74 5.42 1.93
N SER A 18 15.00 6.43 1.49
CA SER A 18 14.66 6.55 0.09
C SER A 18 15.13 7.90 -0.44
N GLY A 19 15.72 8.69 0.44
CA GLY A 19 16.21 10.00 0.06
C GLY A 19 15.06 10.99 -0.08
N PHE A 20 14.19 10.70 -1.04
CA PHE A 20 13.05 11.56 -1.30
C PHE A 20 12.14 11.64 -0.06
N VAL A 21 12.26 12.76 0.64
CA VAL A 21 11.46 12.98 1.82
C VAL A 21 9.99 13.09 1.44
N ALA A 22 9.76 13.32 0.15
CA ALA A 22 8.41 13.44 -0.35
C ALA A 22 7.74 12.07 -0.36
N ILE A 23 8.52 11.07 -0.76
CA ILE A 23 8.02 9.70 -0.82
C ILE A 23 7.74 9.21 0.60
N LYS A 24 8.57 9.67 1.52
CA LYS A 24 8.42 9.28 2.92
C LYS A 24 7.15 9.93 3.49
N LYS A 25 6.85 11.11 2.98
CA LYS A 25 5.67 11.84 3.42
C LYS A 25 4.41 11.08 3.01
N LYS A 26 4.37 10.72 1.74
CA LYS A 26 3.23 9.99 1.21
C LYS A 26 3.06 8.68 1.99
N GLN A 27 4.18 8.01 2.22
CA GLN A 27 4.16 6.76 2.95
C GLN A 27 3.33 6.90 4.23
N GLN A 28 3.45 8.06 4.85
CA GLN A 28 2.71 8.35 6.08
C GLN A 28 1.22 8.51 5.77
N ASP A 29 0.94 9.39 4.83
CA ASP A 29 -0.44 9.65 4.44
C ASP A 29 -1.21 8.33 4.39
N VAL A 30 -0.50 7.28 3.99
CA VAL A 30 -1.10 5.96 3.91
C VAL A 30 -1.44 5.46 5.31
N VAL A 31 -0.45 4.81 5.93
CA VAL A 31 -0.62 4.29 7.27
C VAL A 31 -1.46 5.27 8.09
N ARG A 32 -1.01 6.50 8.13
CA ARG A 32 -1.71 7.54 8.88
C ARG A 32 -3.22 7.36 8.75
N PHE A 33 -3.68 7.39 7.51
CA PHE A 33 -5.11 7.22 7.24
C PHE A 33 -5.63 5.92 7.84
N LEU A 34 -4.90 4.85 7.58
CA LEU A 34 -5.28 3.54 8.09
C LEU A 34 -5.35 3.59 9.62
N GLU A 35 -4.29 4.10 10.21
CA GLU A 35 -4.22 4.21 11.66
C GLU A 35 -5.37 5.07 12.18
N ALA A 36 -5.53 6.23 11.56
CA ALA A 36 -6.59 7.15 11.94
C ALA A 36 -7.95 6.50 11.66
N ASN A 37 -7.94 5.53 10.77
CA ASN A 37 -9.16 4.82 10.41
C ASN A 37 -9.21 3.49 11.15
N LYS A 38 -8.15 3.23 11.92
CA LYS A 38 -8.06 2.00 12.68
C LYS A 38 -8.10 0.81 11.71
N ILE A 39 -7.53 1.02 10.54
CA ILE A 39 -7.50 -0.02 9.52
C ILE A 39 -6.27 -0.91 9.76
N GLU A 40 -6.42 -2.17 9.36
CA GLU A 40 -5.35 -3.13 9.52
C GLU A 40 -4.37 -3.05 8.34
N PHE A 41 -3.09 -3.07 8.67
CA PHE A 41 -2.06 -3.00 7.65
C PHE A 41 -0.67 -3.27 8.25
N GLU A 42 0.34 -3.16 7.40
CA GLU A 42 1.70 -3.37 7.84
C GLU A 42 2.68 -2.59 6.95
N GLU A 43 3.69 -2.03 7.60
CA GLU A 43 4.68 -1.25 6.90
C GLU A 43 5.84 -2.15 6.44
N VAL A 44 5.69 -2.68 5.23
CA VAL A 44 6.71 -3.56 4.68
C VAL A 44 7.94 -2.73 4.32
N ASP A 45 8.83 -2.60 5.30
CA ASP A 45 10.05 -1.83 5.12
C ASP A 45 10.88 -2.48 4.00
N ILE A 46 10.69 -1.96 2.79
CA ILE A 46 11.40 -2.48 1.64
C ILE A 46 12.88 -2.09 1.75
N THR A 47 13.12 -0.98 2.42
CA THR A 47 14.48 -0.49 2.60
C THR A 47 15.33 -1.53 3.34
N MET A 48 14.68 -2.23 4.27
CA MET A 48 15.37 -3.25 5.03
C MET A 48 15.27 -4.62 4.35
N SER A 49 14.05 -4.96 3.95
CA SER A 49 13.80 -6.22 3.29
C SER A 49 14.06 -6.08 1.78
N GLU A 50 15.26 -6.45 1.38
CA GLU A 50 15.64 -6.36 -0.02
C GLU A 50 14.64 -7.13 -0.89
N GLU A 51 14.26 -8.30 -0.41
CA GLU A 51 13.31 -9.14 -1.12
C GLU A 51 12.01 -8.38 -1.36
N GLN A 52 11.36 -8.02 -0.27
CA GLN A 52 10.10 -7.29 -0.35
C GLN A 52 10.16 -6.28 -1.50
N ARG A 53 11.16 -5.42 -1.43
CA ARG A 53 11.34 -4.39 -2.45
C ARG A 53 11.38 -5.02 -3.84
N GLN A 54 12.27 -6.01 -3.98
CA GLN A 54 12.42 -6.71 -5.24
C GLN A 54 11.07 -7.22 -5.73
N TRP A 55 10.32 -7.81 -4.82
CA TRP A 55 9.01 -8.35 -5.15
C TRP A 55 8.19 -7.23 -5.79
N MET A 56 8.05 -6.14 -5.05
CA MET A 56 7.30 -4.99 -5.54
C MET A 56 7.69 -4.66 -6.98
N TYR A 57 8.99 -4.49 -7.19
CA TYR A 57 9.50 -4.16 -8.51
C TYR A 57 9.01 -5.17 -9.55
N LYS A 58 8.54 -6.31 -9.05
CA LYS A 58 8.04 -7.35 -9.92
C LYS A 58 6.52 -7.26 -10.01
N ASN A 59 5.94 -6.61 -9.01
CA ASN A 59 4.50 -6.44 -8.95
C ASN A 59 4.16 -4.98 -9.18
N VAL A 60 4.83 -4.39 -10.17
CA VAL A 60 4.60 -3.00 -10.51
C VAL A 60 5.00 -2.76 -11.97
N PRO A 61 3.98 -2.41 -12.79
CA PRO A 61 4.22 -2.15 -14.20
C PRO A 61 4.90 -0.80 -14.41
N PRO A 62 5.33 -0.55 -15.67
CA PRO A 62 5.99 0.70 -16.01
C PRO A 62 4.98 1.85 -16.09
N GLU A 63 3.75 1.50 -16.45
CA GLU A 63 2.69 2.48 -16.57
C GLU A 63 2.34 3.06 -15.20
N LYS A 64 2.43 2.19 -14.19
CA LYS A 64 2.14 2.60 -12.83
C LYS A 64 3.37 3.27 -12.22
N LYS A 65 4.53 2.77 -12.61
CA LYS A 65 5.78 3.31 -12.10
C LYS A 65 5.69 4.84 -12.06
N PRO A 66 6.15 5.41 -10.91
CA PRO A 66 6.12 6.85 -10.71
C PRO A 66 7.22 7.53 -11.55
N THR A 67 8.42 7.53 -10.99
CA THR A 67 9.55 8.16 -11.65
C THR A 67 9.59 7.74 -13.12
N GLN A 68 10.38 6.71 -13.40
CA GLN A 68 10.51 6.21 -14.76
C GLN A 68 11.29 4.90 -14.77
N GLY A 69 12.41 4.90 -14.04
CA GLY A 69 13.24 3.72 -13.96
C GLY A 69 12.57 2.63 -13.14
N ASN A 70 12.89 2.61 -11.86
CA ASN A 70 12.33 1.62 -10.96
C ASN A 70 11.19 2.25 -10.16
N PRO A 71 10.29 1.37 -9.64
CA PRO A 71 9.16 1.82 -8.85
C PRO A 71 9.59 2.26 -7.46
N LEU A 72 8.92 3.30 -6.96
CA LEU A 72 9.23 3.82 -5.64
C LEU A 72 7.96 3.80 -4.79
N PRO A 73 8.18 3.82 -3.44
CA PRO A 73 7.07 3.81 -2.51
C PRO A 73 6.38 5.18 -2.45
N PRO A 74 5.19 5.19 -1.79
CA PRO A 74 4.65 3.99 -1.19
C PRO A 74 4.07 3.05 -2.26
N GLN A 75 3.95 1.79 -1.89
CA GLN A 75 3.43 0.79 -2.80
C GLN A 75 2.43 -0.12 -2.08
N ILE A 76 1.24 0.43 -1.85
CA ILE A 76 0.19 -0.32 -1.17
C ILE A 76 0.01 -1.67 -1.85
N PHE A 77 -0.10 -2.70 -1.02
CA PHE A 77 -0.28 -4.05 -1.53
C PHE A 77 -1.15 -4.88 -0.59
N ASN A 78 -2.38 -5.15 -1.05
CA ASN A 78 -3.31 -5.93 -0.26
C ASN A 78 -3.07 -7.42 -0.51
N GLY A 79 -2.37 -8.04 0.42
CA GLY A 79 -2.05 -9.45 0.32
C GLY A 79 -1.04 -9.71 -0.80
N ASP A 80 -1.57 -9.94 -1.99
CA ASP A 80 -0.73 -10.21 -3.14
C ASP A 80 -1.30 -9.49 -4.36
N ARG A 81 -2.21 -8.57 -4.09
CA ARG A 81 -2.84 -7.80 -5.16
C ARG A 81 -2.38 -6.35 -5.12
N TYR A 82 -1.82 -5.91 -6.22
CA TYR A 82 -1.32 -4.55 -6.33
C TYR A 82 -2.47 -3.54 -6.21
N CYS A 83 -2.46 -2.80 -5.11
CA CYS A 83 -3.49 -1.81 -4.86
C CYS A 83 -3.21 -0.59 -5.75
N GLY A 84 -2.15 0.12 -5.41
CA GLY A 84 -1.76 1.30 -6.16
C GLY A 84 -0.80 2.18 -5.36
N ASP A 85 -0.13 3.08 -6.06
CA ASP A 85 0.81 3.98 -5.42
C ASP A 85 0.05 5.11 -4.74
N TYR A 86 0.81 6.00 -4.11
CA TYR A 86 0.21 7.13 -3.41
C TYR A 86 -0.76 7.88 -4.33
N ASP A 87 -0.47 7.85 -5.62
CA ASP A 87 -1.30 8.52 -6.59
C ASP A 87 -2.72 7.94 -6.53
N SER A 88 -2.77 6.61 -6.51
CA SER A 88 -4.05 5.92 -6.46
C SER A 88 -4.78 6.28 -5.16
N PHE A 89 -4.12 6.03 -4.05
CA PHE A 89 -4.70 6.32 -2.75
C PHE A 89 -5.36 7.70 -2.75
N PHE A 90 -4.58 8.70 -3.12
CA PHE A 90 -5.08 10.07 -3.16
C PHE A 90 -6.30 10.17 -4.06
N GLU A 91 -6.18 9.59 -5.25
CA GLU A 91 -7.27 9.61 -6.20
C GLU A 91 -8.51 8.92 -5.63
N SER A 92 -8.29 8.20 -4.54
CA SER A 92 -9.37 7.50 -3.87
C SER A 92 -9.88 8.31 -2.69
N LYS A 93 -8.94 8.94 -2.00
CA LYS A 93 -9.29 9.76 -0.84
C LYS A 93 -10.36 10.77 -1.23
N GLU A 94 -10.24 11.28 -2.45
CA GLU A 94 -11.20 12.24 -2.96
C GLU A 94 -12.61 11.67 -2.93
N SER A 95 -12.69 10.37 -3.23
CA SER A 95 -13.98 9.70 -3.24
C SER A 95 -14.15 8.88 -1.95
N ASN A 96 -13.11 8.93 -1.11
CA ASN A 96 -13.14 8.21 0.15
C ASN A 96 -13.29 6.71 -0.13
N THR A 97 -12.61 6.26 -1.18
CA THR A 97 -12.66 4.86 -1.56
C THR A 97 -11.40 4.14 -1.09
N VAL A 98 -10.57 4.86 -0.37
CA VAL A 98 -9.33 4.30 0.15
C VAL A 98 -9.57 2.86 0.59
N PHE A 99 -10.62 2.67 1.38
CA PHE A 99 -10.96 1.35 1.87
C PHE A 99 -11.06 0.36 0.71
N SER A 100 -11.89 0.71 -0.26
CA SER A 100 -12.08 -0.15 -1.42
C SER A 100 -10.80 -0.23 -2.24
N PHE A 101 -10.15 0.92 -2.36
CA PHE A 101 -8.90 1.01 -3.12
C PHE A 101 -7.90 -0.04 -2.63
N LEU A 102 -7.92 -0.28 -1.33
CA LEU A 102 -7.03 -1.26 -0.73
C LEU A 102 -7.66 -2.65 -0.80
N GLY A 103 -8.99 -2.65 -0.87
CA GLY A 103 -9.73 -3.90 -0.94
C GLY A 103 -10.43 -4.19 0.39
N LEU A 104 -10.83 -3.12 1.06
CA LEU A 104 -11.50 -3.25 2.34
C LEU A 104 -13.01 -3.04 2.14
N LYS A 105 -13.61 -3.96 1.42
CA LYS A 105 -15.04 -3.89 1.14
C LYS A 105 -15.42 -4.98 0.15
N SER A 106 -14.85 -4.88 -1.05
CA SER A 106 -15.12 -5.85 -2.09
C SER A 106 -15.23 -7.26 -1.49
N GLY A 107 -14.17 -7.66 -0.81
CA GLY A 107 -14.12 -8.97 -0.18
C GLY A 107 -15.10 -9.04 0.99
N PRO A 108 -15.64 -10.27 1.22
CA PRO A 108 -16.58 -10.48 2.30
C PRO A 108 -15.87 -10.52 3.65
N SER A 109 -15.87 -9.37 4.32
CA SER A 109 -15.22 -9.26 5.61
C SER A 109 -16.02 -8.30 6.51
N SER A 110 -16.67 -8.89 7.51
CA SER A 110 -17.46 -8.10 8.44
C SER A 110 -17.50 -8.79 9.81
N GLY A 111 -17.90 -8.03 10.81
CA GLY A 111 -17.99 -8.55 12.16
C GLY A 111 -18.98 -9.71 12.25
N GLY A 1 -14.79 -23.25 -0.22
CA GLY A 1 -14.29 -22.12 0.56
C GLY A 1 -15.43 -21.38 1.26
N SER A 2 -15.76 -21.86 2.45
CA SER A 2 -16.82 -21.26 3.24
C SER A 2 -16.24 -20.63 4.51
N SER A 3 -15.60 -21.47 5.30
CA SER A 3 -14.99 -21.01 6.54
C SER A 3 -13.50 -21.35 6.56
N GLY A 4 -12.70 -20.30 6.56
CA GLY A 4 -11.25 -20.47 6.58
C GLY A 4 -10.54 -19.19 6.15
N SER A 5 -10.03 -18.47 7.14
CA SER A 5 -9.32 -17.23 6.88
C SER A 5 -8.91 -16.57 8.20
N SER A 6 -7.89 -15.73 8.11
CA SER A 6 -7.38 -15.04 9.29
C SER A 6 -7.87 -13.59 9.27
N GLY A 7 -7.56 -12.90 8.18
CA GLY A 7 -7.94 -11.51 8.04
C GLY A 7 -7.18 -10.83 6.91
N MET A 8 -7.38 -9.53 6.79
CA MET A 8 -6.72 -8.76 5.75
C MET A 8 -5.60 -7.90 6.34
N VAL A 9 -4.72 -7.45 5.46
CA VAL A 9 -3.61 -6.61 5.88
C VAL A 9 -3.06 -5.85 4.67
N ILE A 10 -3.39 -4.57 4.61
CA ILE A 10 -2.94 -3.73 3.52
C ILE A 10 -1.41 -3.57 3.59
N ARG A 11 -0.73 -4.62 3.18
CA ARG A 11 0.73 -4.61 3.19
C ARG A 11 1.26 -3.40 2.42
N VAL A 12 1.62 -2.37 3.16
CA VAL A 12 2.14 -1.15 2.56
C VAL A 12 3.66 -1.18 2.62
N PHE A 13 4.28 -1.05 1.45
CA PHE A 13 5.73 -1.06 1.36
C PHE A 13 6.29 0.35 1.53
N ILE A 14 7.36 0.44 2.31
CA ILE A 14 8.01 1.71 2.56
C ILE A 14 9.53 1.54 2.47
N ALA A 15 10.17 2.56 1.92
CA ALA A 15 11.62 2.53 1.78
C ALA A 15 12.23 3.72 2.53
N SER A 16 12.44 3.51 3.82
CA SER A 16 13.01 4.54 4.67
C SER A 16 14.24 5.14 3.99
N SER A 17 15.00 4.28 3.33
CA SER A 17 16.20 4.70 2.65
C SER A 17 15.84 5.72 1.56
N SER A 18 14.67 5.53 0.97
CA SER A 18 14.20 6.42 -0.09
C SER A 18 14.57 7.86 0.25
N GLY A 19 15.35 8.46 -0.65
CA GLY A 19 15.78 9.84 -0.46
C GLY A 19 14.59 10.79 -0.50
N PHE A 20 13.95 10.83 -1.66
CA PHE A 20 12.79 11.70 -1.84
C PHE A 20 11.93 11.75 -0.58
N VAL A 21 11.84 12.93 -0.01
CA VAL A 21 11.06 13.13 1.20
C VAL A 21 9.57 13.05 0.85
N ALA A 22 9.24 13.57 -0.32
CA ALA A 22 7.86 13.56 -0.79
C ALA A 22 7.24 12.20 -0.51
N ILE A 23 8.05 11.16 -0.69
CA ILE A 23 7.60 9.80 -0.46
C ILE A 23 7.22 9.63 1.00
N LYS A 24 8.15 10.01 1.87
CA LYS A 24 7.93 9.90 3.30
C LYS A 24 6.50 10.34 3.62
N LYS A 25 6.24 11.62 3.41
CA LYS A 25 4.92 12.17 3.67
C LYS A 25 3.85 11.19 3.18
N LYS A 26 3.97 10.84 1.91
CA LYS A 26 3.01 9.90 1.32
C LYS A 26 2.94 8.64 2.16
N GLN A 27 4.08 7.96 2.25
CA GLN A 27 4.16 6.73 3.03
C GLN A 27 3.37 6.88 4.33
N GLN A 28 3.44 8.08 4.90
CA GLN A 28 2.74 8.36 6.14
C GLN A 28 1.23 8.45 5.90
N ASP A 29 0.85 9.49 5.18
CA ASP A 29 -0.56 9.70 4.86
C ASP A 29 -1.23 8.35 4.57
N VAL A 30 -0.43 7.44 4.03
CA VAL A 30 -0.92 6.11 3.71
C VAL A 30 -1.31 5.38 5.00
N VAL A 31 -0.30 5.10 5.81
CA VAL A 31 -0.52 4.41 7.07
C VAL A 31 -1.35 5.31 8.00
N ARG A 32 -0.89 6.55 8.12
CA ARG A 32 -1.56 7.51 8.97
C ARG A 32 -3.08 7.34 8.87
N PHE A 33 -3.56 7.31 7.63
CA PHE A 33 -4.98 7.16 7.38
C PHE A 33 -5.49 5.82 7.92
N LEU A 34 -4.73 4.77 7.63
CA LEU A 34 -5.08 3.43 8.08
C LEU A 34 -5.07 3.39 9.61
N GLU A 35 -4.00 3.93 10.17
CA GLU A 35 -3.85 3.96 11.62
C GLU A 35 -5.00 4.75 12.25
N ALA A 36 -5.22 5.94 11.72
CA ALA A 36 -6.29 6.80 12.22
C ALA A 36 -7.64 6.10 12.00
N ASN A 37 -7.67 5.22 11.01
CA ASN A 37 -8.88 4.50 10.70
C ASN A 37 -8.75 3.06 11.19
N LYS A 38 -7.73 2.84 12.02
CA LYS A 38 -7.49 1.52 12.57
C LYS A 38 -7.75 0.47 11.49
N ILE A 39 -7.14 0.67 10.33
CA ILE A 39 -7.31 -0.24 9.22
C ILE A 39 -6.16 -1.26 9.23
N GLU A 40 -6.45 -2.45 8.72
CA GLU A 40 -5.45 -3.50 8.66
C GLU A 40 -4.40 -3.17 7.60
N PHE A 41 -3.15 -3.27 8.02
CA PHE A 41 -2.04 -2.98 7.12
C PHE A 41 -0.70 -3.18 7.83
N GLU A 42 0.36 -3.08 7.05
CA GLU A 42 1.71 -3.25 7.59
C GLU A 42 2.73 -2.50 6.73
N GLU A 43 3.71 -1.94 7.40
CA GLU A 43 4.75 -1.18 6.71
C GLU A 43 5.90 -2.11 6.29
N VAL A 44 5.71 -2.74 5.16
CA VAL A 44 6.72 -3.66 4.63
C VAL A 44 7.98 -2.87 4.29
N ASP A 45 8.81 -2.67 5.31
CA ASP A 45 10.05 -1.95 5.13
C ASP A 45 10.87 -2.61 4.03
N ILE A 46 10.82 -1.99 2.85
CA ILE A 46 11.56 -2.52 1.71
C ILE A 46 13.01 -2.04 1.77
N THR A 47 13.21 -0.98 2.53
CA THR A 47 14.54 -0.41 2.70
C THR A 47 15.42 -1.33 3.53
N MET A 48 14.77 -2.06 4.43
CA MET A 48 15.48 -2.98 5.30
C MET A 48 15.53 -4.38 4.68
N SER A 49 14.41 -4.79 4.10
CA SER A 49 14.32 -6.09 3.47
C SER A 49 14.40 -5.94 1.95
N GLU A 50 15.55 -6.35 1.42
CA GLU A 50 15.77 -6.26 -0.02
C GLU A 50 14.75 -7.13 -0.77
N GLU A 51 14.63 -8.36 -0.31
CA GLU A 51 13.68 -9.29 -0.92
C GLU A 51 12.35 -8.59 -1.21
N GLN A 52 11.73 -8.12 -0.14
CA GLN A 52 10.46 -7.43 -0.27
C GLN A 52 10.49 -6.46 -1.46
N ARG A 53 11.51 -5.62 -1.46
CA ARG A 53 11.67 -4.65 -2.53
C ARG A 53 11.52 -5.32 -3.89
N GLN A 54 12.46 -6.20 -4.19
CA GLN A 54 12.44 -6.92 -5.45
C GLN A 54 11.02 -7.36 -5.79
N TRP A 55 10.40 -8.05 -4.84
CA TRP A 55 9.04 -8.54 -5.02
C TRP A 55 8.18 -7.37 -5.52
N MET A 56 8.28 -6.26 -4.80
CA MET A 56 7.52 -5.07 -5.16
C MET A 56 7.80 -4.66 -6.61
N TYR A 57 9.07 -4.76 -6.99
CA TYR A 57 9.48 -4.39 -8.34
C TYR A 57 8.98 -5.43 -9.35
N LYS A 58 8.38 -6.49 -8.82
CA LYS A 58 7.85 -7.56 -9.67
C LYS A 58 6.33 -7.47 -9.70
N ASN A 59 5.79 -6.68 -8.78
CA ASN A 59 4.35 -6.49 -8.69
C ASN A 59 4.00 -5.05 -9.01
N VAL A 60 4.70 -4.50 -9.99
CA VAL A 60 4.47 -3.12 -10.40
C VAL A 60 4.88 -2.95 -11.87
N PRO A 61 3.87 -2.64 -12.72
CA PRO A 61 4.13 -2.45 -14.13
C PRO A 61 4.81 -1.10 -14.40
N PRO A 62 5.25 -0.92 -15.67
CA PRO A 62 5.92 0.31 -16.06
C PRO A 62 4.92 1.46 -16.20
N GLU A 63 3.69 1.09 -16.56
CA GLU A 63 2.64 2.07 -16.74
C GLU A 63 2.23 2.66 -15.39
N LYS A 64 2.59 1.95 -14.34
CA LYS A 64 2.27 2.39 -12.99
C LYS A 64 3.51 3.02 -12.35
N LYS A 65 4.67 2.52 -12.76
CA LYS A 65 5.93 3.02 -12.25
C LYS A 65 5.84 4.55 -12.10
N PRO A 66 6.04 5.02 -10.84
CA PRO A 66 5.99 6.44 -10.57
C PRO A 66 7.26 7.15 -11.07
N THR A 67 7.20 8.47 -11.06
CA THR A 67 8.34 9.26 -11.51
C THR A 67 9.02 8.60 -12.71
N GLN A 68 10.08 7.87 -12.41
CA GLN A 68 10.82 7.18 -13.46
C GLN A 68 11.73 6.12 -12.84
N GLY A 69 11.87 5.01 -13.55
CA GLY A 69 12.71 3.92 -13.10
C GLY A 69 11.92 2.96 -12.19
N ASN A 70 12.65 2.12 -11.50
CA ASN A 70 12.04 1.16 -10.60
C ASN A 70 10.91 1.84 -9.82
N PRO A 71 9.96 1.00 -9.34
CA PRO A 71 8.83 1.51 -8.58
C PRO A 71 9.24 1.90 -7.16
N LEU A 72 8.87 3.12 -6.78
CA LEU A 72 9.21 3.63 -5.47
C LEU A 72 7.94 3.67 -4.61
N PRO A 73 8.16 3.67 -3.26
CA PRO A 73 7.05 3.70 -2.33
C PRO A 73 6.43 5.11 -2.27
N PRO A 74 5.25 5.18 -1.58
CA PRO A 74 4.66 4.00 -0.98
C PRO A 74 4.03 3.09 -2.04
N GLN A 75 3.85 1.83 -1.66
CA GLN A 75 3.27 0.86 -2.57
C GLN A 75 2.32 -0.06 -1.81
N ILE A 76 1.08 0.39 -1.67
CA ILE A 76 0.07 -0.38 -0.96
C ILE A 76 -0.16 -1.71 -1.70
N PHE A 77 -0.38 -2.75 -0.92
CA PHE A 77 -0.62 -4.07 -1.48
C PHE A 77 -1.51 -4.90 -0.56
N ASN A 78 -2.68 -5.26 -1.08
CA ASN A 78 -3.63 -6.05 -0.33
C ASN A 78 -3.30 -7.53 -0.50
N GLY A 79 -2.43 -8.02 0.36
CA GLY A 79 -2.02 -9.41 0.32
C GLY A 79 -1.53 -9.80 -1.08
N ASP A 80 -0.45 -9.15 -1.49
CA ASP A 80 0.12 -9.41 -2.80
C ASP A 80 -0.62 -8.58 -3.84
N ARG A 81 -1.94 -8.55 -3.73
CA ARG A 81 -2.76 -7.80 -4.66
C ARG A 81 -2.27 -6.35 -4.73
N TYR A 82 -1.97 -5.92 -5.96
CA TYR A 82 -1.50 -4.57 -6.19
C TYR A 82 -2.66 -3.56 -6.07
N CYS A 83 -2.55 -2.70 -5.06
CA CYS A 83 -3.57 -1.69 -4.83
C CYS A 83 -3.23 -0.47 -5.69
N GLY A 84 -2.12 0.17 -5.34
CA GLY A 84 -1.67 1.35 -6.06
C GLY A 84 -0.77 2.22 -5.19
N ASP A 85 0.02 3.05 -5.85
CA ASP A 85 0.95 3.93 -5.16
C ASP A 85 0.15 5.05 -4.47
N TYR A 86 0.89 5.97 -3.87
CA TYR A 86 0.27 7.09 -3.18
C TYR A 86 -0.73 7.82 -4.09
N ASP A 87 -0.35 7.93 -5.36
CA ASP A 87 -1.19 8.59 -6.34
C ASP A 87 -2.60 7.98 -6.29
N SER A 88 -2.63 6.66 -6.37
CA SER A 88 -3.90 5.95 -6.33
C SER A 88 -4.65 6.27 -5.04
N PHE A 89 -3.97 6.04 -3.92
CA PHE A 89 -4.55 6.30 -2.63
C PHE A 89 -5.23 7.67 -2.59
N PHE A 90 -4.43 8.70 -2.86
CA PHE A 90 -4.95 10.06 -2.86
C PHE A 90 -6.15 10.19 -3.80
N GLU A 91 -5.95 9.77 -5.04
CA GLU A 91 -7.01 9.82 -6.03
C GLU A 91 -8.32 9.27 -5.45
N SER A 92 -8.21 8.08 -4.88
CA SER A 92 -9.38 7.44 -4.28
C SER A 92 -9.77 8.15 -2.99
N LYS A 93 -8.81 8.87 -2.43
CA LYS A 93 -9.04 9.61 -1.20
C LYS A 93 -10.02 10.75 -1.47
N GLU A 94 -9.72 11.51 -2.52
CA GLU A 94 -10.56 12.63 -2.90
C GLU A 94 -12.01 12.16 -3.13
N SER A 95 -12.14 10.88 -3.40
CA SER A 95 -13.44 10.29 -3.63
C SER A 95 -13.91 9.53 -2.39
N ASN A 96 -12.95 9.25 -1.52
CA ASN A 96 -13.26 8.53 -0.28
C ASN A 96 -13.47 7.05 -0.60
N THR A 97 -12.53 6.50 -1.36
CA THR A 97 -12.60 5.10 -1.75
C THR A 97 -11.37 4.34 -1.24
N VAL A 98 -10.53 5.07 -0.51
CA VAL A 98 -9.31 4.48 0.03
C VAL A 98 -9.59 3.04 0.45
N PHE A 99 -10.61 2.89 1.29
CA PHE A 99 -10.98 1.57 1.78
C PHE A 99 -11.09 0.57 0.62
N SER A 100 -11.84 0.97 -0.39
CA SER A 100 -12.03 0.13 -1.56
C SER A 100 -10.74 0.03 -2.36
N PHE A 101 -10.10 1.18 -2.54
CA PHE A 101 -8.85 1.24 -3.28
C PHE A 101 -7.89 0.15 -2.81
N LEU A 102 -7.90 -0.10 -1.51
CA LEU A 102 -7.03 -1.11 -0.93
C LEU A 102 -7.72 -2.49 -1.03
N GLY A 103 -9.04 -2.44 -1.06
CA GLY A 103 -9.83 -3.67 -1.15
C GLY A 103 -10.53 -3.97 0.17
N LEU A 104 -11.11 -2.94 0.75
CA LEU A 104 -11.82 -3.08 2.01
C LEU A 104 -13.31 -2.82 1.79
N LYS A 105 -13.88 -3.59 0.87
CA LYS A 105 -15.28 -3.46 0.55
C LYS A 105 -15.70 -4.59 -0.40
N SER A 106 -15.84 -5.78 0.17
CA SER A 106 -16.23 -6.95 -0.61
C SER A 106 -16.25 -8.19 0.28
N GLY A 107 -17.35 -8.33 1.01
CA GLY A 107 -17.52 -9.46 1.91
C GLY A 107 -17.98 -9.01 3.28
N PRO A 108 -18.38 -10.01 4.12
CA PRO A 108 -18.85 -9.72 5.46
C PRO A 108 -17.68 -9.38 6.39
N SER A 109 -17.95 -8.48 7.32
CA SER A 109 -16.93 -8.06 8.27
C SER A 109 -17.56 -7.15 9.34
N SER A 110 -17.24 -7.46 10.59
CA SER A 110 -17.76 -6.68 11.70
C SER A 110 -16.60 -6.11 12.52
N GLY A 111 -16.85 -4.95 13.11
CA GLY A 111 -15.85 -4.29 13.93
C GLY A 111 -15.03 -3.31 13.09
N GLY A 1 -3.21 -20.47 8.18
CA GLY A 1 -4.26 -21.41 7.79
C GLY A 1 -5.62 -20.97 8.33
N SER A 2 -6.39 -21.95 8.78
CA SER A 2 -7.71 -21.67 9.32
C SER A 2 -8.59 -21.03 8.25
N SER A 3 -9.55 -21.80 7.76
CA SER A 3 -10.46 -21.32 6.74
C SER A 3 -11.79 -20.91 7.38
N GLY A 4 -11.90 -19.63 7.68
CA GLY A 4 -13.11 -19.09 8.29
C GLY A 4 -13.18 -17.58 8.11
N SER A 5 -12.76 -16.87 9.15
CA SER A 5 -12.77 -15.42 9.12
C SER A 5 -11.35 -14.88 9.23
N SER A 6 -11.07 -13.85 8.44
CA SER A 6 -9.75 -13.23 8.43
C SER A 6 -9.84 -11.85 7.79
N GLY A 7 -8.99 -10.96 8.28
CA GLY A 7 -8.95 -9.59 7.77
C GLY A 7 -7.84 -9.44 6.73
N MET A 8 -8.00 -8.42 5.89
CA MET A 8 -7.02 -8.16 4.85
C MET A 8 -5.99 -7.14 5.33
N VAL A 9 -4.73 -7.56 5.28
CA VAL A 9 -3.64 -6.70 5.71
C VAL A 9 -3.14 -5.88 4.51
N ILE A 10 -3.37 -4.59 4.58
CA ILE A 10 -2.96 -3.69 3.52
C ILE A 10 -1.45 -3.49 3.59
N ARG A 11 -0.72 -4.49 3.11
CA ARG A 11 0.73 -4.43 3.11
C ARG A 11 1.22 -3.20 2.36
N VAL A 12 1.69 -2.22 3.12
CA VAL A 12 2.18 -0.99 2.54
C VAL A 12 3.71 -1.00 2.56
N PHE A 13 4.30 -1.11 1.37
CA PHE A 13 5.74 -1.14 1.25
C PHE A 13 6.33 0.27 1.38
N ILE A 14 7.36 0.36 2.20
CA ILE A 14 8.02 1.64 2.44
C ILE A 14 9.53 1.43 2.47
N ALA A 15 10.25 2.42 1.97
CA ALA A 15 11.70 2.36 1.94
C ALA A 15 12.27 3.47 2.83
N SER A 16 12.20 3.23 4.14
CA SER A 16 12.71 4.19 5.10
C SER A 16 14.19 4.46 4.84
N SER A 17 14.44 5.39 3.94
CA SER A 17 15.81 5.75 3.59
C SER A 17 15.82 6.54 2.28
N SER A 18 14.91 6.17 1.39
CA SER A 18 14.81 6.83 0.10
C SER A 18 15.01 8.33 0.26
N GLY A 19 15.97 8.86 -0.49
CA GLY A 19 16.27 10.28 -0.44
C GLY A 19 15.18 11.10 -1.13
N PHE A 20 13.97 10.99 -0.60
CA PHE A 20 12.84 11.71 -1.16
C PHE A 20 11.75 11.91 -0.11
N VAL A 21 11.87 13.00 0.63
CA VAL A 21 10.91 13.32 1.67
C VAL A 21 9.50 13.14 1.11
N ALA A 22 9.34 13.52 -0.14
CA ALA A 22 8.04 13.41 -0.79
C ALA A 22 7.47 12.02 -0.53
N ILE A 23 8.28 11.01 -0.79
CA ILE A 23 7.86 9.62 -0.59
C ILE A 23 7.38 9.46 0.85
N LYS A 24 8.25 9.80 1.78
CA LYS A 24 7.93 9.68 3.19
C LYS A 24 6.51 10.20 3.42
N LYS A 25 6.32 11.48 3.16
CA LYS A 25 5.02 12.11 3.33
C LYS A 25 3.94 11.16 2.85
N LYS A 26 4.06 10.77 1.58
CA LYS A 26 3.10 9.87 0.98
C LYS A 26 3.02 8.59 1.82
N GLN A 27 4.19 8.07 2.15
CA GLN A 27 4.26 6.84 2.94
C GLN A 27 3.48 7.02 4.25
N GLN A 28 3.50 8.24 4.76
CA GLN A 28 2.80 8.54 5.99
C GLN A 28 1.30 8.64 5.75
N ASP A 29 0.93 9.59 4.90
CA ASP A 29 -0.47 9.80 4.57
C ASP A 29 -1.17 8.45 4.44
N VAL A 30 -0.39 7.45 4.01
CA VAL A 30 -0.91 6.11 3.83
C VAL A 30 -1.26 5.52 5.19
N VAL A 31 -0.28 4.87 5.80
CA VAL A 31 -0.47 4.26 7.09
C VAL A 31 -1.31 5.19 7.98
N ARG A 32 -0.86 6.42 8.08
CA ARG A 32 -1.56 7.42 8.89
C ARG A 32 -3.06 7.23 8.76
N PHE A 33 -3.55 7.44 7.54
CA PHE A 33 -4.97 7.29 7.27
C PHE A 33 -5.51 5.97 7.82
N LEU A 34 -4.72 4.93 7.63
CA LEU A 34 -5.10 3.60 8.10
C LEU A 34 -5.12 3.59 9.63
N GLU A 35 -4.02 4.04 10.20
CA GLU A 35 -3.90 4.09 11.66
C GLU A 35 -5.03 4.93 12.25
N ALA A 36 -5.18 6.14 11.71
CA ALA A 36 -6.21 7.04 12.17
C ALA A 36 -7.59 6.38 12.01
N ASN A 37 -7.66 5.48 11.03
CA ASN A 37 -8.90 4.78 10.76
C ASN A 37 -8.78 3.34 11.29
N LYS A 38 -7.76 3.13 12.10
CA LYS A 38 -7.53 1.81 12.68
C LYS A 38 -7.82 0.73 11.63
N ILE A 39 -7.18 0.88 10.49
CA ILE A 39 -7.35 -0.07 9.39
C ILE A 39 -6.21 -1.08 9.42
N GLU A 40 -6.50 -2.26 8.88
CA GLU A 40 -5.52 -3.32 8.83
C GLU A 40 -4.47 -3.03 7.75
N PHE A 41 -3.22 -3.18 8.12
CA PHE A 41 -2.12 -2.94 7.20
C PHE A 41 -0.76 -3.18 7.87
N GLU A 42 0.29 -3.01 7.09
CA GLU A 42 1.64 -3.21 7.59
C GLU A 42 2.64 -2.43 6.74
N GLU A 43 3.66 -1.91 7.42
CA GLU A 43 4.69 -1.14 6.73
C GLU A 43 5.84 -2.06 6.31
N VAL A 44 5.66 -2.68 5.15
CA VAL A 44 6.67 -3.59 4.62
C VAL A 44 7.92 -2.78 4.25
N ASP A 45 8.75 -2.56 5.25
CA ASP A 45 9.99 -1.80 5.04
C ASP A 45 10.83 -2.51 3.98
N ILE A 46 10.64 -2.09 2.74
CA ILE A 46 11.38 -2.68 1.63
C ILE A 46 12.87 -2.35 1.79
N THR A 47 13.13 -1.16 2.30
CA THR A 47 14.50 -0.72 2.51
C THR A 47 15.26 -1.72 3.38
N MET A 48 14.57 -2.21 4.40
CA MET A 48 15.17 -3.18 5.30
C MET A 48 15.41 -4.52 4.60
N SER A 49 14.34 -5.07 4.06
CA SER A 49 14.42 -6.33 3.36
C SER A 49 14.44 -6.10 1.84
N GLU A 50 15.52 -6.52 1.22
CA GLU A 50 15.68 -6.37 -0.21
C GLU A 50 14.55 -7.09 -0.95
N GLU A 51 14.41 -8.37 -0.65
CA GLU A 51 13.38 -9.19 -1.27
C GLU A 51 12.09 -8.38 -1.41
N GLN A 52 11.57 -7.95 -0.26
CA GLN A 52 10.34 -7.19 -0.25
C GLN A 52 10.31 -6.20 -1.42
N ARG A 53 11.37 -5.42 -1.53
CA ARG A 53 11.48 -4.45 -2.60
C ARG A 53 11.45 -5.15 -3.97
N GLN A 54 12.37 -6.07 -4.14
CA GLN A 54 12.47 -6.82 -5.37
C GLN A 54 11.09 -7.31 -5.81
N TRP A 55 10.43 -8.02 -4.91
CA TRP A 55 9.11 -8.55 -5.18
C TRP A 55 8.25 -7.40 -5.72
N MET A 56 8.26 -6.30 -4.99
CA MET A 56 7.50 -5.13 -5.38
C MET A 56 7.78 -4.74 -6.84
N TYR A 57 9.06 -4.74 -7.17
CA TYR A 57 9.48 -4.39 -8.52
C TYR A 57 9.02 -5.45 -9.52
N LYS A 58 8.48 -6.53 -8.99
CA LYS A 58 7.98 -7.61 -9.82
C LYS A 58 6.45 -7.61 -9.82
N ASN A 59 5.90 -6.72 -9.00
CA ASN A 59 4.46 -6.61 -8.89
C ASN A 59 4.05 -5.16 -9.18
N VAL A 60 4.74 -4.57 -10.14
CA VAL A 60 4.46 -3.20 -10.53
C VAL A 60 4.81 -3.00 -12.00
N PRO A 61 3.77 -2.71 -12.81
CA PRO A 61 3.96 -2.50 -14.24
C PRO A 61 4.58 -1.12 -14.50
N PRO A 62 4.96 -0.91 -15.79
CA PRO A 62 5.57 0.34 -16.19
C PRO A 62 4.53 1.46 -16.28
N GLU A 63 3.30 1.05 -16.60
CA GLU A 63 2.21 2.00 -16.72
C GLU A 63 1.86 2.59 -15.34
N LYS A 64 2.24 1.85 -14.31
CA LYS A 64 1.97 2.28 -12.95
C LYS A 64 3.24 2.87 -12.35
N LYS A 65 4.38 2.36 -12.81
CA LYS A 65 5.67 2.83 -12.34
C LYS A 65 5.62 4.35 -12.17
N PRO A 66 5.87 4.79 -10.90
CA PRO A 66 5.86 6.21 -10.58
C PRO A 66 7.12 6.89 -11.11
N THR A 67 7.37 8.08 -10.58
CA THR A 67 8.54 8.85 -10.99
C THR A 67 9.77 7.95 -11.06
N GLN A 68 10.73 8.39 -11.86
CA GLN A 68 11.96 7.63 -12.03
C GLN A 68 11.67 6.30 -12.73
N GLY A 69 12.72 5.49 -12.82
CA GLY A 69 12.59 4.18 -13.45
C GLY A 69 11.88 3.19 -12.54
N ASN A 70 12.67 2.35 -11.89
CA ASN A 70 12.14 1.34 -10.99
C ASN A 70 11.02 1.97 -10.15
N PRO A 71 10.13 1.08 -9.61
CA PRO A 71 9.02 1.54 -8.80
C PRO A 71 9.50 1.96 -7.40
N LEU A 72 8.84 2.97 -6.86
CA LEU A 72 9.18 3.48 -5.54
C LEU A 72 7.91 3.54 -4.69
N PRO A 73 8.13 3.56 -3.34
CA PRO A 73 7.03 3.62 -2.41
C PRO A 73 6.44 5.03 -2.36
N PRO A 74 5.26 5.13 -1.67
CA PRO A 74 4.64 3.96 -1.06
C PRO A 74 4.00 3.07 -2.12
N GLN A 75 3.81 1.80 -1.75
CA GLN A 75 3.21 0.85 -2.65
C GLN A 75 2.26 -0.08 -1.89
N ILE A 76 1.01 0.36 -1.77
CA ILE A 76 0.00 -0.41 -1.06
C ILE A 76 -0.21 -1.73 -1.79
N PHE A 77 -0.35 -2.79 -1.00
CA PHE A 77 -0.56 -4.11 -1.54
C PHE A 77 -1.40 -4.97 -0.59
N ASN A 78 -2.60 -5.30 -1.03
CA ASN A 78 -3.51 -6.11 -0.23
C ASN A 78 -3.11 -7.58 -0.38
N GLY A 79 -2.17 -7.99 0.45
CA GLY A 79 -1.70 -9.37 0.43
C GLY A 79 -1.38 -9.81 -1.00
N ASP A 80 -0.33 -9.24 -1.55
CA ASP A 80 0.09 -9.57 -2.90
C ASP A 80 -0.68 -8.70 -3.89
N ARG A 81 -1.98 -8.60 -3.66
CA ARG A 81 -2.84 -7.80 -4.51
C ARG A 81 -2.29 -6.38 -4.65
N TYR A 82 -2.15 -5.96 -5.90
CA TYR A 82 -1.64 -4.63 -6.17
C TYR A 82 -2.74 -3.57 -6.05
N CYS A 83 -2.66 -2.82 -4.95
CA CYS A 83 -3.64 -1.78 -4.69
C CYS A 83 -3.32 -0.59 -5.60
N GLY A 84 -2.20 0.06 -5.31
CA GLY A 84 -1.77 1.21 -6.08
C GLY A 84 -0.83 2.10 -5.26
N ASP A 85 -0.09 2.93 -5.98
CA ASP A 85 0.86 3.83 -5.35
C ASP A 85 0.08 4.99 -4.70
N TYR A 86 0.83 5.83 -4.00
CA TYR A 86 0.23 6.98 -3.33
C TYR A 86 -0.78 7.68 -4.24
N ASP A 87 -0.40 7.79 -5.50
CA ASP A 87 -1.26 8.43 -6.49
C ASP A 87 -2.66 7.84 -6.40
N SER A 88 -2.73 6.52 -6.47
CA SER A 88 -4.00 5.82 -6.40
C SER A 88 -4.71 6.17 -5.09
N PHE A 89 -3.99 6.00 -4.00
CA PHE A 89 -4.53 6.28 -2.68
C PHE A 89 -5.22 7.66 -2.66
N PHE A 90 -4.42 8.68 -2.95
CA PHE A 90 -4.93 10.04 -2.97
C PHE A 90 -6.16 10.15 -3.87
N GLU A 91 -5.98 9.77 -5.13
CA GLU A 91 -7.06 9.81 -6.10
C GLU A 91 -8.33 9.22 -5.50
N SER A 92 -8.15 8.11 -4.79
CA SER A 92 -9.28 7.43 -4.17
C SER A 92 -9.71 8.19 -2.91
N LYS A 93 -8.77 8.91 -2.33
CA LYS A 93 -9.04 9.68 -1.13
C LYS A 93 -10.12 10.72 -1.43
N GLU A 94 -9.86 11.53 -2.45
CA GLU A 94 -10.80 12.56 -2.84
C GLU A 94 -12.19 11.95 -3.07
N SER A 95 -12.19 10.66 -3.38
CA SER A 95 -13.43 9.96 -3.62
C SER A 95 -13.91 9.27 -2.33
N ASN A 96 -12.96 9.06 -1.43
CA ASN A 96 -13.26 8.42 -0.16
C ASN A 96 -13.44 6.92 -0.39
N THR A 97 -12.63 6.39 -1.30
CA THR A 97 -12.69 4.97 -1.61
C THR A 97 -11.41 4.26 -1.16
N VAL A 98 -10.57 5.03 -0.47
CA VAL A 98 -9.31 4.48 0.02
C VAL A 98 -9.52 3.04 0.46
N PHE A 99 -10.56 2.84 1.28
CA PHE A 99 -10.87 1.51 1.77
C PHE A 99 -11.01 0.51 0.63
N SER A 100 -11.82 0.89 -0.35
CA SER A 100 -12.05 0.03 -1.51
C SER A 100 -10.79 -0.02 -2.37
N PHE A 101 -10.12 1.11 -2.47
CA PHE A 101 -8.90 1.20 -3.25
C PHE A 101 -7.90 0.13 -2.83
N LEU A 102 -7.84 -0.10 -1.53
CA LEU A 102 -6.92 -1.09 -0.98
C LEU A 102 -7.57 -2.47 -1.05
N GLY A 103 -8.90 -2.46 -1.04
CA GLY A 103 -9.65 -3.71 -1.11
C GLY A 103 -10.29 -4.04 0.25
N LEU A 104 -10.80 -2.99 0.89
CA LEU A 104 -11.44 -3.16 2.19
C LEU A 104 -12.95 -2.95 2.04
N LYS A 105 -13.55 -3.78 1.19
CA LYS A 105 -14.98 -3.69 0.96
C LYS A 105 -15.42 -4.86 0.07
N SER A 106 -16.66 -5.29 0.27
CA SER A 106 -17.20 -6.39 -0.50
C SER A 106 -16.46 -7.68 -0.16
N GLY A 107 -17.15 -8.79 -0.35
CA GLY A 107 -16.58 -10.10 -0.06
C GLY A 107 -17.03 -10.62 1.30
N PRO A 108 -16.29 -11.63 1.81
CA PRO A 108 -16.61 -12.23 3.10
C PRO A 108 -16.19 -11.31 4.24
N SER A 109 -16.98 -10.26 4.44
CA SER A 109 -16.71 -9.29 5.50
C SER A 109 -17.55 -8.03 5.28
N SER A 110 -18.58 -7.91 6.10
CA SER A 110 -19.47 -6.76 6.00
C SER A 110 -20.18 -6.54 7.34
N GLY A 111 -19.48 -5.85 8.23
CA GLY A 111 -20.03 -5.56 9.55
C GLY A 111 -20.05 -4.06 9.82
N GLY A 1 -16.48 -29.86 11.45
CA GLY A 1 -16.91 -28.81 10.54
C GLY A 1 -15.73 -28.20 9.80
N SER A 2 -15.82 -26.89 9.59
CA SER A 2 -14.77 -26.17 8.90
C SER A 2 -14.80 -24.70 9.27
N SER A 3 -13.71 -24.25 9.88
CA SER A 3 -13.60 -22.86 10.31
C SER A 3 -12.20 -22.34 10.02
N GLY A 4 -12.16 -21.24 9.27
CA GLY A 4 -10.89 -20.62 8.92
C GLY A 4 -11.06 -19.14 8.61
N SER A 5 -10.81 -18.32 9.62
CA SER A 5 -10.93 -16.88 9.46
C SER A 5 -9.84 -16.35 8.52
N SER A 6 -10.07 -15.15 8.02
CA SER A 6 -9.12 -14.54 7.11
C SER A 6 -8.94 -13.06 7.48
N GLY A 7 -7.77 -12.76 8.02
CA GLY A 7 -7.45 -11.40 8.42
C GLY A 7 -6.66 -10.68 7.33
N MET A 8 -7.17 -9.52 6.93
CA MET A 8 -6.52 -8.73 5.90
C MET A 8 -5.42 -7.85 6.50
N VAL A 9 -4.58 -7.34 5.62
CA VAL A 9 -3.48 -6.48 6.04
C VAL A 9 -2.95 -5.71 4.85
N ILE A 10 -3.35 -4.45 4.77
CA ILE A 10 -2.91 -3.59 3.68
C ILE A 10 -1.40 -3.38 3.77
N ARG A 11 -0.66 -4.41 3.37
CA ARG A 11 0.79 -4.35 3.40
C ARG A 11 1.28 -3.14 2.61
N VAL A 12 1.79 -2.16 3.35
CA VAL A 12 2.29 -0.95 2.74
C VAL A 12 3.83 -0.99 2.74
N PHE A 13 4.40 -0.87 1.55
CA PHE A 13 5.84 -0.89 1.40
C PHE A 13 6.42 0.50 1.61
N ILE A 14 7.49 0.55 2.39
CA ILE A 14 8.16 1.81 2.68
C ILE A 14 9.67 1.61 2.58
N ALA A 15 10.34 2.63 2.05
CA ALA A 15 11.78 2.58 1.89
C ALA A 15 12.42 3.72 2.69
N SER A 16 12.42 3.55 3.99
CA SER A 16 12.99 4.56 4.88
C SER A 16 14.24 5.16 4.24
N SER A 17 15.08 4.29 3.70
CA SER A 17 16.31 4.72 3.06
C SER A 17 16.02 5.18 1.63
N SER A 18 15.24 6.26 1.54
CA SER A 18 14.89 6.82 0.26
C SER A 18 15.14 8.33 0.25
N GLY A 19 16.00 8.75 -0.66
CA GLY A 19 16.32 10.16 -0.78
C GLY A 19 15.07 11.03 -0.75
N PHE A 20 14.13 10.70 -1.63
CA PHE A 20 12.88 11.43 -1.70
C PHE A 20 12.12 11.36 -0.38
N VAL A 21 12.23 12.43 0.39
CA VAL A 21 11.56 12.50 1.68
C VAL A 21 10.05 12.56 1.46
N ALA A 22 9.67 13.21 0.37
CA ALA A 22 8.26 13.34 0.04
C ALA A 22 7.57 11.98 0.17
N ILE A 23 8.25 10.96 -0.35
CA ILE A 23 7.72 9.61 -0.30
C ILE A 23 7.20 9.33 1.10
N LYS A 24 8.09 9.47 2.07
CA LYS A 24 7.74 9.24 3.47
C LYS A 24 6.37 9.86 3.75
N LYS A 25 6.32 11.19 3.60
CA LYS A 25 5.09 11.92 3.85
C LYS A 25 3.93 11.17 3.22
N LYS A 26 4.11 10.80 1.95
CA LYS A 26 3.08 10.07 1.23
C LYS A 26 2.70 8.81 2.00
N GLN A 27 3.72 8.02 2.31
CA GLN A 27 3.51 6.78 3.05
C GLN A 27 2.71 7.06 4.32
N GLN A 28 3.03 8.16 4.96
CA GLN A 28 2.35 8.54 6.18
C GLN A 28 0.85 8.74 5.92
N ASP A 29 0.55 9.74 5.11
CA ASP A 29 -0.84 10.04 4.76
C ASP A 29 -1.60 8.73 4.57
N VAL A 30 -0.90 7.75 4.03
CA VAL A 30 -1.51 6.45 3.78
C VAL A 30 -1.72 5.74 5.12
N VAL A 31 -0.65 5.14 5.61
CA VAL A 31 -0.70 4.41 6.88
C VAL A 31 -1.55 5.22 7.87
N ARG A 32 -1.23 6.50 7.98
CA ARG A 32 -1.94 7.37 8.88
C ARG A 32 -3.45 7.16 8.77
N PHE A 33 -3.94 7.30 7.55
CA PHE A 33 -5.36 7.12 7.28
C PHE A 33 -5.86 5.78 7.85
N LEU A 34 -5.02 4.77 7.68
CA LEU A 34 -5.36 3.44 8.17
C LEU A 34 -5.33 3.44 9.70
N GLU A 35 -4.31 4.08 10.24
CA GLU A 35 -4.15 4.15 11.68
C GLU A 35 -5.34 4.88 12.30
N ALA A 36 -5.69 6.01 11.71
CA ALA A 36 -6.80 6.81 12.19
C ALA A 36 -8.10 6.03 11.99
N ASN A 37 -8.08 5.15 11.00
CA ASN A 37 -9.24 4.34 10.68
C ASN A 37 -9.03 2.92 11.21
N LYS A 38 -8.01 2.78 12.05
CA LYS A 38 -7.68 1.49 12.62
C LYS A 38 -7.87 0.40 11.56
N ILE A 39 -7.38 0.69 10.37
CA ILE A 39 -7.49 -0.25 9.27
C ILE A 39 -6.30 -1.21 9.31
N GLU A 40 -6.54 -2.43 8.82
CA GLU A 40 -5.51 -3.44 8.79
C GLU A 40 -4.45 -3.09 7.75
N PHE A 41 -3.20 -3.12 8.19
CA PHE A 41 -2.09 -2.81 7.29
C PHE A 41 -0.75 -2.93 8.02
N GLU A 42 0.32 -2.82 7.25
CA GLU A 42 1.65 -2.92 7.81
C GLU A 42 2.65 -2.14 6.95
N GLU A 43 3.74 -1.72 7.58
CA GLU A 43 4.77 -0.98 6.88
C GLU A 43 5.93 -1.90 6.51
N VAL A 44 5.81 -2.52 5.33
CA VAL A 44 6.83 -3.43 4.85
C VAL A 44 8.07 -2.62 4.44
N ASP A 45 9.00 -2.53 5.37
CA ASP A 45 10.24 -1.80 5.11
C ASP A 45 11.01 -2.48 3.99
N ILE A 46 10.66 -2.11 2.76
CA ILE A 46 11.31 -2.68 1.60
C ILE A 46 12.81 -2.39 1.66
N THR A 47 13.14 -1.28 2.31
CA THR A 47 14.53 -0.87 2.45
C THR A 47 15.30 -1.90 3.27
N MET A 48 14.70 -2.31 4.38
CA MET A 48 15.33 -3.29 5.26
C MET A 48 15.46 -4.64 4.56
N SER A 49 14.36 -5.10 4.00
CA SER A 49 14.34 -6.37 3.30
C SER A 49 14.35 -6.14 1.79
N GLU A 50 15.51 -6.36 1.20
CA GLU A 50 15.67 -6.18 -0.23
C GLU A 50 14.59 -6.95 -0.99
N GLU A 51 14.44 -8.21 -0.63
CA GLU A 51 13.44 -9.06 -1.26
C GLU A 51 12.12 -8.31 -1.41
N GLN A 52 11.59 -7.90 -0.27
CA GLN A 52 10.32 -7.17 -0.25
C GLN A 52 10.27 -6.18 -1.40
N ARG A 53 11.33 -5.36 -1.49
CA ARG A 53 11.41 -4.35 -2.54
C ARG A 53 11.42 -5.03 -3.91
N GLN A 54 12.38 -5.93 -4.10
CA GLN A 54 12.50 -6.65 -5.35
C GLN A 54 11.13 -7.16 -5.81
N TRP A 55 10.40 -7.74 -4.88
CA TRP A 55 9.09 -8.27 -5.17
C TRP A 55 8.27 -7.17 -5.85
N MET A 56 8.14 -6.06 -5.13
CA MET A 56 7.38 -4.92 -5.65
C MET A 56 7.76 -4.64 -7.11
N TYR A 57 9.05 -4.47 -7.34
CA TYR A 57 9.55 -4.19 -8.68
C TYR A 57 9.05 -5.23 -9.67
N LYS A 58 8.62 -6.37 -9.13
CA LYS A 58 8.11 -7.45 -9.96
C LYS A 58 6.59 -7.39 -9.99
N ASN A 59 6.03 -6.73 -8.98
CA ASN A 59 4.59 -6.59 -8.89
C ASN A 59 4.20 -5.13 -9.11
N VAL A 60 4.81 -4.54 -10.13
CA VAL A 60 4.55 -3.14 -10.45
C VAL A 60 4.86 -2.91 -11.93
N PRO A 61 3.80 -2.56 -12.70
CA PRO A 61 3.95 -2.30 -14.12
C PRO A 61 4.61 -0.94 -14.36
N PRO A 62 4.97 -0.70 -15.65
CA PRO A 62 5.61 0.55 -16.03
C PRO A 62 4.60 1.70 -16.05
N GLU A 63 3.36 1.35 -16.34
CA GLU A 63 2.29 2.34 -16.39
C GLU A 63 2.02 2.90 -15.00
N LYS A 64 2.19 2.04 -14.00
CA LYS A 64 1.97 2.43 -12.62
C LYS A 64 3.22 3.14 -12.08
N LYS A 65 4.36 2.69 -12.57
CA LYS A 65 5.63 3.26 -12.15
C LYS A 65 5.48 4.78 -12.02
N PRO A 66 6.00 5.30 -10.88
CA PRO A 66 5.93 6.73 -10.61
C PRO A 66 6.93 7.50 -11.47
N THR A 67 8.18 7.07 -11.40
CA THR A 67 9.24 7.71 -12.17
C THR A 67 9.60 6.86 -13.39
N GLN A 68 10.71 7.23 -14.02
CA GLN A 68 11.17 6.51 -15.19
C GLN A 68 12.43 5.71 -14.87
N GLY A 69 12.37 5.00 -13.75
CA GLY A 69 13.49 4.19 -13.32
C GLY A 69 13.13 3.37 -12.07
N ASN A 70 12.49 2.24 -12.30
CA ASN A 70 12.08 1.37 -11.21
C ASN A 70 10.98 2.06 -10.40
N PRO A 71 10.08 1.22 -9.82
CA PRO A 71 8.98 1.73 -9.03
C PRO A 71 9.47 2.19 -7.65
N LEU A 72 8.80 3.21 -7.12
CA LEU A 72 9.14 3.75 -5.82
C LEU A 72 7.92 3.72 -4.91
N PRO A 73 8.19 3.74 -3.58
CA PRO A 73 7.11 3.73 -2.59
C PRO A 73 6.42 5.09 -2.52
N PRO A 74 5.26 5.10 -1.81
CA PRO A 74 4.76 3.89 -1.18
C PRO A 74 4.15 2.95 -2.23
N GLN A 75 3.96 1.70 -1.81
CA GLN A 75 3.39 0.70 -2.71
C GLN A 75 2.44 -0.21 -1.94
N ILE A 76 1.28 0.33 -1.60
CA ILE A 76 0.29 -0.42 -0.87
C ILE A 76 0.05 -1.77 -1.57
N PHE A 77 -0.18 -2.79 -0.75
CA PHE A 77 -0.41 -4.12 -1.27
C PHE A 77 -1.37 -4.90 -0.37
N ASN A 78 -2.56 -5.15 -0.89
CA ASN A 78 -3.57 -5.88 -0.15
C ASN A 78 -3.29 -7.39 -0.26
N GLY A 79 -2.36 -7.84 0.57
CA GLY A 79 -1.99 -9.24 0.57
C GLY A 79 -1.55 -9.71 -0.82
N ASP A 80 -0.48 -9.10 -1.29
CA ASP A 80 0.06 -9.43 -2.60
C ASP A 80 -0.65 -8.60 -3.66
N ARG A 81 -1.96 -8.50 -3.52
CA ARG A 81 -2.76 -7.73 -4.45
C ARG A 81 -2.30 -6.28 -4.50
N TYR A 82 -1.76 -5.90 -5.65
CA TYR A 82 -1.26 -4.55 -5.84
C TYR A 82 -2.41 -3.54 -5.76
N CYS A 83 -2.35 -2.71 -4.72
CA CYS A 83 -3.36 -1.70 -4.51
C CYS A 83 -3.08 -0.54 -5.46
N GLY A 84 -2.02 0.18 -5.16
CA GLY A 84 -1.63 1.32 -5.97
C GLY A 84 -0.68 2.25 -5.21
N ASP A 85 0.11 2.99 -5.97
CA ASP A 85 1.07 3.92 -5.37
C ASP A 85 0.30 5.03 -4.66
N TYR A 86 1.06 5.91 -4.03
CA TYR A 86 0.46 7.03 -3.30
C TYR A 86 -0.60 7.72 -4.15
N ASP A 87 -0.26 7.95 -5.41
CA ASP A 87 -1.17 8.60 -6.33
C ASP A 87 -2.54 7.95 -6.23
N SER A 88 -2.56 6.63 -6.43
CA SER A 88 -3.79 5.87 -6.37
C SER A 88 -4.55 6.21 -5.07
N PHE A 89 -3.91 5.91 -3.96
CA PHE A 89 -4.49 6.17 -2.66
C PHE A 89 -5.13 7.55 -2.61
N PHE A 90 -4.31 8.55 -2.92
CA PHE A 90 -4.78 9.94 -2.93
C PHE A 90 -5.98 10.10 -3.85
N GLU A 91 -5.86 9.54 -5.04
CA GLU A 91 -6.92 9.62 -6.03
C GLU A 91 -8.19 8.93 -5.49
N SER A 92 -8.01 8.17 -4.42
CA SER A 92 -9.12 7.46 -3.81
C SER A 92 -9.63 8.24 -2.60
N LYS A 93 -8.73 9.03 -2.03
CA LYS A 93 -9.08 9.83 -0.86
C LYS A 93 -10.11 10.89 -1.25
N GLU A 94 -9.89 11.48 -2.42
CA GLU A 94 -10.79 12.50 -2.93
C GLU A 94 -12.23 11.99 -2.93
N SER A 95 -12.37 10.73 -3.31
CA SER A 95 -13.68 10.10 -3.36
C SER A 95 -13.94 9.30 -2.09
N ASN A 96 -12.87 9.13 -1.31
CA ASN A 96 -12.97 8.38 -0.07
C ASN A 96 -13.17 6.90 -0.38
N THR A 97 -12.42 6.42 -1.35
CA THR A 97 -12.50 5.03 -1.76
C THR A 97 -11.29 4.25 -1.24
N VAL A 98 -10.46 4.94 -0.49
CA VAL A 98 -9.27 4.33 0.07
C VAL A 98 -9.58 2.88 0.47
N PHE A 99 -10.71 2.72 1.13
CA PHE A 99 -11.14 1.41 1.57
C PHE A 99 -11.25 0.44 0.39
N SER A 100 -12.00 0.86 -0.61
CA SER A 100 -12.20 0.05 -1.80
C SER A 100 -10.90 -0.06 -2.58
N PHE A 101 -10.17 1.04 -2.61
CA PHE A 101 -8.89 1.09 -3.32
C PHE A 101 -7.96 -0.04 -2.84
N LEU A 102 -8.11 -0.36 -1.56
CA LEU A 102 -7.29 -1.40 -0.97
C LEU A 102 -8.02 -2.75 -1.08
N GLY A 103 -9.34 -2.66 -1.13
CA GLY A 103 -10.16 -3.85 -1.24
C GLY A 103 -10.89 -4.13 0.08
N LEU A 104 -11.21 -3.06 0.79
CA LEU A 104 -11.90 -3.17 2.06
C LEU A 104 -13.40 -2.96 1.84
N LYS A 105 -13.98 -3.84 1.03
CA LYS A 105 -15.39 -3.76 0.73
C LYS A 105 -15.78 -4.91 -0.20
N SER A 106 -16.95 -5.49 0.08
CA SER A 106 -17.44 -6.60 -0.72
C SER A 106 -16.42 -7.74 -0.71
N GLY A 107 -16.69 -8.74 0.13
CA GLY A 107 -15.82 -9.89 0.23
C GLY A 107 -16.14 -10.71 1.49
N PRO A 108 -15.25 -11.68 1.79
CA PRO A 108 -15.43 -12.54 2.94
C PRO A 108 -15.09 -11.79 4.23
N SER A 109 -14.02 -11.01 4.16
CA SER A 109 -13.58 -10.23 5.31
C SER A 109 -14.60 -9.15 5.64
N SER A 110 -15.19 -9.27 6.81
CA SER A 110 -16.18 -8.30 7.26
C SER A 110 -15.55 -7.31 8.25
N GLY A 111 -14.85 -6.34 7.68
CA GLY A 111 -14.19 -5.31 8.48
C GLY A 111 -15.13 -4.81 9.60
N GLY A 1 -16.29 -23.75 6.08
CA GLY A 1 -15.93 -23.65 7.48
C GLY A 1 -17.16 -23.32 8.34
N SER A 2 -16.90 -23.02 9.60
CA SER A 2 -17.97 -22.69 10.53
C SER A 2 -18.14 -21.18 10.61
N SER A 3 -17.08 -20.52 11.04
CA SER A 3 -17.10 -19.08 11.18
C SER A 3 -16.22 -18.43 10.10
N GLY A 4 -16.47 -17.16 9.85
CA GLY A 4 -15.71 -16.42 8.86
C GLY A 4 -15.41 -15.00 9.33
N SER A 5 -14.18 -14.81 9.77
CA SER A 5 -13.75 -13.50 10.26
C SER A 5 -12.26 -13.31 10.01
N SER A 6 -11.94 -12.91 8.78
CA SER A 6 -10.55 -12.70 8.40
C SER A 6 -10.38 -11.27 7.88
N GLY A 7 -9.42 -10.57 8.47
CA GLY A 7 -9.13 -9.20 8.07
C GLY A 7 -8.01 -9.15 7.03
N MET A 8 -8.07 -8.13 6.19
CA MET A 8 -7.06 -7.95 5.16
C MET A 8 -5.99 -6.96 5.61
N VAL A 9 -4.76 -7.45 5.64
CA VAL A 9 -3.64 -6.63 6.05
C VAL A 9 -3.13 -5.84 4.84
N ILE A 10 -3.35 -4.54 4.88
CA ILE A 10 -2.91 -3.67 3.80
C ILE A 10 -1.40 -3.47 3.89
N ARG A 11 -0.68 -4.50 3.48
CA ARG A 11 0.78 -4.46 3.50
C ARG A 11 1.28 -3.24 2.71
N VAL A 12 1.73 -2.24 3.46
CA VAL A 12 2.24 -1.02 2.85
C VAL A 12 3.76 -1.07 2.83
N PHE A 13 4.31 -1.04 1.62
CA PHE A 13 5.75 -1.09 1.46
C PHE A 13 6.37 0.30 1.65
N ILE A 14 7.40 0.35 2.47
CA ILE A 14 8.08 1.60 2.76
C ILE A 14 9.59 1.37 2.72
N ALA A 15 10.31 2.37 2.22
CA ALA A 15 11.75 2.29 2.13
C ALA A 15 12.37 3.38 3.02
N SER A 16 12.62 3.00 4.26
CA SER A 16 13.22 3.92 5.22
C SER A 16 14.67 4.23 4.82
N SER A 17 14.82 4.85 3.67
CA SER A 17 16.14 5.20 3.17
C SER A 17 16.09 5.43 1.66
N SER A 18 15.43 6.52 1.28
CA SER A 18 15.30 6.87 -0.11
C SER A 18 15.84 8.28 -0.35
N GLY A 19 15.34 9.22 0.43
CA GLY A 19 15.77 10.59 0.31
C GLY A 19 14.59 11.52 -0.03
N PHE A 20 13.89 11.15 -1.10
CA PHE A 20 12.74 11.92 -1.54
C PHE A 20 11.68 12.00 -0.44
N VAL A 21 11.84 12.99 0.42
CA VAL A 21 10.91 13.19 1.51
C VAL A 21 9.47 13.02 0.99
N ALA A 22 9.28 13.43 -0.24
CA ALA A 22 7.97 13.34 -0.87
C ALA A 22 7.42 11.92 -0.67
N ILE A 23 8.28 10.95 -0.98
CA ILE A 23 7.90 9.56 -0.84
C ILE A 23 7.55 9.26 0.62
N LYS A 24 8.40 9.75 1.51
CA LYS A 24 8.19 9.56 2.93
C LYS A 24 6.78 10.02 3.30
N LYS A 25 6.52 11.28 3.03
CA LYS A 25 5.22 11.87 3.33
C LYS A 25 4.12 10.90 2.88
N LYS A 26 4.18 10.54 1.61
CA LYS A 26 3.20 9.63 1.05
C LYS A 26 3.03 8.42 1.97
N GLN A 27 4.16 7.79 2.27
CA GLN A 27 4.16 6.63 3.14
C GLN A 27 3.33 6.90 4.40
N GLN A 28 3.43 8.13 4.87
CA GLN A 28 2.70 8.53 6.06
C GLN A 28 1.20 8.64 5.74
N ASP A 29 0.87 9.58 4.87
CA ASP A 29 -0.51 9.79 4.48
C ASP A 29 -1.22 8.44 4.37
N VAL A 30 -0.45 7.43 4.00
CA VAL A 30 -0.98 6.10 3.85
C VAL A 30 -1.36 5.54 5.23
N VAL A 31 -0.38 4.91 5.85
CA VAL A 31 -0.59 4.34 7.18
C VAL A 31 -1.44 5.29 8.01
N ARG A 32 -0.99 6.54 8.08
CA ARG A 32 -1.69 7.55 8.84
C ARG A 32 -3.21 7.38 8.68
N PHE A 33 -3.65 7.49 7.44
CA PHE A 33 -5.07 7.35 7.14
C PHE A 33 -5.62 6.05 7.72
N LEU A 34 -4.82 4.99 7.60
CA LEU A 34 -5.22 3.69 8.11
C LEU A 34 -5.30 3.75 9.63
N GLU A 35 -4.19 4.16 10.23
CA GLU A 35 -4.12 4.26 11.68
C GLU A 35 -5.28 5.09 12.22
N ALA A 36 -5.42 6.29 11.67
CA ALA A 36 -6.47 7.19 12.08
C ALA A 36 -7.83 6.48 11.93
N ASN A 37 -7.86 5.54 11.00
CA ASN A 37 -9.07 4.78 10.75
C ASN A 37 -8.90 3.36 11.27
N LYS A 38 -7.96 3.21 12.18
CA LYS A 38 -7.69 1.90 12.77
C LYS A 38 -7.90 0.82 11.71
N ILE A 39 -7.29 1.03 10.56
CA ILE A 39 -7.41 0.08 9.46
C ILE A 39 -6.27 -0.94 9.55
N GLU A 40 -6.53 -2.13 9.02
CA GLU A 40 -5.55 -3.19 9.04
C GLU A 40 -4.49 -2.94 7.95
N PHE A 41 -3.24 -3.07 8.37
CA PHE A 41 -2.12 -2.85 7.46
C PHE A 41 -0.79 -3.07 8.16
N GLU A 42 0.28 -2.95 7.38
CA GLU A 42 1.62 -3.13 7.91
C GLU A 42 2.65 -2.38 7.06
N GLU A 43 3.71 -1.94 7.71
CA GLU A 43 4.76 -1.21 7.02
C GLU A 43 5.88 -2.16 6.61
N VAL A 44 5.72 -2.74 5.42
CA VAL A 44 6.71 -3.67 4.90
C VAL A 44 7.95 -2.89 4.47
N ASP A 45 8.87 -2.72 5.42
CA ASP A 45 10.11 -2.02 5.16
C ASP A 45 10.86 -2.70 4.02
N ILE A 46 10.69 -2.16 2.83
CA ILE A 46 11.36 -2.71 1.65
C ILE A 46 12.84 -2.36 1.69
N THR A 47 13.14 -1.27 2.37
CA THR A 47 14.52 -0.82 2.49
C THR A 47 15.37 -1.87 3.19
N MET A 48 14.85 -2.35 4.31
CA MET A 48 15.54 -3.37 5.08
C MET A 48 15.37 -4.76 4.46
N SER A 49 14.14 -5.02 4.03
CA SER A 49 13.82 -6.30 3.41
C SER A 49 13.91 -6.18 1.89
N GLU A 50 15.11 -6.38 1.37
CA GLU A 50 15.34 -6.29 -0.06
C GLU A 50 14.32 -7.16 -0.81
N GLU A 51 14.25 -8.42 -0.39
CA GLU A 51 13.32 -9.36 -1.02
C GLU A 51 11.96 -8.69 -1.23
N GLN A 52 11.45 -8.10 -0.15
CA GLN A 52 10.16 -7.44 -0.20
C GLN A 52 10.15 -6.39 -1.31
N ARG A 53 11.23 -5.64 -1.39
CA ARG A 53 11.36 -4.60 -2.40
C ARG A 53 11.31 -5.22 -3.79
N GLN A 54 12.32 -6.03 -4.08
CA GLN A 54 12.40 -6.70 -5.38
C GLN A 54 11.03 -7.21 -5.80
N TRP A 55 10.37 -7.89 -4.86
CA TRP A 55 9.05 -8.44 -5.13
C TRP A 55 8.18 -7.33 -5.72
N MET A 56 8.10 -6.22 -5.00
CA MET A 56 7.32 -5.09 -5.44
C MET A 56 7.64 -4.73 -6.89
N TYR A 57 8.93 -4.55 -7.15
CA TYR A 57 9.39 -4.21 -8.49
C TYR A 57 8.89 -5.23 -9.51
N LYS A 58 8.46 -6.39 -9.00
CA LYS A 58 7.97 -7.45 -9.86
C LYS A 58 6.45 -7.35 -9.95
N ASN A 59 5.87 -6.58 -9.04
CA ASN A 59 4.43 -6.39 -9.01
C ASN A 59 4.10 -4.93 -9.26
N VAL A 60 4.82 -4.35 -10.22
CA VAL A 60 4.61 -2.95 -10.57
C VAL A 60 4.95 -2.75 -12.05
N PRO A 61 3.92 -2.35 -12.83
CA PRO A 61 4.10 -2.12 -14.25
C PRO A 61 4.84 -0.79 -14.50
N PRO A 62 5.26 -0.60 -15.78
CA PRO A 62 5.97 0.60 -16.16
C PRO A 62 5.02 1.81 -16.25
N GLU A 63 3.77 1.50 -16.56
CA GLU A 63 2.75 2.53 -16.68
C GLU A 63 2.41 3.11 -15.31
N LYS A 64 2.75 2.34 -14.28
CA LYS A 64 2.49 2.76 -12.91
C LYS A 64 3.78 3.36 -12.31
N LYS A 65 4.90 2.81 -12.74
CA LYS A 65 6.19 3.28 -12.26
C LYS A 65 6.17 4.80 -12.14
N PRO A 66 6.37 5.28 -10.88
CA PRO A 66 6.38 6.71 -10.62
C PRO A 66 7.68 7.36 -11.12
N THR A 67 7.94 8.55 -10.60
CA THR A 67 9.13 9.28 -10.98
C THR A 67 9.37 9.15 -12.49
N GLN A 68 10.23 8.21 -12.85
CA GLN A 68 10.56 7.98 -14.25
C GLN A 68 10.95 6.51 -14.47
N GLY A 69 11.86 6.05 -13.63
CA GLY A 69 12.33 4.67 -13.72
C GLY A 69 12.34 4.00 -12.35
N ASN A 70 12.17 2.69 -12.36
CA ASN A 70 12.16 1.92 -11.13
C ASN A 70 10.98 2.38 -10.26
N PRO A 71 10.24 1.38 -9.72
CA PRO A 71 9.09 1.66 -8.88
C PRO A 71 9.54 2.13 -7.49
N LEU A 72 8.85 3.14 -6.99
CA LEU A 72 9.17 3.69 -5.69
C LEU A 72 7.92 3.65 -4.81
N PRO A 73 8.15 3.68 -3.46
CA PRO A 73 7.05 3.66 -2.51
C PRO A 73 6.35 5.02 -2.47
N PRO A 74 5.17 5.02 -1.78
CA PRO A 74 4.65 3.81 -1.16
C PRO A 74 4.08 2.86 -2.22
N GLN A 75 3.90 1.62 -1.80
CA GLN A 75 3.36 0.60 -2.69
C GLN A 75 2.41 -0.32 -1.94
N ILE A 76 1.21 0.18 -1.71
CA ILE A 76 0.19 -0.58 -1.00
C ILE A 76 0.00 -1.92 -1.70
N PHE A 77 -0.16 -2.96 -0.89
CA PHE A 77 -0.36 -4.29 -1.42
C PHE A 77 -1.22 -5.14 -0.47
N ASN A 78 -2.47 -5.33 -0.88
CA ASN A 78 -3.40 -6.10 -0.08
C ASN A 78 -3.11 -7.58 -0.26
N GLY A 79 -2.31 -8.12 0.65
CA GLY A 79 -1.94 -9.52 0.60
C GLY A 79 -0.91 -9.78 -0.50
N ASP A 80 -1.42 -10.08 -1.69
CA ASP A 80 -0.56 -10.35 -2.82
C ASP A 80 -1.16 -9.71 -4.08
N ARG A 81 -2.10 -8.81 -3.85
CA ARG A 81 -2.76 -8.11 -4.94
C ARG A 81 -2.30 -6.66 -5.01
N TYR A 82 -1.79 -6.28 -6.18
CA TYR A 82 -1.30 -4.93 -6.39
C TYR A 82 -2.44 -3.92 -6.27
N CYS A 83 -2.39 -3.14 -5.20
CA CYS A 83 -3.41 -2.13 -4.96
C CYS A 83 -3.10 -0.92 -5.85
N GLY A 84 -2.08 -0.17 -5.45
CA GLY A 84 -1.68 1.01 -6.20
C GLY A 84 -0.79 1.92 -5.35
N ASP A 85 0.07 2.67 -6.04
CA ASP A 85 0.97 3.58 -5.36
C ASP A 85 0.16 4.72 -4.74
N TYR A 86 0.86 5.59 -4.04
CA TYR A 86 0.23 6.73 -3.39
C TYR A 86 -0.76 7.42 -4.34
N ASP A 87 -0.31 7.59 -5.58
CA ASP A 87 -1.14 8.23 -6.58
C ASP A 87 -2.56 7.68 -6.49
N SER A 88 -2.66 6.36 -6.59
CA SER A 88 -3.95 5.70 -6.53
C SER A 88 -4.66 6.05 -5.22
N PHE A 89 -4.00 5.75 -4.12
CA PHE A 89 -4.54 6.03 -2.80
C PHE A 89 -5.21 7.41 -2.78
N PHE A 90 -4.44 8.41 -3.16
CA PHE A 90 -4.95 9.78 -3.19
C PHE A 90 -6.08 9.92 -4.20
N GLU A 91 -5.88 9.32 -5.36
CA GLU A 91 -6.89 9.37 -6.41
C GLU A 91 -8.23 8.84 -5.90
N SER A 92 -8.14 8.11 -4.79
CA SER A 92 -9.34 7.54 -4.19
C SER A 92 -9.82 8.41 -3.03
N LYS A 93 -8.85 8.83 -2.23
CA LYS A 93 -9.15 9.68 -1.08
C LYS A 93 -10.13 10.77 -1.50
N GLU A 94 -9.82 11.40 -2.63
CA GLU A 94 -10.66 12.47 -3.15
C GLU A 94 -12.14 12.10 -3.01
N SER A 95 -12.45 10.87 -3.40
CA SER A 95 -13.81 10.38 -3.33
C SER A 95 -14.02 9.62 -2.02
N ASN A 96 -12.92 9.23 -1.41
CA ASN A 96 -12.97 8.51 -0.15
C ASN A 96 -13.24 7.02 -0.43
N THR A 97 -12.42 6.47 -1.31
CA THR A 97 -12.56 5.07 -1.68
C THR A 97 -11.35 4.27 -1.18
N VAL A 98 -10.49 4.96 -0.44
CA VAL A 98 -9.29 4.32 0.09
C VAL A 98 -9.63 2.89 0.52
N PHE A 99 -10.62 2.77 1.38
CA PHE A 99 -11.05 1.48 1.87
C PHE A 99 -11.19 0.48 0.72
N SER A 100 -11.97 0.87 -0.27
CA SER A 100 -12.20 0.03 -1.43
C SER A 100 -10.91 -0.12 -2.24
N PHE A 101 -10.26 1.01 -2.45
CA PHE A 101 -9.01 1.03 -3.21
C PHE A 101 -8.06 -0.06 -2.71
N LEU A 102 -8.13 -0.33 -1.42
CA LEU A 102 -7.28 -1.35 -0.81
C LEU A 102 -8.04 -2.67 -0.79
N GLY A 103 -9.36 -2.58 -0.79
CA GLY A 103 -10.20 -3.76 -0.76
C GLY A 103 -10.72 -4.03 0.65
N LEU A 104 -11.11 -2.96 1.32
CA LEU A 104 -11.63 -3.08 2.68
C LEU A 104 -13.14 -2.85 2.65
N LYS A 105 -13.81 -3.66 1.85
CA LYS A 105 -15.26 -3.55 1.73
C LYS A 105 -15.81 -4.82 1.06
N SER A 106 -17.09 -5.07 1.29
CA SER A 106 -17.73 -6.23 0.72
C SER A 106 -17.04 -7.51 1.22
N GLY A 107 -17.52 -7.99 2.36
CA GLY A 107 -16.97 -9.21 2.94
C GLY A 107 -17.01 -9.13 4.47
N PRO A 108 -16.21 -10.03 5.11
CA PRO A 108 -16.15 -10.08 6.56
C PRO A 108 -15.33 -8.92 7.11
N SER A 109 -16.04 -7.84 7.43
CA SER A 109 -15.39 -6.66 7.96
C SER A 109 -15.88 -6.40 9.39
N SER A 110 -15.12 -5.56 10.10
CA SER A 110 -15.47 -5.23 11.47
C SER A 110 -15.72 -3.72 11.59
N GLY A 111 -16.99 -3.38 11.71
CA GLY A 111 -17.38 -1.98 11.83
C GLY A 111 -17.22 -1.25 10.50
N GLY A 1 -26.36 -13.07 7.82
CA GLY A 1 -25.37 -13.33 8.85
C GLY A 1 -24.35 -14.37 8.38
N SER A 2 -23.13 -14.20 8.85
CA SER A 2 -22.05 -15.10 8.50
C SER A 2 -20.89 -14.94 9.47
N SER A 3 -20.04 -15.96 9.50
CA SER A 3 -18.88 -15.95 10.38
C SER A 3 -17.60 -15.80 9.55
N GLY A 4 -16.60 -15.20 10.17
CA GLY A 4 -15.32 -14.99 9.51
C GLY A 4 -14.58 -13.79 10.11
N SER A 5 -13.54 -14.10 10.87
CA SER A 5 -12.74 -13.06 11.50
C SER A 5 -11.28 -13.20 11.09
N SER A 6 -10.99 -12.80 9.86
CA SER A 6 -9.64 -12.87 9.34
C SER A 6 -9.01 -11.49 9.32
N GLY A 7 -9.48 -10.66 8.39
CA GLY A 7 -8.97 -9.31 8.26
C GLY A 7 -7.84 -9.25 7.23
N MET A 8 -7.92 -8.24 6.38
CA MET A 8 -6.91 -8.05 5.34
C MET A 8 -5.86 -7.04 5.78
N VAL A 9 -4.61 -7.46 5.66
CA VAL A 9 -3.49 -6.61 6.04
C VAL A 9 -3.02 -5.82 4.82
N ILE A 10 -3.24 -4.51 4.87
CA ILE A 10 -2.84 -3.65 3.77
C ILE A 10 -1.33 -3.43 3.82
N ARG A 11 -0.60 -4.44 3.34
CA ARG A 11 0.85 -4.37 3.33
C ARG A 11 1.31 -3.15 2.56
N VAL A 12 1.71 -2.13 3.31
CA VAL A 12 2.18 -0.89 2.71
C VAL A 12 3.71 -0.89 2.69
N PHE A 13 4.25 -1.13 1.51
CA PHE A 13 5.68 -1.16 1.33
C PHE A 13 6.28 0.25 1.45
N ILE A 14 7.35 0.34 2.24
CA ILE A 14 8.03 1.60 2.44
C ILE A 14 9.54 1.39 2.40
N ALA A 15 10.24 2.43 1.96
CA ALA A 15 11.69 2.37 1.87
C ALA A 15 12.30 3.41 2.81
N SER A 16 12.32 3.06 4.09
CA SER A 16 12.88 3.95 5.10
C SER A 16 14.13 4.65 4.54
N SER A 17 14.82 3.94 3.67
CA SER A 17 16.04 4.48 3.07
C SER A 17 15.83 4.67 1.56
N SER A 18 15.29 5.84 1.21
CA SER A 18 15.04 6.16 -0.17
C SER A 18 15.79 7.44 -0.57
N GLY A 19 15.44 8.51 0.14
CA GLY A 19 16.06 9.81 -0.11
C GLY A 19 15.02 10.83 -0.55
N PHE A 20 13.90 10.33 -1.05
CA PHE A 20 12.83 11.19 -1.51
C PHE A 20 11.86 11.52 -0.36
N VAL A 21 12.24 12.52 0.42
CA VAL A 21 11.42 12.93 1.54
C VAL A 21 9.95 12.97 1.11
N ALA A 22 9.74 13.44 -0.11
CA ALA A 22 8.39 13.53 -0.65
C ALA A 22 7.69 12.18 -0.51
N ILE A 23 8.41 11.13 -0.88
CA ILE A 23 7.88 9.78 -0.79
C ILE A 23 7.59 9.44 0.67
N LYS A 24 8.58 9.72 1.51
CA LYS A 24 8.45 9.45 2.94
C LYS A 24 7.15 10.07 3.45
N LYS A 25 6.87 11.27 2.96
CA LYS A 25 5.67 11.98 3.36
C LYS A 25 4.44 11.13 3.01
N LYS A 26 4.29 10.85 1.73
CA LYS A 26 3.17 10.05 1.26
C LYS A 26 3.05 8.79 2.12
N GLN A 27 4.17 8.08 2.22
CA GLN A 27 4.20 6.86 3.01
C GLN A 27 3.40 7.02 4.30
N GLN A 28 3.45 8.22 4.83
CA GLN A 28 2.73 8.53 6.06
C GLN A 28 1.23 8.62 5.78
N ASP A 29 0.85 9.66 5.06
CA ASP A 29 -0.55 9.88 4.72
C ASP A 29 -1.21 8.52 4.46
N VAL A 30 -0.42 7.61 3.91
CA VAL A 30 -0.92 6.29 3.59
C VAL A 30 -1.33 5.58 4.90
N VAL A 31 -0.33 5.31 5.72
CA VAL A 31 -0.57 4.65 6.99
C VAL A 31 -1.42 5.56 7.88
N ARG A 32 -1.01 6.81 7.95
CA ARG A 32 -1.72 7.79 8.75
C ARG A 32 -3.23 7.55 8.67
N PHE A 33 -3.72 7.51 7.44
CA PHE A 33 -5.14 7.29 7.20
C PHE A 33 -5.60 5.97 7.82
N LEU A 34 -4.86 4.92 7.53
CA LEU A 34 -5.18 3.60 8.06
C LEU A 34 -5.15 3.65 9.59
N GLU A 35 -4.10 4.26 10.11
CA GLU A 35 -3.95 4.38 11.55
C GLU A 35 -5.12 5.17 12.15
N ALA A 36 -5.41 6.30 11.51
CA ALA A 36 -6.49 7.16 11.97
C ALA A 36 -7.82 6.45 11.74
N ASN A 37 -7.80 5.52 10.79
CA ASN A 37 -9.01 4.77 10.47
C ASN A 37 -8.92 3.38 11.12
N LYS A 38 -7.90 3.21 11.94
CA LYS A 38 -7.70 1.94 12.62
C LYS A 38 -7.87 0.79 11.63
N ILE A 39 -7.30 0.99 10.44
CA ILE A 39 -7.39 -0.01 9.40
C ILE A 39 -6.17 -0.93 9.50
N GLU A 40 -6.40 -2.19 9.13
CA GLU A 40 -5.33 -3.19 9.16
C GLU A 40 -4.32 -2.92 8.05
N PHE A 41 -3.05 -3.04 8.41
CA PHE A 41 -1.98 -2.82 7.45
C PHE A 41 -0.61 -3.03 8.10
N GLU A 42 0.42 -3.00 7.27
CA GLU A 42 1.77 -3.18 7.75
C GLU A 42 2.76 -2.41 6.86
N GLU A 43 3.76 -1.83 7.50
CA GLU A 43 4.78 -1.07 6.79
C GLU A 43 5.92 -1.99 6.35
N VAL A 44 5.74 -2.60 5.20
CA VAL A 44 6.74 -3.50 4.65
C VAL A 44 7.97 -2.69 4.24
N ASP A 45 8.91 -2.61 5.16
CA ASP A 45 10.15 -1.88 4.91
C ASP A 45 10.93 -2.57 3.78
N ILE A 46 10.74 -2.07 2.58
CA ILE A 46 11.41 -2.63 1.41
C ILE A 46 12.91 -2.34 1.52
N THR A 47 13.22 -1.18 2.08
CA THR A 47 14.60 -0.77 2.24
C THR A 47 15.37 -1.81 3.06
N MET A 48 14.74 -2.24 4.14
CA MET A 48 15.36 -3.23 5.02
C MET A 48 15.35 -4.61 4.36
N SER A 49 14.19 -5.00 3.86
CA SER A 49 14.05 -6.29 3.20
C SER A 49 14.18 -6.13 1.70
N GLU A 50 15.30 -6.60 1.17
CA GLU A 50 15.55 -6.51 -0.26
C GLU A 50 14.51 -7.32 -1.04
N GLU A 51 14.21 -8.50 -0.50
CA GLU A 51 13.24 -9.38 -1.13
C GLU A 51 11.94 -8.61 -1.42
N GLN A 52 11.27 -8.23 -0.35
CA GLN A 52 10.02 -7.50 -0.48
C GLN A 52 10.11 -6.50 -1.63
N ARG A 53 11.07 -5.60 -1.52
CA ARG A 53 11.28 -4.59 -2.54
C ARG A 53 11.24 -5.22 -3.93
N GLN A 54 12.06 -6.25 -4.10
CA GLN A 54 12.13 -6.94 -5.38
C GLN A 54 10.73 -7.34 -5.84
N TRP A 55 10.05 -8.11 -5.00
CA TRP A 55 8.71 -8.56 -5.30
C TRP A 55 7.89 -7.34 -5.76
N MET A 56 7.99 -6.27 -4.97
CA MET A 56 7.28 -5.06 -5.28
C MET A 56 7.58 -4.58 -6.70
N TYR A 57 8.84 -4.68 -7.06
CA TYR A 57 9.28 -4.26 -8.38
C TYR A 57 8.80 -5.25 -9.45
N LYS A 58 8.16 -6.30 -8.99
CA LYS A 58 7.65 -7.33 -9.88
C LYS A 58 6.12 -7.19 -9.99
N ASN A 59 5.57 -6.44 -9.05
CA ASN A 59 4.13 -6.23 -9.02
C ASN A 59 3.83 -4.75 -9.25
N VAL A 60 4.60 -4.16 -10.15
CA VAL A 60 4.43 -2.75 -10.47
C VAL A 60 4.84 -2.51 -11.93
N PRO A 61 3.84 -2.11 -12.75
CA PRO A 61 4.10 -1.83 -14.16
C PRO A 61 4.84 -0.51 -14.34
N PRO A 62 5.31 -0.28 -15.59
CA PRO A 62 6.03 0.94 -15.91
C PRO A 62 5.08 2.13 -16.01
N GLU A 63 3.85 1.83 -16.41
CA GLU A 63 2.84 2.86 -16.55
C GLU A 63 2.47 3.43 -15.18
N LYS A 64 2.72 2.64 -14.15
CA LYS A 64 2.42 3.06 -12.79
C LYS A 64 3.69 3.60 -12.13
N LYS A 65 4.82 3.04 -12.55
CA LYS A 65 6.10 3.47 -12.01
C LYS A 65 6.11 4.99 -11.85
N PRO A 66 6.41 5.43 -10.60
CA PRO A 66 6.46 6.86 -10.30
C PRO A 66 7.71 7.51 -10.89
N THR A 67 7.68 8.83 -10.96
CA THR A 67 8.81 9.58 -11.50
C THR A 67 9.39 8.85 -12.72
N GLN A 68 10.43 8.07 -12.46
CA GLN A 68 11.08 7.33 -13.52
C GLN A 68 12.01 6.25 -12.93
N GLY A 69 12.03 5.11 -13.59
CA GLY A 69 12.86 4.00 -13.14
C GLY A 69 12.08 3.08 -12.22
N ASN A 70 12.82 2.20 -11.54
CA ASN A 70 12.21 1.26 -10.63
C ASN A 70 11.09 1.95 -9.85
N PRO A 71 10.14 1.12 -9.34
CA PRO A 71 9.02 1.64 -8.57
C PRO A 71 9.47 2.08 -7.17
N LEU A 72 8.83 3.13 -6.67
CA LEU A 72 9.15 3.64 -5.35
C LEU A 72 7.87 3.70 -4.51
N PRO A 73 8.07 3.71 -3.17
CA PRO A 73 6.95 3.76 -2.25
C PRO A 73 6.33 5.15 -2.21
N PRO A 74 5.15 5.23 -1.54
CA PRO A 74 4.55 4.07 -0.93
C PRO A 74 3.93 3.15 -2.00
N GLN A 75 3.75 1.89 -1.61
CA GLN A 75 3.16 0.92 -2.52
C GLN A 75 2.21 -0.01 -1.76
N ILE A 76 0.94 0.38 -1.76
CA ILE A 76 -0.07 -0.40 -1.07
C ILE A 76 -0.19 -1.77 -1.74
N PHE A 77 -0.40 -2.79 -0.92
CA PHE A 77 -0.54 -4.14 -1.41
C PHE A 77 -1.35 -5.01 -0.44
N ASN A 78 -2.59 -5.26 -0.82
CA ASN A 78 -3.49 -6.06 -0.01
C ASN A 78 -3.16 -7.54 -0.21
N GLY A 79 -2.25 -8.03 0.59
CA GLY A 79 -1.84 -9.43 0.51
C GLY A 79 -1.20 -9.73 -0.85
N ASP A 80 0.01 -9.23 -1.01
CA ASP A 80 0.75 -9.43 -2.25
C ASP A 80 -0.15 -9.09 -3.44
N ARG A 81 -1.15 -8.27 -3.16
CA ARG A 81 -2.09 -7.86 -4.19
C ARG A 81 -1.89 -6.37 -4.52
N TYR A 82 -1.40 -6.13 -5.72
CA TYR A 82 -1.16 -4.77 -6.17
C TYR A 82 -2.47 -3.96 -6.17
N CYS A 83 -2.45 -2.88 -5.40
CA CYS A 83 -3.62 -2.02 -5.31
C CYS A 83 -3.30 -0.70 -6.02
N GLY A 84 -2.26 -0.03 -5.53
CA GLY A 84 -1.85 1.23 -6.11
C GLY A 84 -0.96 2.02 -5.15
N ASP A 85 -0.20 2.94 -5.71
CA ASP A 85 0.70 3.76 -4.91
C ASP A 85 -0.08 4.94 -4.33
N TYR A 86 0.67 5.87 -3.76
CA TYR A 86 0.06 7.05 -3.17
C TYR A 86 -0.92 7.71 -4.14
N ASP A 87 -0.50 7.79 -5.40
CA ASP A 87 -1.33 8.38 -6.43
C ASP A 87 -2.73 7.77 -6.38
N SER A 88 -2.76 6.45 -6.49
CA SER A 88 -4.03 5.73 -6.47
C SER A 88 -4.78 6.06 -5.18
N PHE A 89 -4.10 5.87 -4.06
CA PHE A 89 -4.70 6.15 -2.77
C PHE A 89 -5.43 7.49 -2.78
N PHE A 90 -4.69 8.53 -3.11
CA PHE A 90 -5.25 9.87 -3.16
C PHE A 90 -6.48 9.92 -4.08
N GLU A 91 -6.27 9.46 -5.31
CA GLU A 91 -7.34 9.45 -6.29
C GLU A 91 -8.61 8.87 -5.68
N SER A 92 -8.44 7.77 -4.96
CA SER A 92 -9.57 7.11 -4.33
C SER A 92 -10.01 7.91 -3.10
N LYS A 93 -9.06 8.61 -2.51
CA LYS A 93 -9.34 9.42 -1.34
C LYS A 93 -10.40 10.48 -1.69
N GLU A 94 -10.19 11.12 -2.82
CA GLU A 94 -11.11 12.15 -3.28
C GLU A 94 -12.52 11.56 -3.46
N SER A 95 -12.54 10.27 -3.77
CA SER A 95 -13.80 9.58 -3.97
C SER A 95 -14.16 8.77 -2.73
N ASN A 96 -13.35 8.94 -1.69
CA ASN A 96 -13.57 8.24 -0.44
C ASN A 96 -13.75 6.75 -0.73
N THR A 97 -12.76 6.18 -1.39
CA THR A 97 -12.80 4.77 -1.73
C THR A 97 -11.54 4.07 -1.23
N VAL A 98 -10.71 4.83 -0.53
CA VAL A 98 -9.47 4.29 0.01
C VAL A 98 -9.70 2.85 0.46
N PHE A 99 -10.68 2.68 1.34
CA PHE A 99 -11.00 1.36 1.86
C PHE A 99 -11.13 0.34 0.71
N SER A 100 -11.90 0.72 -0.29
CA SER A 100 -12.11 -0.14 -1.44
C SER A 100 -10.83 -0.24 -2.27
N PHE A 101 -10.17 0.91 -2.41
CA PHE A 101 -8.94 0.96 -3.17
C PHE A 101 -7.93 -0.07 -2.67
N LEU A 102 -7.94 -0.27 -1.35
CA LEU A 102 -7.04 -1.21 -0.73
C LEU A 102 -7.67 -2.61 -0.76
N GLY A 103 -9.00 -2.62 -0.72
CA GLY A 103 -9.75 -3.86 -0.75
C GLY A 103 -10.34 -4.17 0.63
N LEU A 104 -10.88 -3.13 1.25
CA LEU A 104 -11.48 -3.28 2.56
C LEU A 104 -13.00 -3.15 2.44
N LYS A 105 -13.57 -3.99 1.61
CA LYS A 105 -15.01 -3.99 1.39
C LYS A 105 -15.40 -5.18 0.52
N SER A 106 -16.70 -5.33 0.32
CA SER A 106 -17.22 -6.42 -0.48
C SER A 106 -16.51 -7.72 -0.11
N GLY A 107 -17.00 -8.35 0.95
CA GLY A 107 -16.42 -9.60 1.41
C GLY A 107 -16.63 -9.77 2.92
N PRO A 108 -15.67 -10.51 3.55
CA PRO A 108 -15.73 -10.75 4.98
C PRO A 108 -15.34 -9.50 5.77
N SER A 109 -15.63 -9.53 7.05
CA SER A 109 -15.31 -8.41 7.93
C SER A 109 -16.04 -7.16 7.44
N SER A 110 -17.13 -6.85 8.13
CA SER A 110 -17.92 -5.68 7.80
C SER A 110 -18.49 -5.82 6.37
N GLY A 111 -19.75 -5.43 6.23
CA GLY A 111 -20.42 -5.50 4.95
C GLY A 111 -20.33 -4.17 4.20
N GLY A 1 -18.97 -12.81 21.41
CA GLY A 1 -18.93 -11.52 20.74
C GLY A 1 -19.40 -11.65 19.29
N SER A 2 -18.44 -11.78 18.39
CA SER A 2 -18.74 -11.90 16.97
C SER A 2 -19.40 -10.61 16.46
N SER A 3 -18.65 -9.90 15.63
CA SER A 3 -19.13 -8.65 15.07
C SER A 3 -18.14 -8.14 14.02
N GLY A 4 -18.26 -8.69 12.82
CA GLY A 4 -17.39 -8.29 11.73
C GLY A 4 -16.24 -9.30 11.54
N SER A 5 -15.10 -8.97 12.10
CA SER A 5 -13.93 -9.83 12.00
C SER A 5 -13.45 -9.89 10.55
N SER A 6 -12.19 -9.57 10.37
CA SER A 6 -11.60 -9.59 9.04
C SER A 6 -10.24 -10.30 9.07
N GLY A 7 -9.76 -10.66 7.89
CA GLY A 7 -8.49 -11.35 7.78
C GLY A 7 -7.66 -10.77 6.63
N MET A 8 -7.56 -9.46 6.61
CA MET A 8 -6.79 -8.77 5.58
C MET A 8 -5.77 -7.81 6.19
N VAL A 9 -4.79 -7.46 5.38
CA VAL A 9 -3.74 -6.55 5.82
C VAL A 9 -3.20 -5.77 4.62
N ILE A 10 -3.51 -4.49 4.59
CA ILE A 10 -3.06 -3.63 3.51
C ILE A 10 -1.55 -3.41 3.64
N ARG A 11 -0.80 -4.44 3.25
CA ARG A 11 0.65 -4.37 3.32
C ARG A 11 1.15 -3.13 2.58
N VAL A 12 1.55 -2.13 3.36
CA VAL A 12 2.06 -0.90 2.79
C VAL A 12 3.59 -0.93 2.78
N PHE A 13 4.13 -0.87 1.57
CA PHE A 13 5.57 -0.89 1.40
C PHE A 13 6.18 0.49 1.67
N ILE A 14 7.26 0.49 2.44
CA ILE A 14 7.94 1.72 2.78
C ILE A 14 9.45 1.51 2.69
N ALA A 15 10.15 2.56 2.32
CA ALA A 15 11.59 2.51 2.19
C ALA A 15 12.22 3.70 2.91
N SER A 16 12.35 3.55 4.22
CA SER A 16 12.93 4.61 5.03
C SER A 16 14.11 5.26 4.30
N SER A 17 14.93 4.41 3.70
CA SER A 17 16.09 4.89 2.96
C SER A 17 15.78 4.90 1.46
N SER A 18 15.44 6.09 0.97
CA SER A 18 15.13 6.25 -0.43
C SER A 18 15.92 7.42 -1.02
N GLY A 19 15.52 8.62 -0.62
CA GLY A 19 16.19 9.82 -1.10
C GLY A 19 15.19 10.96 -1.30
N PHE A 20 13.96 10.57 -1.61
CA PHE A 20 12.90 11.55 -1.84
C PHE A 20 12.00 11.67 -0.60
N VAL A 21 12.36 12.61 0.26
CA VAL A 21 11.60 12.83 1.49
C VAL A 21 10.11 12.88 1.14
N ALA A 22 9.82 13.37 -0.05
CA ALA A 22 8.44 13.47 -0.50
C ALA A 22 7.77 12.10 -0.40
N ILE A 23 8.55 11.07 -0.72
CA ILE A 23 8.04 9.71 -0.66
C ILE A 23 7.60 9.40 0.78
N LYS A 24 8.46 9.78 1.72
CA LYS A 24 8.16 9.54 3.12
C LYS A 24 6.76 10.06 3.45
N LYS A 25 6.57 11.35 3.21
CA LYS A 25 5.29 11.98 3.47
C LYS A 25 4.17 11.05 3.02
N LYS A 26 4.19 10.71 1.73
CA LYS A 26 3.18 9.84 1.17
C LYS A 26 3.04 8.59 2.06
N GLN A 27 4.16 7.89 2.23
CA GLN A 27 4.16 6.70 3.05
C GLN A 27 3.40 6.93 4.35
N GLN A 28 3.58 8.13 4.90
CA GLN A 28 2.93 8.49 6.14
C GLN A 28 1.42 8.66 5.90
N ASP A 29 1.09 9.70 5.15
CA ASP A 29 -0.30 9.98 4.84
C ASP A 29 -1.05 8.67 4.64
N VAL A 30 -0.36 7.69 4.09
CA VAL A 30 -0.94 6.39 3.84
C VAL A 30 -1.33 5.75 5.17
N VAL A 31 -0.37 5.04 5.76
CA VAL A 31 -0.60 4.38 7.03
C VAL A 31 -1.43 5.29 7.94
N ARG A 32 -0.97 6.53 8.06
CA ARG A 32 -1.66 7.51 8.89
C ARG A 32 -3.17 7.36 8.73
N PHE A 33 -3.61 7.42 7.49
CA PHE A 33 -5.03 7.29 7.19
C PHE A 33 -5.58 5.96 7.70
N LEU A 34 -4.76 4.93 7.56
CA LEU A 34 -5.15 3.60 8.00
C LEU A 34 -5.20 3.56 9.53
N GLU A 35 -4.15 4.12 10.13
CA GLU A 35 -4.05 4.15 11.58
C GLU A 35 -5.21 4.96 12.17
N ALA A 36 -5.39 6.14 11.62
CA ALA A 36 -6.46 7.02 12.08
C ALA A 36 -7.81 6.32 11.88
N ASN A 37 -7.84 5.44 10.90
CA ASN A 37 -9.06 4.71 10.60
C ASN A 37 -8.92 3.27 11.11
N LYS A 38 -7.88 3.05 11.91
CA LYS A 38 -7.63 1.74 12.47
C LYS A 38 -7.93 0.68 11.40
N ILE A 39 -7.33 0.86 10.24
CA ILE A 39 -7.53 -0.08 9.15
C ILE A 39 -6.40 -1.11 9.15
N GLU A 40 -6.70 -2.27 8.58
CA GLU A 40 -5.72 -3.35 8.52
C GLU A 40 -4.63 -3.01 7.51
N PHE A 41 -3.39 -3.11 7.97
CA PHE A 41 -2.25 -2.83 7.13
C PHE A 41 -0.93 -3.05 7.88
N GLU A 42 0.17 -2.88 7.15
CA GLU A 42 1.48 -3.07 7.74
C GLU A 42 2.54 -2.32 6.92
N GLU A 43 3.55 -1.85 7.62
CA GLU A 43 4.63 -1.11 6.97
C GLU A 43 5.76 -2.06 6.58
N VAL A 44 5.74 -2.47 5.32
CA VAL A 44 6.75 -3.38 4.82
C VAL A 44 7.99 -2.57 4.42
N ASP A 45 8.99 -2.62 5.28
CA ASP A 45 10.24 -1.90 5.03
C ASP A 45 10.96 -2.55 3.86
N ILE A 46 10.88 -1.89 2.72
CA ILE A 46 11.53 -2.39 1.52
C ILE A 46 13.00 -1.96 1.52
N THR A 47 13.31 -1.03 2.39
CA THR A 47 14.67 -0.52 2.51
C THR A 47 15.55 -1.52 3.26
N MET A 48 15.02 -2.02 4.36
CA MET A 48 15.74 -2.98 5.17
C MET A 48 15.74 -4.36 4.51
N SER A 49 14.54 -4.79 4.11
CA SER A 49 14.40 -6.08 3.47
C SER A 49 14.41 -5.92 1.95
N GLU A 50 15.54 -6.24 1.36
CA GLU A 50 15.70 -6.12 -0.08
C GLU A 50 14.60 -6.92 -0.80
N GLU A 51 14.48 -8.19 -0.41
CA GLU A 51 13.48 -9.06 -1.01
C GLU A 51 12.16 -8.32 -1.14
N GLN A 52 11.63 -7.89 -0.01
CA GLN A 52 10.36 -7.17 0.00
C GLN A 52 10.29 -6.21 -1.19
N ARG A 53 11.34 -5.41 -1.33
CA ARG A 53 11.40 -4.45 -2.42
C ARG A 53 11.36 -5.17 -3.77
N GLN A 54 12.31 -6.07 -3.95
CA GLN A 54 12.40 -6.83 -5.19
C GLN A 54 11.01 -7.33 -5.60
N TRP A 55 10.31 -7.88 -4.62
CA TRP A 55 8.97 -8.41 -4.86
C TRP A 55 8.14 -7.29 -5.51
N MET A 56 8.06 -6.18 -4.81
CA MET A 56 7.30 -5.04 -5.30
C MET A 56 7.67 -4.73 -6.76
N TYR A 57 8.96 -4.62 -7.01
CA TYR A 57 9.46 -4.33 -8.34
C TYR A 57 8.91 -5.34 -9.36
N LYS A 58 8.41 -6.45 -8.83
CA LYS A 58 7.87 -7.49 -9.68
C LYS A 58 6.34 -7.38 -9.70
N ASN A 59 5.83 -6.61 -8.74
CA ASN A 59 4.39 -6.42 -8.63
C ASN A 59 4.05 -4.96 -8.97
N VAL A 60 4.79 -4.44 -9.93
CA VAL A 60 4.58 -3.06 -10.37
C VAL A 60 5.09 -2.89 -11.79
N PRO A 61 4.15 -2.59 -12.72
CA PRO A 61 4.49 -2.40 -14.11
C PRO A 61 5.17 -1.06 -14.33
N PRO A 62 5.70 -0.87 -15.58
CA PRO A 62 6.39 0.36 -15.92
C PRO A 62 5.38 1.49 -16.15
N GLU A 63 4.20 1.11 -16.59
CA GLU A 63 3.15 2.08 -16.85
C GLU A 63 2.67 2.71 -15.54
N LYS A 64 2.76 1.93 -14.47
CA LYS A 64 2.36 2.41 -13.17
C LYS A 64 3.55 3.08 -12.47
N LYS A 65 4.74 2.58 -12.81
CA LYS A 65 5.95 3.12 -12.23
C LYS A 65 5.83 4.65 -12.11
N PRO A 66 6.04 5.15 -10.86
CA PRO A 66 5.96 6.57 -10.61
C PRO A 66 7.19 7.31 -11.15
N THR A 67 7.13 8.63 -11.08
CA THR A 67 8.22 9.45 -11.56
C THR A 67 8.87 8.82 -12.80
N GLN A 68 9.94 8.08 -12.54
CA GLN A 68 10.66 7.41 -13.63
C GLN A 68 11.62 6.37 -13.07
N GLY A 69 11.67 5.23 -13.74
CA GLY A 69 12.55 4.14 -13.32
C GLY A 69 11.81 3.18 -12.39
N ASN A 70 12.60 2.35 -11.72
CA ASN A 70 12.03 1.38 -10.79
C ASN A 70 10.89 2.03 -10.00
N PRO A 71 9.99 1.15 -9.47
CA PRO A 71 8.85 1.63 -8.71
C PRO A 71 9.28 2.08 -7.31
N LEU A 72 8.78 3.25 -6.93
CA LEU A 72 9.10 3.82 -5.63
C LEU A 72 7.85 3.81 -4.75
N PRO A 73 8.08 3.86 -3.42
CA PRO A 73 6.99 3.87 -2.46
C PRO A 73 6.29 5.23 -2.43
N PRO A 74 5.12 5.27 -1.75
CA PRO A 74 4.59 4.07 -1.10
C PRO A 74 4.01 3.10 -2.14
N GLN A 75 3.92 1.85 -1.74
CA GLN A 75 3.39 0.81 -2.62
C GLN A 75 2.47 -0.12 -1.84
N ILE A 76 1.22 0.31 -1.68
CA ILE A 76 0.24 -0.48 -0.95
C ILE A 76 0.03 -1.81 -1.69
N PHE A 77 -0.26 -2.84 -0.90
CA PHE A 77 -0.49 -4.16 -1.46
C PHE A 77 -1.38 -5.00 -0.54
N ASN A 78 -2.57 -5.28 -1.02
CA ASN A 78 -3.54 -6.06 -0.26
C ASN A 78 -3.15 -7.54 -0.34
N GLY A 79 -2.20 -7.92 0.49
CA GLY A 79 -1.73 -9.31 0.51
C GLY A 79 -0.72 -9.56 -0.59
N ASP A 80 -1.23 -9.97 -1.74
CA ASP A 80 -0.38 -10.25 -2.89
C ASP A 80 -1.00 -9.64 -4.15
N ARG A 81 -1.96 -8.76 -3.93
CA ARG A 81 -2.64 -8.11 -5.03
C ARG A 81 -2.26 -6.62 -5.09
N TYR A 82 -1.69 -6.24 -6.22
CA TYR A 82 -1.27 -4.86 -6.42
C TYR A 82 -2.43 -3.90 -6.15
N CYS A 83 -2.26 -3.09 -5.11
CA CYS A 83 -3.28 -2.12 -4.74
C CYS A 83 -3.11 -0.89 -5.63
N GLY A 84 -2.12 -0.08 -5.29
CA GLY A 84 -1.85 1.12 -6.04
C GLY A 84 -0.92 2.06 -5.27
N ASP A 85 -0.09 2.78 -6.01
CA ASP A 85 0.85 3.70 -5.41
C ASP A 85 0.08 4.81 -4.69
N TYR A 86 0.84 5.76 -4.16
CA TYR A 86 0.25 6.88 -3.44
C TYR A 86 -0.82 7.57 -4.29
N ASP A 87 -0.48 7.78 -5.55
CA ASP A 87 -1.39 8.43 -6.48
C ASP A 87 -2.79 7.87 -6.28
N SER A 88 -2.90 6.56 -6.40
CA SER A 88 -4.18 5.89 -6.24
C SER A 88 -4.75 6.18 -4.86
N PHE A 89 -4.04 5.72 -3.84
CA PHE A 89 -4.47 5.92 -2.47
C PHE A 89 -5.08 7.32 -2.29
N PHE A 90 -4.38 8.30 -2.85
CA PHE A 90 -4.84 9.68 -2.76
C PHE A 90 -6.03 9.93 -3.70
N GLU A 91 -5.95 9.34 -4.88
CA GLU A 91 -7.01 9.48 -5.86
C GLU A 91 -8.32 8.93 -5.31
N SER A 92 -8.21 8.18 -4.22
CA SER A 92 -9.37 7.60 -3.59
C SER A 92 -9.79 8.43 -2.38
N LYS A 93 -8.80 8.81 -1.58
CA LYS A 93 -9.06 9.61 -0.40
C LYS A 93 -9.99 10.75 -0.75
N GLU A 94 -9.77 11.32 -1.93
CA GLU A 94 -10.60 12.43 -2.40
C GLU A 94 -12.07 12.01 -2.45
N SER A 95 -12.29 10.78 -2.90
CA SER A 95 -13.64 10.26 -3.00
C SER A 95 -13.91 9.29 -1.84
N ASN A 96 -13.00 9.29 -0.88
CA ASN A 96 -13.12 8.43 0.27
C ASN A 96 -13.40 7.00 -0.19
N THR A 97 -12.48 6.49 -1.00
CA THR A 97 -12.60 5.13 -1.52
C THR A 97 -11.40 4.29 -1.10
N VAL A 98 -10.52 4.91 -0.34
CA VAL A 98 -9.33 4.24 0.14
C VAL A 98 -9.67 2.78 0.48
N PHE A 99 -10.78 2.63 1.18
CA PHE A 99 -11.23 1.31 1.58
C PHE A 99 -11.42 0.41 0.36
N SER A 100 -12.22 0.89 -0.59
CA SER A 100 -12.49 0.14 -1.80
C SER A 100 -11.22 0.02 -2.63
N PHE A 101 -10.41 1.07 -2.57
CA PHE A 101 -9.16 1.11 -3.31
C PHE A 101 -8.25 -0.06 -2.92
N LEU A 102 -8.30 -0.41 -1.64
CA LEU A 102 -7.49 -1.50 -1.13
C LEU A 102 -8.30 -2.80 -1.18
N GLY A 103 -9.51 -2.68 -1.74
CA GLY A 103 -10.38 -3.83 -1.85
C GLY A 103 -11.03 -4.16 -0.50
N LEU A 104 -11.36 -3.12 0.23
CA LEU A 104 -11.99 -3.28 1.54
C LEU A 104 -13.49 -2.98 1.42
N LYS A 105 -14.28 -3.81 2.08
CA LYS A 105 -15.72 -3.65 2.07
C LYS A 105 -16.24 -3.93 0.65
N SER A 106 -16.28 -5.20 0.31
CA SER A 106 -16.75 -5.61 -1.00
C SER A 106 -16.77 -7.15 -1.10
N GLY A 107 -17.43 -7.63 -2.14
CA GLY A 107 -17.52 -9.07 -2.36
C GLY A 107 -18.12 -9.77 -1.13
N PRO A 108 -17.88 -11.11 -1.08
CA PRO A 108 -18.38 -11.92 0.02
C PRO A 108 -17.57 -11.67 1.30
N SER A 109 -16.26 -11.57 1.12
CA SER A 109 -15.37 -11.34 2.24
C SER A 109 -15.56 -12.43 3.30
N SER A 110 -14.66 -12.44 4.27
CA SER A 110 -14.72 -13.43 5.34
C SER A 110 -16.15 -13.52 5.88
N GLY A 111 -16.65 -12.37 6.35
CA GLY A 111 -17.99 -12.32 6.89
C GLY A 111 -18.83 -11.27 6.16
N GLY A 1 -18.89 -13.93 16.37
CA GLY A 1 -19.07 -14.86 15.27
C GLY A 1 -17.77 -15.03 14.47
N SER A 2 -17.01 -16.05 14.83
CA SER A 2 -15.76 -16.32 14.16
C SER A 2 -16.01 -17.12 12.88
N SER A 3 -15.28 -16.76 11.84
CA SER A 3 -15.41 -17.43 10.56
C SER A 3 -14.21 -17.12 9.67
N GLY A 4 -13.55 -18.17 9.22
CA GLY A 4 -12.38 -18.02 8.37
C GLY A 4 -11.18 -17.51 9.17
N SER A 5 -10.01 -18.00 8.79
CA SER A 5 -8.78 -17.61 9.46
C SER A 5 -7.97 -16.68 8.56
N SER A 6 -7.01 -16.00 9.17
CA SER A 6 -6.16 -15.09 8.44
C SER A 6 -7.01 -13.99 7.78
N GLY A 7 -6.97 -12.82 8.38
CA GLY A 7 -7.74 -11.69 7.87
C GLY A 7 -6.97 -10.97 6.75
N MET A 8 -7.37 -9.74 6.52
CA MET A 8 -6.74 -8.94 5.49
C MET A 8 -5.67 -8.00 6.09
N VAL A 9 -4.73 -7.62 5.25
CA VAL A 9 -3.65 -6.74 5.69
C VAL A 9 -3.16 -5.93 4.49
N ILE A 10 -3.28 -4.61 4.62
CA ILE A 10 -2.85 -3.70 3.57
C ILE A 10 -1.34 -3.51 3.66
N ARG A 11 -0.62 -4.45 3.05
CA ARG A 11 0.83 -4.39 3.05
C ARG A 11 1.32 -3.14 2.32
N VAL A 12 1.67 -2.13 3.11
CA VAL A 12 2.16 -0.88 2.55
C VAL A 12 3.68 -0.88 2.53
N PHE A 13 4.23 -1.00 1.33
CA PHE A 13 5.68 -1.02 1.17
C PHE A 13 6.27 0.37 1.36
N ILE A 14 7.29 0.43 2.19
CA ILE A 14 7.96 1.70 2.48
C ILE A 14 9.48 1.48 2.49
N ALA A 15 10.19 2.51 2.09
CA ALA A 15 11.64 2.45 2.06
C ALA A 15 12.22 3.50 3.01
N SER A 16 12.37 3.09 4.26
CA SER A 16 12.91 3.98 5.28
C SER A 16 14.38 4.30 4.98
N SER A 17 14.58 5.07 3.92
CA SER A 17 15.92 5.45 3.51
C SER A 17 15.85 6.35 2.28
N SER A 18 14.91 6.03 1.40
CA SER A 18 14.74 6.81 0.17
C SER A 18 14.80 8.30 0.49
N GLY A 19 15.88 8.93 0.04
CA GLY A 19 16.07 10.34 0.28
C GLY A 19 14.78 11.12 0.01
N PHE A 20 14.21 10.89 -1.17
CA PHE A 20 12.98 11.55 -1.55
C PHE A 20 12.03 11.70 -0.36
N VAL A 21 12.01 12.91 0.19
CA VAL A 21 11.16 13.19 1.33
C VAL A 21 9.70 13.05 0.93
N ALA A 22 9.39 13.59 -0.23
CA ALA A 22 8.02 13.53 -0.76
C ALA A 22 7.46 12.13 -0.53
N ILE A 23 8.27 11.14 -0.88
CA ILE A 23 7.86 9.75 -0.72
C ILE A 23 7.43 9.51 0.72
N LYS A 24 8.32 9.88 1.64
CA LYS A 24 8.04 9.71 3.05
C LYS A 24 6.64 10.23 3.36
N LYS A 25 6.44 11.50 3.07
CA LYS A 25 5.15 12.13 3.30
C LYS A 25 4.04 11.20 2.82
N LYS A 26 4.14 10.81 1.56
CA LYS A 26 3.15 9.92 0.97
C LYS A 26 3.10 8.62 1.77
N GLN A 27 4.27 8.12 2.11
CA GLN A 27 4.38 6.89 2.87
C GLN A 27 3.61 7.01 4.19
N GLN A 28 3.51 8.25 4.67
CA GLN A 28 2.81 8.51 5.91
C GLN A 28 1.31 8.65 5.65
N ASP A 29 0.98 9.57 4.77
CA ASP A 29 -0.41 9.81 4.42
C ASP A 29 -1.16 8.48 4.35
N VAL A 30 -0.43 7.45 3.93
CA VAL A 30 -1.00 6.13 3.82
C VAL A 30 -1.36 5.60 5.21
N VAL A 31 -0.38 4.94 5.83
CA VAL A 31 -0.57 4.39 7.16
C VAL A 31 -1.43 5.35 7.98
N ARG A 32 -0.97 6.59 8.07
CA ARG A 32 -1.68 7.61 8.82
C ARG A 32 -3.19 7.43 8.65
N PHE A 33 -3.63 7.55 7.41
CA PHE A 33 -5.04 7.41 7.09
C PHE A 33 -5.61 6.11 7.67
N LEU A 34 -4.80 5.06 7.56
CA LEU A 34 -5.20 3.76 8.07
C LEU A 34 -5.25 3.80 9.60
N GLU A 35 -4.12 4.16 10.18
CA GLU A 35 -4.03 4.24 11.63
C GLU A 35 -5.18 5.08 12.19
N ALA A 36 -5.33 6.27 11.62
CA ALA A 36 -6.39 7.18 12.06
C ALA A 36 -7.75 6.49 11.89
N ASN A 37 -7.76 5.48 11.02
CA ASN A 37 -8.99 4.74 10.77
C ASN A 37 -8.84 3.33 11.33
N LYS A 38 -7.98 3.20 12.33
CA LYS A 38 -7.74 1.92 12.96
C LYS A 38 -7.86 0.81 11.90
N ILE A 39 -7.33 1.12 10.72
CA ILE A 39 -7.37 0.16 9.62
C ILE A 39 -6.20 -0.82 9.76
N GLU A 40 -6.44 -2.05 9.33
CA GLU A 40 -5.42 -3.08 9.40
C GLU A 40 -4.45 -2.96 8.23
N PHE A 41 -3.17 -3.06 8.54
CA PHE A 41 -2.14 -2.95 7.52
C PHE A 41 -0.75 -3.19 8.12
N GLU A 42 0.25 -3.16 7.24
CA GLU A 42 1.62 -3.38 7.68
C GLU A 42 2.58 -2.58 6.78
N GLU A 43 3.64 -2.09 7.41
CA GLU A 43 4.64 -1.32 6.68
C GLU A 43 5.79 -2.23 6.23
N VAL A 44 5.62 -2.79 5.04
CA VAL A 44 6.63 -3.67 4.49
C VAL A 44 7.88 -2.86 4.14
N ASP A 45 8.71 -2.65 5.15
CA ASP A 45 9.94 -1.89 4.98
C ASP A 45 10.78 -2.55 3.89
N ILE A 46 10.70 -1.98 2.69
CA ILE A 46 11.45 -2.49 1.55
C ILE A 46 12.93 -2.19 1.75
N THR A 47 13.19 -1.15 2.54
CA THR A 47 14.56 -0.74 2.80
C THR A 47 15.27 -1.78 3.69
N MET A 48 14.54 -2.22 4.71
CA MET A 48 15.09 -3.22 5.62
C MET A 48 15.26 -4.56 4.94
N SER A 49 14.23 -4.94 4.19
CA SER A 49 14.26 -6.21 3.48
C SER A 49 14.37 -5.96 1.96
N GLU A 50 15.50 -6.38 1.41
CA GLU A 50 15.74 -6.21 0.00
C GLU A 50 14.67 -6.95 -0.82
N GLU A 51 14.55 -8.24 -0.54
CA GLU A 51 13.57 -9.06 -1.24
C GLU A 51 12.26 -8.29 -1.42
N GLN A 52 11.66 -7.93 -0.30
CA GLN A 52 10.41 -7.19 -0.32
C GLN A 52 10.41 -6.18 -1.47
N ARG A 53 11.43 -5.34 -1.47
CA ARG A 53 11.56 -4.32 -2.51
C ARG A 53 11.55 -4.99 -3.90
N GLN A 54 12.42 -5.96 -4.05
CA GLN A 54 12.52 -6.67 -5.32
C GLN A 54 11.15 -7.17 -5.77
N TRP A 55 10.51 -7.94 -4.89
CA TRP A 55 9.20 -8.48 -5.18
C TRP A 55 8.31 -7.33 -5.67
N MET A 56 8.31 -6.26 -4.90
CA MET A 56 7.51 -5.08 -5.25
C MET A 56 7.75 -4.69 -6.71
N TYR A 57 9.02 -4.62 -7.08
CA TYR A 57 9.38 -4.25 -8.44
C TYR A 57 8.93 -5.31 -9.44
N LYS A 58 8.47 -6.43 -8.89
CA LYS A 58 7.99 -7.53 -9.73
C LYS A 58 6.46 -7.50 -9.78
N ASN A 59 5.89 -6.62 -8.98
CA ASN A 59 4.44 -6.49 -8.92
C ASN A 59 4.07 -5.03 -9.21
N VAL A 60 4.84 -4.42 -10.09
CA VAL A 60 4.59 -3.03 -10.47
C VAL A 60 5.03 -2.81 -11.91
N PRO A 61 4.03 -2.48 -12.77
CA PRO A 61 4.30 -2.24 -14.18
C PRO A 61 4.97 -0.89 -14.38
N PRO A 62 5.46 -0.67 -15.65
CA PRO A 62 6.12 0.57 -15.98
C PRO A 62 5.10 1.71 -16.14
N GLU A 63 3.89 1.33 -16.53
CA GLU A 63 2.83 2.30 -16.72
C GLU A 63 2.37 2.86 -15.37
N LYS A 64 2.62 2.07 -14.33
CA LYS A 64 2.24 2.48 -12.99
C LYS A 64 3.42 3.18 -12.31
N LYS A 65 4.61 2.73 -12.69
CA LYS A 65 5.83 3.30 -12.13
C LYS A 65 5.66 4.82 -11.99
N PRO A 66 6.08 5.33 -10.81
CA PRO A 66 5.99 6.76 -10.55
C PRO A 66 7.07 7.53 -11.32
N THR A 67 8.21 7.69 -10.67
CA THR A 67 9.32 8.41 -11.27
C THR A 67 9.70 7.76 -12.62
N GLN A 68 10.65 6.85 -12.55
CA GLN A 68 11.11 6.16 -13.75
C GLN A 68 12.05 5.01 -13.37
N GLY A 69 12.27 4.14 -14.34
CA GLY A 69 13.14 3.00 -14.12
C GLY A 69 12.47 1.96 -13.21
N ASN A 70 12.68 2.13 -11.92
CA ASN A 70 12.11 1.22 -10.94
C ASN A 70 11.02 1.95 -10.15
N PRO A 71 10.06 1.14 -9.61
CA PRO A 71 8.96 1.69 -8.84
C PRO A 71 9.43 2.13 -7.45
N LEU A 72 8.80 3.18 -6.95
CA LEU A 72 9.15 3.69 -5.64
C LEU A 72 7.89 3.74 -4.76
N PRO A 73 8.12 3.75 -3.43
CA PRO A 73 7.01 3.80 -2.49
C PRO A 73 6.40 5.20 -2.43
N PRO A 74 5.22 5.28 -1.75
CA PRO A 74 4.63 4.11 -1.14
C PRO A 74 3.99 3.20 -2.20
N GLN A 75 3.84 1.93 -1.85
CA GLN A 75 3.25 0.96 -2.75
C GLN A 75 2.32 0.01 -1.99
N ILE A 76 1.09 0.47 -1.83
CA ILE A 76 0.08 -0.32 -1.12
C ILE A 76 -0.14 -1.64 -1.86
N PHE A 77 -0.25 -2.71 -1.09
CA PHE A 77 -0.45 -4.03 -1.66
C PHE A 77 -1.30 -4.90 -0.73
N ASN A 78 -2.53 -5.16 -1.17
CA ASN A 78 -3.44 -5.97 -0.39
C ASN A 78 -3.12 -7.44 -0.61
N GLY A 79 -2.23 -7.96 0.23
CA GLY A 79 -1.83 -9.35 0.14
C GLY A 79 -0.84 -9.56 -1.02
N ASP A 80 -1.39 -9.86 -2.18
CA ASP A 80 -0.58 -10.09 -3.36
C ASP A 80 -1.22 -9.38 -4.56
N ARG A 81 -2.18 -8.53 -4.25
CA ARG A 81 -2.87 -7.78 -5.29
C ARG A 81 -2.46 -6.30 -5.24
N TYR A 82 -1.84 -5.86 -6.33
CA TYR A 82 -1.39 -4.48 -6.43
C TYR A 82 -2.57 -3.51 -6.30
N CYS A 83 -2.52 -2.71 -5.23
CA CYS A 83 -3.57 -1.74 -4.99
C CYS A 83 -3.30 -0.51 -5.85
N GLY A 84 -2.33 0.27 -5.42
CA GLY A 84 -1.96 1.48 -6.13
C GLY A 84 -1.02 2.35 -5.30
N ASP A 85 -0.20 3.12 -6.01
CA ASP A 85 0.76 3.99 -5.35
C ASP A 85 0.01 5.16 -4.71
N TYR A 86 0.77 6.02 -4.05
CA TYR A 86 0.18 7.17 -3.38
C TYR A 86 -0.79 7.91 -4.30
N ASP A 87 -0.46 7.89 -5.59
CA ASP A 87 -1.30 8.55 -6.58
C ASP A 87 -2.73 8.01 -6.47
N SER A 88 -2.83 6.68 -6.44
CA SER A 88 -4.12 6.03 -6.35
C SER A 88 -4.75 6.31 -4.97
N PHE A 89 -4.06 5.86 -3.94
CA PHE A 89 -4.53 6.07 -2.58
C PHE A 89 -5.19 7.43 -2.42
N PHE A 90 -4.49 8.44 -2.92
CA PHE A 90 -4.99 9.80 -2.84
C PHE A 90 -6.29 9.97 -3.65
N GLU A 91 -6.24 9.50 -4.89
CA GLU A 91 -7.39 9.59 -5.77
C GLU A 91 -8.59 8.88 -5.14
N SER A 92 -8.28 8.05 -4.15
CA SER A 92 -9.33 7.31 -3.45
C SER A 92 -9.71 8.03 -2.16
N LYS A 93 -8.78 8.84 -1.68
CA LYS A 93 -9.00 9.60 -0.45
C LYS A 93 -10.11 10.62 -0.69
N GLU A 94 -9.85 11.53 -1.62
CA GLU A 94 -10.82 12.56 -1.95
C GLU A 94 -12.13 11.94 -2.42
N SER A 95 -12.04 10.66 -2.76
CA SER A 95 -13.21 9.94 -3.24
C SER A 95 -13.76 9.04 -2.13
N ASN A 96 -12.99 8.94 -1.06
CA ASN A 96 -13.38 8.13 0.09
C ASN A 96 -13.57 6.68 -0.37
N THR A 97 -12.66 6.24 -1.23
CA THR A 97 -12.71 4.89 -1.74
C THR A 97 -11.49 4.10 -1.29
N VAL A 98 -10.60 4.79 -0.58
CA VAL A 98 -9.39 4.17 -0.08
C VAL A 98 -9.69 2.73 0.34
N PHE A 99 -10.67 2.60 1.22
CA PHE A 99 -11.06 1.29 1.71
C PHE A 99 -11.22 0.30 0.55
N SER A 100 -12.03 0.69 -0.42
CA SER A 100 -12.27 -0.15 -1.58
C SER A 100 -11.00 -0.29 -2.41
N PHE A 101 -10.34 0.85 -2.59
CA PHE A 101 -9.11 0.88 -3.37
C PHE A 101 -8.12 -0.17 -2.87
N LEU A 102 -8.10 -0.33 -1.54
CA LEU A 102 -7.20 -1.29 -0.93
C LEU A 102 -7.85 -2.68 -0.95
N GLY A 103 -9.17 -2.67 -0.98
CA GLY A 103 -9.93 -3.91 -1.00
C GLY A 103 -10.54 -4.21 0.37
N LEU A 104 -11.13 -3.19 0.95
CA LEU A 104 -11.76 -3.33 2.26
C LEU A 104 -13.27 -3.15 2.13
N LYS A 105 -13.87 -3.98 1.29
CA LYS A 105 -15.29 -3.91 1.06
C LYS A 105 -15.71 -5.05 0.12
N SER A 106 -15.14 -5.03 -1.07
CA SER A 106 -15.44 -6.05 -2.07
C SER A 106 -14.57 -7.28 -1.83
N GLY A 107 -15.10 -8.18 -1.02
CA GLY A 107 -14.38 -9.41 -0.70
C GLY A 107 -14.95 -10.08 0.56
N PRO A 108 -14.26 -11.16 0.99
CA PRO A 108 -14.69 -11.89 2.17
C PRO A 108 -14.35 -11.12 3.45
N SER A 109 -15.37 -10.46 3.99
CA SER A 109 -15.18 -9.68 5.20
C SER A 109 -16.55 -9.28 5.77
N SER A 110 -16.56 -9.00 7.07
CA SER A 110 -17.78 -8.60 7.74
C SER A 110 -17.46 -8.04 9.12
N GLY A 111 -18.12 -6.94 9.45
CA GLY A 111 -17.92 -6.29 10.72
C GLY A 111 -16.83 -5.21 10.63
N GLY A 1 -9.20 -29.96 -1.60
CA GLY A 1 -9.95 -29.24 -0.58
C GLY A 1 -9.71 -27.73 -0.69
N SER A 2 -10.63 -26.98 -0.09
CA SER A 2 -10.53 -25.53 -0.12
C SER A 2 -10.61 -24.97 1.30
N SER A 3 -9.64 -24.14 1.64
CA SER A 3 -9.58 -23.53 2.96
C SER A 3 -8.45 -22.51 3.01
N GLY A 4 -8.78 -21.34 3.54
CA GLY A 4 -7.81 -20.27 3.67
C GLY A 4 -8.46 -18.98 4.16
N SER A 5 -7.74 -17.88 3.98
CA SER A 5 -8.25 -16.59 4.41
C SER A 5 -8.25 -16.50 5.94
N SER A 6 -8.18 -15.27 6.43
CA SER A 6 -8.18 -15.04 7.86
C SER A 6 -8.42 -13.56 8.15
N GLY A 7 -7.33 -12.80 8.15
CA GLY A 7 -7.41 -11.38 8.41
C GLY A 7 -6.62 -10.58 7.37
N MET A 8 -7.26 -9.55 6.84
CA MET A 8 -6.64 -8.71 5.84
C MET A 8 -5.53 -7.86 6.45
N VAL A 9 -4.63 -7.41 5.59
CA VAL A 9 -3.52 -6.58 6.02
C VAL A 9 -2.93 -5.83 4.82
N ILE A 10 -3.30 -4.57 4.71
CA ILE A 10 -2.82 -3.74 3.62
C ILE A 10 -1.31 -3.56 3.75
N ARG A 11 -0.58 -4.61 3.40
CA ARG A 11 0.87 -4.57 3.47
C ARG A 11 1.41 -3.40 2.67
N VAL A 12 1.64 -2.30 3.38
CA VAL A 12 2.15 -1.10 2.74
C VAL A 12 3.68 -1.15 2.74
N PHE A 13 4.25 -0.97 1.56
CA PHE A 13 5.69 -0.99 1.41
C PHE A 13 6.29 0.40 1.60
N ILE A 14 7.33 0.46 2.41
CA ILE A 14 8.00 1.72 2.70
C ILE A 14 9.51 1.53 2.56
N ALA A 15 10.18 2.62 2.19
CA ALA A 15 11.63 2.59 2.02
C ALA A 15 12.26 3.65 2.92
N SER A 16 12.39 3.30 4.19
CA SER A 16 12.98 4.21 5.16
C SER A 16 14.15 4.96 4.53
N SER A 17 14.90 4.25 3.71
CA SER A 17 16.05 4.84 3.03
C SER A 17 15.67 5.21 1.59
N SER A 18 15.32 6.48 1.41
CA SER A 18 14.95 6.97 0.10
C SER A 18 15.16 8.47 0.02
N GLY A 19 16.00 8.89 -0.91
CA GLY A 19 16.30 10.29 -1.09
C GLY A 19 15.10 11.02 -1.72
N PHE A 20 13.98 10.97 -1.02
CA PHE A 20 12.77 11.62 -1.48
C PHE A 20 11.75 11.78 -0.36
N VAL A 21 11.93 12.85 0.42
CA VAL A 21 11.04 13.12 1.54
C VAL A 21 9.59 13.05 1.05
N ALA A 22 9.39 13.51 -0.17
CA ALA A 22 8.06 13.50 -0.76
C ALA A 22 7.46 12.11 -0.64
N ILE A 23 8.31 11.11 -0.82
CA ILE A 23 7.88 9.73 -0.74
C ILE A 23 7.41 9.44 0.69
N LYS A 24 8.19 9.92 1.65
CA LYS A 24 7.87 9.72 3.04
C LYS A 24 6.44 10.20 3.31
N LYS A 25 6.25 11.50 3.15
CA LYS A 25 4.94 12.09 3.37
C LYS A 25 3.86 11.16 2.83
N LYS A 26 4.09 10.67 1.62
CA LYS A 26 3.15 9.76 0.98
C LYS A 26 3.00 8.51 1.84
N GLN A 27 4.14 7.92 2.18
CA GLN A 27 4.14 6.72 3.00
C GLN A 27 3.37 6.95 4.30
N GLN A 28 3.55 8.15 4.84
CA GLN A 28 2.87 8.51 6.08
C GLN A 28 1.37 8.65 5.85
N ASP A 29 1.02 9.59 4.98
CA ASP A 29 -0.38 9.84 4.66
C ASP A 29 -1.12 8.49 4.56
N VAL A 30 -0.39 7.49 4.09
CA VAL A 30 -0.95 6.17 3.93
C VAL A 30 -1.27 5.58 5.31
N VAL A 31 -0.27 4.94 5.89
CA VAL A 31 -0.42 4.33 7.19
C VAL A 31 -1.25 5.27 8.09
N ARG A 32 -0.77 6.50 8.21
CA ARG A 32 -1.46 7.49 9.01
C ARG A 32 -2.97 7.31 8.89
N PHE A 33 -3.44 7.37 7.65
CA PHE A 33 -4.86 7.22 7.39
C PHE A 33 -5.39 5.89 7.92
N LEU A 34 -4.63 4.84 7.66
CA LEU A 34 -5.00 3.51 8.10
C LEU A 34 -5.01 3.47 9.64
N GLU A 35 -3.95 4.02 10.22
CA GLU A 35 -3.83 4.06 11.66
C GLU A 35 -4.98 4.86 12.27
N ALA A 36 -5.19 6.05 11.74
CA ALA A 36 -6.24 6.91 12.22
C ALA A 36 -7.60 6.22 12.04
N ASN A 37 -7.63 5.30 11.08
CA ASN A 37 -8.84 4.56 10.79
C ASN A 37 -8.68 3.12 11.30
N LYS A 38 -7.63 2.92 12.09
CA LYS A 38 -7.36 1.61 12.65
C LYS A 38 -7.65 0.54 11.58
N ILE A 39 -7.10 0.75 10.40
CA ILE A 39 -7.29 -0.18 9.31
C ILE A 39 -6.16 -1.21 9.32
N GLU A 40 -6.46 -2.38 8.77
CA GLU A 40 -5.49 -3.46 8.71
C GLU A 40 -4.41 -3.14 7.67
N PHE A 41 -3.16 -3.22 8.11
CA PHE A 41 -2.04 -2.94 7.24
C PHE A 41 -0.71 -3.14 7.99
N GLU A 42 0.38 -2.97 7.24
CA GLU A 42 1.71 -3.11 7.82
C GLU A 42 2.74 -2.40 6.94
N GLU A 43 3.69 -1.77 7.61
CA GLU A 43 4.74 -1.04 6.92
C GLU A 43 5.87 -2.00 6.53
N VAL A 44 5.71 -2.64 5.38
CA VAL A 44 6.69 -3.57 4.89
C VAL A 44 7.94 -2.80 4.45
N ASP A 45 8.91 -2.74 5.34
CA ASP A 45 10.16 -2.04 5.06
C ASP A 45 10.87 -2.72 3.87
N ILE A 46 10.61 -2.18 2.69
CA ILE A 46 11.22 -2.73 1.49
C ILE A 46 12.72 -2.44 1.49
N THR A 47 13.07 -1.34 2.15
CA THR A 47 14.46 -0.93 2.23
C THR A 47 15.27 -1.95 3.04
N MET A 48 14.73 -2.29 4.20
CA MET A 48 15.38 -3.25 5.09
C MET A 48 15.07 -4.68 4.65
N SER A 49 13.81 -4.91 4.36
CA SER A 49 13.36 -6.23 3.93
C SER A 49 14.17 -6.68 2.71
N GLU A 50 14.39 -5.75 1.81
CA GLU A 50 15.15 -6.03 0.60
C GLU A 50 14.34 -6.95 -0.32
N GLU A 51 14.07 -8.14 0.18
CA GLU A 51 13.32 -9.13 -0.58
C GLU A 51 11.93 -8.57 -0.93
N GLN A 52 11.35 -7.87 0.03
CA GLN A 52 10.03 -7.27 -0.18
C GLN A 52 10.09 -6.24 -1.31
N ARG A 53 11.22 -5.55 -1.39
CA ARG A 53 11.40 -4.54 -2.41
C ARG A 53 11.39 -5.18 -3.80
N GLN A 54 12.42 -5.96 -4.08
CA GLN A 54 12.53 -6.63 -5.36
C GLN A 54 11.17 -7.17 -5.79
N TRP A 55 10.50 -7.81 -4.85
CA TRP A 55 9.19 -8.39 -5.12
C TRP A 55 8.31 -7.29 -5.70
N MET A 56 8.25 -6.17 -4.99
CA MET A 56 7.44 -5.05 -5.44
C MET A 56 7.72 -4.72 -6.91
N TYR A 57 9.00 -4.57 -7.21
CA TYR A 57 9.42 -4.25 -8.57
C TYR A 57 8.90 -5.30 -9.55
N LYS A 58 8.47 -6.42 -9.01
CA LYS A 58 7.95 -7.52 -9.82
C LYS A 58 6.42 -7.47 -9.80
N ASN A 59 5.90 -6.60 -8.96
CA ASN A 59 4.46 -6.47 -8.83
C ASN A 59 4.06 -5.01 -9.15
N VAL A 60 4.76 -4.45 -10.13
CA VAL A 60 4.49 -3.08 -10.55
C VAL A 60 4.92 -2.90 -12.00
N PRO A 61 3.91 -2.65 -12.87
CA PRO A 61 4.17 -2.45 -14.29
C PRO A 61 4.78 -1.08 -14.54
N PRO A 62 5.19 -0.86 -15.83
CA PRO A 62 5.81 0.39 -16.22
C PRO A 62 4.75 1.49 -16.35
N GLU A 63 3.55 1.07 -16.72
CA GLU A 63 2.45 2.01 -16.89
C GLU A 63 2.05 2.60 -15.53
N LYS A 64 2.37 1.86 -14.48
CA LYS A 64 2.06 2.30 -13.13
C LYS A 64 3.31 2.91 -12.49
N LYS A 65 4.46 2.49 -12.99
CA LYS A 65 5.73 2.97 -12.47
C LYS A 65 5.64 4.49 -12.31
N PRO A 66 5.87 4.95 -11.05
CA PRO A 66 5.82 6.37 -10.74
C PRO A 66 7.08 7.08 -11.25
N THR A 67 7.30 8.26 -10.71
CA THR A 67 8.47 9.05 -11.10
C THR A 67 9.70 8.15 -11.27
N GLN A 68 10.56 8.55 -12.19
CA GLN A 68 11.77 7.79 -12.45
C GLN A 68 11.42 6.41 -13.02
N GLY A 69 12.45 5.59 -13.18
CA GLY A 69 12.26 4.25 -13.71
C GLY A 69 11.72 3.31 -12.63
N ASN A 70 12.64 2.63 -11.96
CA ASN A 70 12.26 1.69 -10.91
C ASN A 70 11.10 2.29 -10.10
N PRO A 71 10.23 1.37 -9.61
CA PRO A 71 9.07 1.78 -8.83
C PRO A 71 9.48 2.18 -7.41
N LEU A 72 8.90 3.27 -6.94
CA LEU A 72 9.20 3.77 -5.62
C LEU A 72 7.92 3.74 -4.77
N PRO A 73 8.13 3.74 -3.42
CA PRO A 73 7.01 3.71 -2.49
C PRO A 73 6.32 5.07 -2.43
N PRO A 74 5.13 5.08 -1.76
CA PRO A 74 4.60 3.86 -1.19
C PRO A 74 4.03 2.94 -2.26
N GLN A 75 3.90 1.67 -1.90
CA GLN A 75 3.38 0.67 -2.82
C GLN A 75 2.38 -0.25 -2.11
N ILE A 76 1.24 0.33 -1.77
CA ILE A 76 0.20 -0.42 -1.08
C ILE A 76 0.02 -1.78 -1.77
N PHE A 77 -0.13 -2.81 -0.95
CA PHE A 77 -0.30 -4.15 -1.45
C PHE A 77 -1.21 -4.97 -0.54
N ASN A 78 -2.42 -5.20 -1.00
CA ASN A 78 -3.39 -5.98 -0.23
C ASN A 78 -3.09 -7.47 -0.39
N GLY A 79 -2.29 -7.98 0.52
CA GLY A 79 -1.92 -9.39 0.50
C GLY A 79 -1.35 -9.78 -0.86
N ASP A 80 -0.37 -9.00 -1.31
CA ASP A 80 0.27 -9.25 -2.59
C ASP A 80 -0.54 -8.56 -3.69
N ARG A 81 -1.85 -8.56 -3.52
CA ARG A 81 -2.73 -7.94 -4.49
C ARG A 81 -2.35 -6.47 -4.70
N TYR A 82 -1.88 -6.19 -5.91
CA TYR A 82 -1.47 -4.84 -6.25
C TYR A 82 -2.63 -3.86 -6.09
N CYS A 83 -2.45 -2.93 -5.17
CA CYS A 83 -3.47 -1.92 -4.91
C CYS A 83 -3.21 -0.72 -5.81
N GLY A 84 -2.20 0.05 -5.45
CA GLY A 84 -1.84 1.23 -6.22
C GLY A 84 -0.89 2.14 -5.42
N ASP A 85 -0.06 2.87 -6.17
CA ASP A 85 0.88 3.77 -5.55
C ASP A 85 0.13 4.89 -4.83
N TYR A 86 0.89 5.73 -4.14
CA TYR A 86 0.30 6.84 -3.41
C TYR A 86 -0.74 7.56 -4.25
N ASP A 87 -0.37 7.87 -5.48
CA ASP A 87 -1.26 8.55 -6.40
C ASP A 87 -2.65 7.92 -6.30
N SER A 88 -2.69 6.61 -6.44
CA SER A 88 -3.94 5.88 -6.38
C SER A 88 -4.67 6.19 -5.07
N PHE A 89 -4.00 5.88 -3.97
CA PHE A 89 -4.56 6.13 -2.66
C PHE A 89 -5.18 7.53 -2.58
N PHE A 90 -4.34 8.53 -2.82
CA PHE A 90 -4.78 9.91 -2.79
C PHE A 90 -6.00 10.12 -3.68
N GLU A 91 -5.86 9.71 -4.93
CA GLU A 91 -6.94 9.84 -5.89
C GLU A 91 -8.23 9.25 -5.32
N SER A 92 -8.08 8.09 -4.70
CA SER A 92 -9.22 7.40 -4.11
C SER A 92 -9.63 8.10 -2.81
N LYS A 93 -8.70 8.86 -2.26
CA LYS A 93 -8.95 9.58 -1.02
C LYS A 93 -9.98 10.68 -1.27
N GLU A 94 -9.74 11.44 -2.32
CA GLU A 94 -10.64 12.52 -2.68
C GLU A 94 -12.05 11.98 -2.92
N SER A 95 -12.11 10.73 -3.31
CA SER A 95 -13.39 10.08 -3.58
C SER A 95 -13.78 9.19 -2.40
N ASN A 96 -13.01 9.32 -1.32
CA ASN A 96 -13.27 8.53 -0.12
C ASN A 96 -13.52 7.08 -0.53
N THR A 97 -12.55 6.50 -1.21
CA THR A 97 -12.68 5.13 -1.65
C THR A 97 -11.44 4.31 -1.22
N VAL A 98 -10.56 4.98 -0.48
CA VAL A 98 -9.36 4.35 -0.01
C VAL A 98 -9.66 2.91 0.39
N PHE A 99 -10.71 2.76 1.19
CA PHE A 99 -11.12 1.43 1.64
C PHE A 99 -11.30 0.47 0.46
N SER A 100 -12.12 0.90 -0.49
CA SER A 100 -12.38 0.10 -1.67
C SER A 100 -11.11 -0.02 -2.52
N PHE A 101 -10.37 1.08 -2.58
CA PHE A 101 -9.14 1.11 -3.35
C PHE A 101 -8.20 -0.01 -2.91
N LEU A 102 -8.20 -0.26 -1.61
CA LEU A 102 -7.35 -1.30 -1.04
C LEU A 102 -8.05 -2.65 -1.16
N GLY A 103 -9.35 -2.59 -1.39
CA GLY A 103 -10.15 -3.79 -1.52
C GLY A 103 -10.94 -4.07 -0.24
N LEU A 104 -11.04 -3.05 0.59
CA LEU A 104 -11.77 -3.17 1.84
C LEU A 104 -13.26 -2.94 1.59
N LYS A 105 -14.07 -3.77 2.23
CA LYS A 105 -15.51 -3.67 2.08
C LYS A 105 -15.88 -3.82 0.61
N SER A 106 -16.25 -5.04 0.25
CA SER A 106 -16.62 -5.33 -1.13
C SER A 106 -16.91 -6.82 -1.29
N GLY A 107 -18.10 -7.21 -0.86
CA GLY A 107 -18.51 -8.60 -0.96
C GLY A 107 -18.39 -9.30 0.40
N PRO A 108 -18.15 -10.63 0.34
CA PRO A 108 -18.01 -11.43 1.55
C PRO A 108 -16.65 -11.20 2.21
N SER A 109 -16.45 -9.96 2.65
CA SER A 109 -15.20 -9.59 3.29
C SER A 109 -15.45 -8.53 4.34
N SER A 110 -14.71 -8.64 5.45
CA SER A 110 -14.85 -7.70 6.54
C SER A 110 -16.31 -7.64 7.00
N GLY A 111 -16.50 -7.02 8.17
CA GLY A 111 -17.83 -6.90 8.73
C GLY A 111 -18.80 -6.25 7.73
N GLY A 1 -17.70 -12.78 6.16
CA GLY A 1 -17.75 -13.00 4.72
C GLY A 1 -17.66 -14.49 4.40
N SER A 2 -16.43 -14.98 4.42
CA SER A 2 -16.17 -16.38 4.12
C SER A 2 -15.37 -17.02 5.26
N SER A 3 -16.03 -17.91 5.98
CA SER A 3 -15.39 -18.59 7.10
C SER A 3 -14.89 -17.56 8.12
N GLY A 4 -15.76 -17.27 9.08
CA GLY A 4 -15.42 -16.31 10.13
C GLY A 4 -14.95 -14.99 9.52
N SER A 5 -14.38 -14.15 10.38
CA SER A 5 -13.89 -12.86 9.94
C SER A 5 -12.43 -12.97 9.50
N SER A 6 -12.14 -12.41 8.34
CA SER A 6 -10.80 -12.45 7.80
C SER A 6 -10.43 -11.08 7.22
N GLY A 7 -9.86 -10.24 8.07
CA GLY A 7 -9.46 -8.91 7.67
C GLY A 7 -8.32 -8.97 6.65
N MET A 8 -8.29 -7.97 5.78
CA MET A 8 -7.25 -7.90 4.76
C MET A 8 -6.14 -6.93 5.17
N VAL A 9 -4.94 -7.47 5.29
CA VAL A 9 -3.79 -6.66 5.68
C VAL A 9 -3.26 -5.92 4.45
N ILE A 10 -3.47 -4.62 4.45
CA ILE A 10 -3.03 -3.78 3.35
C ILE A 10 -1.51 -3.56 3.46
N ARG A 11 -0.76 -4.57 3.03
CA ARG A 11 0.69 -4.49 3.08
C ARG A 11 1.18 -3.27 2.31
N VAL A 12 1.66 -2.28 3.06
CA VAL A 12 2.17 -1.07 2.45
C VAL A 12 3.71 -1.06 2.52
N PHE A 13 4.32 -0.98 1.35
CA PHE A 13 5.77 -0.96 1.28
C PHE A 13 6.32 0.44 1.55
N ILE A 14 7.38 0.48 2.34
CA ILE A 14 8.00 1.75 2.69
C ILE A 14 9.53 1.57 2.70
N ALA A 15 10.21 2.66 2.38
CA ALA A 15 11.67 2.64 2.35
C ALA A 15 12.21 3.66 3.35
N SER A 16 12.36 3.20 4.59
CA SER A 16 12.85 4.06 5.65
C SER A 16 13.99 4.95 5.10
N SER A 17 14.74 4.39 4.17
CA SER A 17 15.84 5.12 3.56
C SER A 17 15.52 5.45 2.10
N SER A 18 15.31 6.73 1.85
CA SER A 18 14.98 7.18 0.50
C SER A 18 15.23 8.69 0.39
N GLY A 19 16.24 9.03 -0.39
CA GLY A 19 16.59 10.43 -0.59
C GLY A 19 15.33 11.30 -0.65
N PHE A 20 14.44 10.93 -1.56
CA PHE A 20 13.19 11.66 -1.74
C PHE A 20 12.35 11.63 -0.46
N VAL A 21 12.00 12.81 0.00
CA VAL A 21 11.19 12.93 1.20
C VAL A 21 9.71 12.87 0.84
N ALA A 22 9.36 13.56 -0.24
CA ALA A 22 7.99 13.59 -0.71
C ALA A 22 7.39 12.19 -0.59
N ILE A 23 8.23 11.19 -0.85
CA ILE A 23 7.79 9.81 -0.78
C ILE A 23 7.40 9.48 0.66
N LYS A 24 8.33 9.74 1.57
CA LYS A 24 8.10 9.47 2.98
C LYS A 24 6.68 9.92 3.35
N LYS A 25 6.45 11.21 3.20
CA LYS A 25 5.15 11.78 3.52
C LYS A 25 4.05 10.83 3.04
N LYS A 26 4.03 10.60 1.73
CA LYS A 26 3.05 9.72 1.14
C LYS A 26 2.88 8.48 2.03
N GLN A 27 4.00 7.79 2.25
CA GLN A 27 3.98 6.60 3.08
C GLN A 27 3.18 6.84 4.35
N GLN A 28 3.37 8.02 4.92
CA GLN A 28 2.67 8.39 6.14
C GLN A 28 1.17 8.55 5.86
N ASP A 29 0.85 9.59 5.09
CA ASP A 29 -0.54 9.86 4.75
C ASP A 29 -1.26 8.54 4.49
N VAL A 30 -0.51 7.57 4.00
CA VAL A 30 -1.07 6.26 3.71
C VAL A 30 -1.41 5.56 5.02
N VAL A 31 -0.37 5.11 5.71
CA VAL A 31 -0.54 4.42 6.98
C VAL A 31 -1.37 5.30 7.93
N ARG A 32 -0.94 6.55 8.04
CA ARG A 32 -1.62 7.50 8.91
C ARG A 32 -3.13 7.32 8.80
N PHE A 33 -3.62 7.40 7.57
CA PHE A 33 -5.03 7.25 7.32
C PHE A 33 -5.56 5.92 7.86
N LEU A 34 -4.86 4.85 7.49
CA LEU A 34 -5.23 3.53 7.94
C LEU A 34 -5.26 3.48 9.46
N GLU A 35 -4.19 4.00 10.06
CA GLU A 35 -4.08 4.04 11.50
C GLU A 35 -5.24 4.83 12.11
N ALA A 36 -5.44 6.02 11.56
CA ALA A 36 -6.50 6.89 12.03
C ALA A 36 -7.86 6.25 11.73
N ASN A 37 -7.84 5.37 10.74
CA ASN A 37 -9.05 4.67 10.34
C ASN A 37 -9.03 3.25 10.88
N LYS A 38 -8.05 2.99 11.74
CA LYS A 38 -7.90 1.68 12.33
C LYS A 38 -8.11 0.61 11.25
N ILE A 39 -7.51 0.86 10.11
CA ILE A 39 -7.61 -0.07 8.98
C ILE A 39 -6.46 -1.07 9.05
N GLU A 40 -6.73 -2.28 8.58
CA GLU A 40 -5.72 -3.32 8.57
C GLU A 40 -4.65 -3.04 7.51
N PHE A 41 -3.41 -3.16 7.93
CA PHE A 41 -2.29 -2.92 7.04
C PHE A 41 -0.96 -3.14 7.74
N GLU A 42 0.11 -3.05 6.97
CA GLU A 42 1.45 -3.22 7.51
C GLU A 42 2.48 -2.46 6.67
N GLU A 43 3.54 -2.03 7.33
CA GLU A 43 4.59 -1.29 6.67
C GLU A 43 5.72 -2.23 6.23
N VAL A 44 5.55 -2.76 5.03
CA VAL A 44 6.55 -3.68 4.49
C VAL A 44 7.83 -2.91 4.20
N ASP A 45 8.64 -2.75 5.23
CA ASP A 45 9.91 -2.04 5.11
C ASP A 45 10.72 -2.68 3.98
N ILE A 46 10.75 -1.98 2.85
CA ILE A 46 11.49 -2.47 1.69
C ILE A 46 12.96 -2.02 1.81
N THR A 47 13.16 -0.99 2.61
CA THR A 47 14.51 -0.47 2.81
C THR A 47 15.39 -1.51 3.48
N MET A 48 14.87 -2.09 4.56
CA MET A 48 15.60 -3.10 5.30
C MET A 48 15.53 -4.45 4.59
N SER A 49 14.30 -4.88 4.31
CA SER A 49 14.08 -6.14 3.64
C SER A 49 14.22 -5.96 2.12
N GLU A 50 15.43 -6.18 1.64
CA GLU A 50 15.70 -6.05 0.22
C GLU A 50 14.72 -6.91 -0.59
N GLU A 51 14.64 -8.17 -0.21
CA GLU A 51 13.75 -9.09 -0.90
C GLU A 51 12.44 -8.40 -1.25
N GLN A 52 11.74 -7.96 -0.21
CA GLN A 52 10.47 -7.29 -0.40
C GLN A 52 10.56 -6.28 -1.54
N ARG A 53 11.55 -5.41 -1.45
CA ARG A 53 11.76 -4.39 -2.46
C ARG A 53 11.78 -5.03 -3.86
N GLN A 54 12.78 -5.88 -4.07
CA GLN A 54 12.91 -6.56 -5.35
C GLN A 54 11.56 -7.08 -5.82
N TRP A 55 10.90 -7.83 -4.94
CA TRP A 55 9.61 -8.39 -5.25
C TRP A 55 8.74 -7.28 -5.85
N MET A 56 8.62 -6.19 -5.09
CA MET A 56 7.84 -5.06 -5.53
C MET A 56 8.15 -4.71 -7.00
N TYR A 57 9.42 -4.49 -7.25
CA TYR A 57 9.87 -4.14 -8.59
C TYR A 57 9.40 -5.18 -9.61
N LYS A 58 9.03 -6.34 -9.09
CA LYS A 58 8.55 -7.42 -9.94
C LYS A 58 7.03 -7.44 -9.94
N ASN A 59 6.46 -6.75 -8.97
CA ASN A 59 5.01 -6.68 -8.84
C ASN A 59 4.55 -5.24 -9.08
N VAL A 60 5.11 -4.64 -10.12
CA VAL A 60 4.77 -3.27 -10.47
C VAL A 60 5.05 -3.04 -11.95
N PRO A 61 3.96 -2.76 -12.71
CA PRO A 61 4.07 -2.52 -14.13
C PRO A 61 4.66 -1.13 -14.41
N PRO A 62 5.01 -0.90 -15.71
CA PRO A 62 5.58 0.38 -16.11
C PRO A 62 4.50 1.46 -16.17
N GLU A 63 3.29 1.02 -16.45
CA GLU A 63 2.16 1.94 -16.54
C GLU A 63 1.82 2.51 -15.16
N LYS A 64 2.24 1.76 -14.13
CA LYS A 64 1.97 2.17 -12.77
C LYS A 64 3.21 2.88 -12.21
N LYS A 65 4.37 2.46 -12.69
CA LYS A 65 5.63 3.06 -12.25
C LYS A 65 5.47 4.58 -12.17
N PRO A 66 5.89 5.13 -11.01
CA PRO A 66 5.79 6.57 -10.79
C PRO A 66 6.87 7.31 -11.58
N THR A 67 8.04 7.42 -10.96
CA THR A 67 9.15 8.11 -11.61
C THR A 67 9.53 7.41 -12.92
N GLN A 68 10.69 7.79 -13.44
CA GLN A 68 11.17 7.21 -14.68
C GLN A 68 12.28 6.20 -14.40
N GLY A 69 11.87 4.94 -14.34
CA GLY A 69 12.81 3.86 -14.08
C GLY A 69 12.17 2.78 -13.20
N ASN A 70 12.73 2.63 -12.01
CA ASN A 70 12.22 1.64 -11.08
C ASN A 70 11.07 2.24 -10.27
N PRO A 71 10.21 1.33 -9.71
CA PRO A 71 9.08 1.76 -8.93
C PRO A 71 9.52 2.23 -7.54
N LEU A 72 8.79 3.20 -7.02
CA LEU A 72 9.09 3.75 -5.70
C LEU A 72 7.82 3.74 -4.85
N PRO A 73 8.02 3.79 -3.50
CA PRO A 73 6.92 3.81 -2.57
C PRO A 73 6.23 5.17 -2.55
N PRO A 74 5.05 5.22 -1.87
CA PRO A 74 4.51 4.03 -1.23
C PRO A 74 3.92 3.07 -2.26
N GLN A 75 3.82 1.81 -1.86
CA GLN A 75 3.28 0.79 -2.74
C GLN A 75 2.39 -0.17 -1.96
N ILE A 76 1.11 0.19 -1.87
CA ILE A 76 0.15 -0.62 -1.15
C ILE A 76 0.02 -1.98 -1.83
N PHE A 77 -0.28 -2.99 -1.03
CA PHE A 77 -0.43 -4.34 -1.55
C PHE A 77 -1.27 -5.20 -0.59
N ASN A 78 -2.38 -5.70 -1.13
CA ASN A 78 -3.28 -6.53 -0.35
C ASN A 78 -2.84 -7.99 -0.46
N GLY A 79 -2.22 -8.47 0.61
CA GLY A 79 -1.74 -9.84 0.66
C GLY A 79 -1.12 -10.24 -0.68
N ASP A 80 -0.08 -9.52 -1.06
CA ASP A 80 0.62 -9.79 -2.31
C ASP A 80 -0.08 -9.06 -3.45
N ARG A 81 -1.40 -9.12 -3.42
CA ARG A 81 -2.20 -8.46 -4.44
C ARG A 81 -1.83 -6.98 -4.54
N TYR A 82 -1.73 -6.51 -5.77
CA TYR A 82 -1.39 -5.12 -6.01
C TYR A 82 -2.63 -4.24 -6.06
N CYS A 83 -2.55 -3.12 -5.35
CA CYS A 83 -3.67 -2.18 -5.30
C CYS A 83 -3.28 -0.93 -6.06
N GLY A 84 -2.38 -0.16 -5.46
CA GLY A 84 -1.92 1.08 -6.09
C GLY A 84 -1.00 1.84 -5.14
N ASP A 85 -0.29 2.81 -5.72
CA ASP A 85 0.64 3.62 -4.95
C ASP A 85 -0.11 4.82 -4.37
N TYR A 86 0.66 5.77 -3.87
CA TYR A 86 0.08 6.98 -3.29
C TYR A 86 -0.96 7.59 -4.21
N ASP A 87 -0.54 7.80 -5.45
CA ASP A 87 -1.43 8.38 -6.45
C ASP A 87 -2.84 7.82 -6.26
N SER A 88 -2.95 6.52 -6.48
CA SER A 88 -4.23 5.84 -6.34
C SER A 88 -4.86 6.20 -5.00
N PHE A 89 -4.15 5.86 -3.94
CA PHE A 89 -4.63 6.14 -2.60
C PHE A 89 -5.17 7.57 -2.48
N PHE A 90 -4.29 8.51 -2.79
CA PHE A 90 -4.66 9.92 -2.73
C PHE A 90 -5.87 10.21 -3.62
N GLU A 91 -5.83 9.64 -4.81
CA GLU A 91 -6.92 9.82 -5.77
C GLU A 91 -8.22 9.27 -5.19
N SER A 92 -8.09 8.50 -4.13
CA SER A 92 -9.25 7.91 -3.48
C SER A 92 -9.65 8.74 -2.25
N LYS A 93 -8.65 9.08 -1.47
CA LYS A 93 -8.87 9.87 -0.26
C LYS A 93 -9.80 11.04 -0.61
N GLU A 94 -9.61 11.60 -1.79
CA GLU A 94 -10.41 12.72 -2.24
C GLU A 94 -11.89 12.33 -2.22
N SER A 95 -12.16 11.11 -2.67
CA SER A 95 -13.52 10.61 -2.70
C SER A 95 -13.78 9.67 -1.52
N ASN A 96 -12.81 9.63 -0.62
CA ASN A 96 -12.91 8.78 0.55
C ASN A 96 -13.21 7.34 0.11
N THR A 97 -12.45 6.89 -0.88
CA THR A 97 -12.62 5.54 -1.40
C THR A 97 -11.47 4.65 -0.93
N VAL A 98 -10.57 5.24 -0.16
CA VAL A 98 -9.42 4.51 0.35
C VAL A 98 -9.83 3.06 0.64
N PHE A 99 -10.87 2.92 1.44
CA PHE A 99 -11.36 1.60 1.81
C PHE A 99 -11.60 0.75 0.56
N SER A 100 -12.36 1.32 -0.37
CA SER A 100 -12.68 0.61 -1.60
C SER A 100 -11.41 0.42 -2.43
N PHE A 101 -10.57 1.45 -2.41
CA PHE A 101 -9.32 1.41 -3.15
C PHE A 101 -8.46 0.21 -2.72
N LEU A 102 -8.60 -0.15 -1.46
CA LEU A 102 -7.85 -1.26 -0.91
C LEU A 102 -8.75 -2.50 -0.87
N GLY A 103 -9.82 -2.44 -1.63
CA GLY A 103 -10.77 -3.54 -1.70
C GLY A 103 -11.36 -3.84 -0.31
N LEU A 104 -11.32 -2.82 0.53
CA LEU A 104 -11.85 -2.95 1.87
C LEU A 104 -13.35 -2.62 1.87
N LYS A 105 -14.10 -3.39 2.65
CA LYS A 105 -15.53 -3.19 2.74
C LYS A 105 -16.13 -3.14 1.34
N SER A 106 -17.44 -2.96 1.29
CA SER A 106 -18.14 -2.90 0.02
C SER A 106 -17.83 -4.14 -0.81
N GLY A 107 -18.64 -5.17 -0.60
CA GLY A 107 -18.46 -6.42 -1.34
C GLY A 107 -18.65 -7.63 -0.41
N PRO A 108 -18.03 -8.77 -0.82
CA PRO A 108 -18.12 -9.99 -0.04
C PRO A 108 -17.24 -9.91 1.20
N SER A 109 -15.97 -9.59 0.96
CA SER A 109 -15.01 -9.49 2.05
C SER A 109 -15.26 -8.20 2.85
N SER A 110 -15.45 -8.38 4.15
CA SER A 110 -15.69 -7.25 5.03
C SER A 110 -14.48 -7.01 5.92
N GLY A 111 -13.52 -6.26 5.38
CA GLY A 111 -12.31 -5.95 6.11
C GLY A 111 -12.36 -4.52 6.69
N GLY A 1 -21.69 -19.37 7.58
CA GLY A 1 -20.53 -19.97 6.94
C GLY A 1 -19.34 -19.00 6.94
N SER A 2 -18.18 -19.56 6.68
CA SER A 2 -16.96 -18.76 6.65
C SER A 2 -16.01 -19.29 5.57
N SER A 3 -15.64 -20.56 5.73
CA SER A 3 -14.74 -21.19 4.78
C SER A 3 -13.40 -20.46 4.75
N GLY A 4 -12.45 -21.00 5.50
CA GLY A 4 -11.12 -20.41 5.58
C GLY A 4 -11.13 -19.17 6.47
N SER A 5 -10.31 -19.23 7.52
CA SER A 5 -10.21 -18.13 8.45
C SER A 5 -8.92 -17.35 8.20
N SER A 6 -9.06 -16.03 8.17
CA SER A 6 -7.91 -15.16 7.94
C SER A 6 -8.38 -13.70 7.86
N GLY A 7 -7.46 -12.80 8.22
CA GLY A 7 -7.76 -11.38 8.20
C GLY A 7 -7.03 -10.69 7.04
N MET A 8 -7.23 -9.38 6.96
CA MET A 8 -6.60 -8.59 5.91
C MET A 8 -5.43 -7.78 6.48
N VAL A 9 -4.61 -7.29 5.57
CA VAL A 9 -3.45 -6.50 5.95
C VAL A 9 -2.92 -5.75 4.73
N ILE A 10 -3.26 -4.48 4.67
CA ILE A 10 -2.83 -3.63 3.56
C ILE A 10 -1.30 -3.47 3.62
N ARG A 11 -0.61 -4.51 3.18
CA ARG A 11 0.84 -4.50 3.17
C ARG A 11 1.35 -3.28 2.40
N VAL A 12 1.70 -2.25 3.15
CA VAL A 12 2.21 -1.02 2.56
C VAL A 12 3.74 -1.05 2.57
N PHE A 13 4.30 -1.09 1.37
CA PHE A 13 5.75 -1.12 1.24
C PHE A 13 6.34 0.29 1.36
N ILE A 14 7.38 0.39 2.18
CA ILE A 14 8.03 1.65 2.40
C ILE A 14 9.55 1.44 2.40
N ALA A 15 10.26 2.47 1.97
CA ALA A 15 11.71 2.42 1.91
C ALA A 15 12.29 3.48 2.84
N SER A 16 12.54 3.06 4.08
CA SER A 16 13.09 3.96 5.08
C SER A 16 14.54 4.32 4.71
N SER A 17 14.67 5.08 3.63
CA SER A 17 15.98 5.50 3.16
C SER A 17 15.83 6.44 1.97
N SER A 18 14.88 6.11 1.12
CA SER A 18 14.62 6.91 -0.07
C SER A 18 14.78 8.41 0.26
N GLY A 19 15.87 8.98 -0.22
CA GLY A 19 16.13 10.39 0.02
C GLY A 19 14.91 11.24 -0.27
N PHE A 20 14.07 10.73 -1.16
CA PHE A 20 12.85 11.44 -1.54
C PHE A 20 11.92 11.59 -0.33
N VAL A 21 12.22 12.60 0.47
CA VAL A 21 11.41 12.87 1.65
C VAL A 21 9.93 12.78 1.29
N ALA A 22 9.61 13.28 0.11
CA ALA A 22 8.24 13.27 -0.38
C ALA A 22 7.69 11.84 -0.29
N ILE A 23 8.47 10.91 -0.79
CA ILE A 23 8.08 9.51 -0.78
C ILE A 23 7.84 9.06 0.67
N LYS A 24 8.69 9.58 1.55
CA LYS A 24 8.59 9.25 2.96
C LYS A 24 7.36 9.94 3.56
N LYS A 25 7.05 11.10 3.01
CA LYS A 25 5.91 11.87 3.48
C LYS A 25 4.63 11.16 3.08
N LYS A 26 4.58 10.73 1.82
CA LYS A 26 3.42 10.03 1.31
C LYS A 26 3.19 8.75 2.12
N GLN A 27 4.26 8.01 2.32
CA GLN A 27 4.20 6.78 3.08
C GLN A 27 3.36 6.98 4.35
N GLN A 28 3.48 8.17 4.92
CA GLN A 28 2.75 8.50 6.13
C GLN A 28 1.26 8.65 5.83
N ASP A 29 0.94 9.66 5.03
CA ASP A 29 -0.44 9.93 4.67
C ASP A 29 -1.15 8.60 4.40
N VAL A 30 -0.37 7.63 3.95
CA VAL A 30 -0.91 6.31 3.66
C VAL A 30 -1.29 5.61 4.97
N VAL A 31 -0.25 5.20 5.69
CA VAL A 31 -0.46 4.52 6.97
C VAL A 31 -1.29 5.42 7.89
N ARG A 32 -0.85 6.66 8.00
CA ARG A 32 -1.54 7.63 8.84
C ARG A 32 -3.05 7.43 8.74
N PHE A 33 -3.55 7.40 7.51
CA PHE A 33 -4.96 7.22 7.28
C PHE A 33 -5.45 5.89 7.85
N LEU A 34 -4.67 4.86 7.59
CA LEU A 34 -5.00 3.52 8.08
C LEU A 34 -4.98 3.52 9.60
N GLU A 35 -3.91 4.07 10.15
CA GLU A 35 -3.75 4.14 11.59
C GLU A 35 -4.90 4.93 12.22
N ALA A 36 -5.14 6.11 11.65
CA ALA A 36 -6.20 6.97 12.14
C ALA A 36 -7.55 6.27 11.95
N ASN A 37 -7.58 5.35 10.99
CA ASN A 37 -8.79 4.61 10.70
C ASN A 37 -8.64 3.17 11.22
N LYS A 38 -7.61 2.98 12.04
CA LYS A 38 -7.35 1.68 12.61
C LYS A 38 -7.61 0.60 11.55
N ILE A 39 -7.01 0.80 10.38
CA ILE A 39 -7.17 -0.14 9.29
C ILE A 39 -6.01 -1.14 9.30
N GLU A 40 -6.30 -2.33 8.81
CA GLU A 40 -5.29 -3.39 8.76
C GLU A 40 -4.25 -3.07 7.68
N PHE A 41 -2.99 -3.16 8.09
CA PHE A 41 -1.89 -2.88 7.18
C PHE A 41 -0.55 -3.09 7.86
N GLU A 42 0.51 -3.01 7.07
CA GLU A 42 1.86 -3.18 7.58
C GLU A 42 2.87 -2.41 6.71
N GLU A 43 3.87 -1.87 7.38
CA GLU A 43 4.90 -1.11 6.68
C GLU A 43 6.04 -2.03 6.26
N VAL A 44 5.87 -2.63 5.08
CA VAL A 44 6.86 -3.54 4.55
C VAL A 44 8.11 -2.74 4.15
N ASP A 45 8.97 -2.51 5.13
CA ASP A 45 10.19 -1.77 4.89
C ASP A 45 10.98 -2.44 3.76
N ILE A 46 10.74 -1.98 2.55
CA ILE A 46 11.42 -2.53 1.39
C ILE A 46 12.90 -2.18 1.45
N THR A 47 13.21 -1.21 2.32
CA THR A 47 14.59 -0.77 2.48
C THR A 47 15.33 -1.72 3.42
N MET A 48 14.59 -2.30 4.35
CA MET A 48 15.17 -3.22 5.31
C MET A 48 14.91 -4.67 4.90
N SER A 49 13.65 -4.94 4.58
CA SER A 49 13.25 -6.28 4.17
C SER A 49 14.01 -6.68 2.90
N GLU A 50 14.13 -5.72 1.99
CA GLU A 50 14.81 -5.97 0.74
C GLU A 50 14.03 -6.98 -0.11
N GLU A 51 14.07 -8.22 0.32
CA GLU A 51 13.38 -9.29 -0.38
C GLU A 51 12.02 -8.80 -0.87
N GLN A 52 11.31 -8.13 0.03
CA GLN A 52 9.99 -7.60 -0.30
C GLN A 52 10.10 -6.57 -1.43
N ARG A 53 11.12 -5.73 -1.33
CA ARG A 53 11.34 -4.70 -2.33
C ARG A 53 11.31 -5.31 -3.73
N GLN A 54 12.27 -6.17 -3.99
CA GLN A 54 12.36 -6.83 -5.28
C GLN A 54 10.98 -7.32 -5.72
N TRP A 55 10.34 -8.07 -4.83
CA TRP A 55 9.02 -8.61 -5.12
C TRP A 55 8.14 -7.47 -5.63
N MET A 56 8.20 -6.35 -4.93
CA MET A 56 7.42 -5.19 -5.31
C MET A 56 7.70 -4.78 -6.76
N TYR A 57 8.98 -4.77 -7.10
CA TYR A 57 9.39 -4.41 -8.44
C TYR A 57 8.92 -5.44 -9.45
N LYS A 58 8.40 -6.55 -8.93
CA LYS A 58 7.90 -7.62 -9.78
C LYS A 58 6.37 -7.57 -9.82
N ASN A 59 5.82 -6.73 -8.96
CA ASN A 59 4.38 -6.58 -8.88
C ASN A 59 4.01 -5.12 -9.15
N VAL A 60 4.66 -4.55 -10.15
CA VAL A 60 4.40 -3.17 -10.52
C VAL A 60 4.79 -2.95 -11.98
N PRO A 61 3.76 -2.62 -12.80
CA PRO A 61 3.97 -2.38 -14.21
C PRO A 61 4.64 -1.03 -14.46
N PRO A 62 5.10 -0.83 -15.72
CA PRO A 62 5.76 0.42 -16.09
C PRO A 62 4.75 1.55 -16.24
N GLU A 63 3.53 1.17 -16.59
CA GLU A 63 2.47 2.15 -16.77
C GLU A 63 2.02 2.69 -15.42
N LYS A 64 2.49 2.04 -14.36
CA LYS A 64 2.14 2.45 -13.02
C LYS A 64 3.36 3.11 -12.35
N LYS A 65 4.53 2.65 -12.76
CA LYS A 65 5.77 3.18 -12.23
C LYS A 65 5.64 4.69 -12.05
N PRO A 66 5.87 5.14 -10.78
CA PRO A 66 5.78 6.56 -10.47
C PRO A 66 7.00 7.32 -11.00
N THR A 67 6.86 8.64 -11.05
CA THR A 67 7.94 9.48 -11.52
C THR A 67 8.65 8.81 -12.70
N GLN A 68 9.82 8.25 -12.40
CA GLN A 68 10.60 7.58 -13.42
C GLN A 68 11.86 6.97 -12.80
N GLY A 69 12.03 5.68 -13.01
CA GLY A 69 13.17 4.96 -12.48
C GLY A 69 12.74 3.94 -11.43
N ASN A 70 12.32 2.78 -11.92
CA ASN A 70 11.88 1.71 -11.04
C ASN A 70 10.71 2.21 -10.18
N PRO A 71 9.92 1.23 -9.67
CA PRO A 71 8.77 1.57 -8.84
C PRO A 71 9.22 1.97 -7.44
N LEU A 72 8.78 3.15 -7.02
CA LEU A 72 9.13 3.67 -5.71
C LEU A 72 7.87 3.70 -4.84
N PRO A 73 8.11 3.71 -3.50
CA PRO A 73 7.01 3.74 -2.54
C PRO A 73 6.38 5.14 -2.49
N PRO A 74 5.21 5.21 -1.79
CA PRO A 74 4.64 4.03 -1.16
C PRO A 74 4.00 3.10 -2.21
N GLN A 75 3.82 1.85 -1.82
CA GLN A 75 3.22 0.87 -2.71
C GLN A 75 2.27 -0.05 -1.93
N ILE A 76 1.06 0.44 -1.74
CA ILE A 76 0.06 -0.32 -1.02
C ILE A 76 -0.19 -1.65 -1.74
N PHE A 77 -0.39 -2.69 -0.95
CA PHE A 77 -0.63 -4.02 -1.49
C PHE A 77 -1.47 -4.86 -0.52
N ASN A 78 -2.65 -5.25 -0.99
CA ASN A 78 -3.54 -6.06 -0.19
C ASN A 78 -3.20 -7.54 -0.38
N GLY A 79 -2.25 -8.00 0.44
CA GLY A 79 -1.81 -9.38 0.38
C GLY A 79 -1.40 -9.76 -1.04
N ASP A 80 -0.36 -9.08 -1.52
CA ASP A 80 0.14 -9.34 -2.86
C ASP A 80 -0.67 -8.54 -3.87
N ARG A 81 -1.98 -8.57 -3.68
CA ARG A 81 -2.88 -7.86 -4.57
C ARG A 81 -2.41 -6.41 -4.75
N TYR A 82 -2.17 -6.05 -6.01
CA TYR A 82 -1.71 -4.72 -6.33
C TYR A 82 -2.85 -3.70 -6.17
N CYS A 83 -2.70 -2.84 -5.17
CA CYS A 83 -3.69 -1.82 -4.91
C CYS A 83 -3.35 -0.59 -5.74
N GLY A 84 -2.26 0.04 -5.39
CA GLY A 84 -1.81 1.24 -6.09
C GLY A 84 -0.88 2.08 -5.22
N ASP A 85 -0.12 2.94 -5.89
CA ASP A 85 0.81 3.81 -5.19
C ASP A 85 0.05 5.00 -4.60
N TYR A 86 0.79 5.85 -3.91
CA TYR A 86 0.20 7.03 -3.29
C TYR A 86 -0.81 7.69 -4.23
N ASP A 87 -0.40 7.83 -5.48
CA ASP A 87 -1.26 8.44 -6.48
C ASP A 87 -2.66 7.84 -6.40
N SER A 88 -2.70 6.51 -6.48
CA SER A 88 -3.96 5.80 -6.41
C SER A 88 -4.69 6.16 -5.12
N PHE A 89 -4.02 5.90 -4.00
CA PHE A 89 -4.58 6.19 -2.69
C PHE A 89 -5.26 7.57 -2.69
N PHE A 90 -4.48 8.58 -3.03
CA PHE A 90 -4.97 9.94 -3.06
C PHE A 90 -6.20 10.06 -3.98
N GLU A 91 -6.00 9.64 -5.21
CA GLU A 91 -7.07 9.68 -6.20
C GLU A 91 -8.36 9.12 -5.61
N SER A 92 -8.23 7.96 -4.99
CA SER A 92 -9.37 7.29 -4.39
C SER A 92 -9.78 8.04 -3.12
N LYS A 93 -8.81 8.70 -2.51
CA LYS A 93 -9.05 9.44 -1.29
C LYS A 93 -10.12 10.51 -1.55
N GLU A 94 -9.93 11.23 -2.64
CA GLU A 94 -10.87 12.28 -3.02
C GLU A 94 -12.27 11.69 -3.22
N SER A 95 -12.30 10.40 -3.47
CA SER A 95 -13.56 9.70 -3.69
C SER A 95 -13.93 8.88 -2.44
N ASN A 96 -13.10 9.03 -1.42
CA ASN A 96 -13.32 8.32 -0.17
C ASN A 96 -13.50 6.83 -0.46
N THR A 97 -12.63 6.33 -1.32
CA THR A 97 -12.69 4.92 -1.70
C THR A 97 -11.42 4.19 -1.22
N VAL A 98 -10.59 4.94 -0.51
CA VAL A 98 -9.35 4.38 0.01
C VAL A 98 -9.58 2.93 0.44
N PHE A 99 -10.63 2.75 1.24
CA PHE A 99 -10.98 1.42 1.72
C PHE A 99 -11.11 0.43 0.56
N SER A 100 -11.89 0.83 -0.43
CA SER A 100 -12.10 -0.01 -1.60
C SER A 100 -10.82 -0.09 -2.43
N PHE A 101 -10.13 1.04 -2.51
CA PHE A 101 -8.90 1.12 -3.27
C PHE A 101 -7.92 0.02 -2.82
N LEU A 102 -7.90 -0.21 -1.53
CA LEU A 102 -7.01 -1.22 -0.96
C LEU A 102 -7.69 -2.59 -1.05
N GLY A 103 -9.01 -2.55 -1.11
CA GLY A 103 -9.78 -3.78 -1.19
C GLY A 103 -10.41 -4.12 0.16
N LEU A 104 -10.95 -3.11 0.81
CA LEU A 104 -11.58 -3.28 2.11
C LEU A 104 -13.10 -3.32 1.94
N LYS A 105 -13.73 -2.24 2.37
CA LYS A 105 -15.17 -2.14 2.26
C LYS A 105 -15.82 -3.21 3.13
N SER A 106 -16.66 -2.77 4.07
CA SER A 106 -17.34 -3.68 4.96
C SER A 106 -16.34 -4.67 5.56
N GLY A 107 -15.83 -4.31 6.73
CA GLY A 107 -14.87 -5.14 7.43
C GLY A 107 -14.94 -4.94 8.94
N PRO A 108 -14.95 -6.07 9.68
CA PRO A 108 -15.02 -6.03 11.12
C PRO A 108 -13.67 -5.60 11.72
N SER A 109 -12.61 -6.05 11.08
CA SER A 109 -11.26 -5.73 11.53
C SER A 109 -11.19 -4.26 11.93
N SER A 110 -11.07 -4.03 13.24
CA SER A 110 -10.99 -2.68 13.76
C SER A 110 -10.79 -2.71 15.28
N GLY A 111 -9.82 -1.95 15.74
CA GLY A 111 -9.52 -1.89 17.17
C GLY A 111 -8.28 -2.70 17.51
N GLY A 1 -18.62 -23.33 7.24
CA GLY A 1 -19.08 -22.59 8.41
C GLY A 1 -18.38 -23.09 9.68
N SER A 2 -17.06 -22.95 9.69
CA SER A 2 -16.27 -23.38 10.83
C SER A 2 -15.56 -22.18 11.45
N SER A 3 -14.73 -21.53 10.63
CA SER A 3 -13.99 -20.38 11.10
C SER A 3 -14.03 -19.28 10.03
N GLY A 4 -14.76 -18.21 10.34
CA GLY A 4 -14.89 -17.10 9.43
C GLY A 4 -14.09 -15.90 9.92
N SER A 5 -14.15 -14.83 9.14
CA SER A 5 -13.43 -13.60 9.49
C SER A 5 -11.93 -13.88 9.56
N SER A 6 -11.15 -12.85 9.28
CA SER A 6 -9.71 -12.97 9.31
C SER A 6 -9.07 -11.57 9.36
N GLY A 7 -9.35 -10.80 8.32
CA GLY A 7 -8.81 -9.45 8.22
C GLY A 7 -7.74 -9.37 7.15
N MET A 8 -7.83 -8.32 6.34
CA MET A 8 -6.88 -8.11 5.26
C MET A 8 -5.81 -7.09 5.68
N VAL A 9 -4.56 -7.55 5.62
CA VAL A 9 -3.44 -6.69 5.99
C VAL A 9 -3.01 -5.88 4.76
N ILE A 10 -3.20 -4.57 4.86
CA ILE A 10 -2.83 -3.67 3.77
C ILE A 10 -1.32 -3.46 3.78
N ARG A 11 -0.61 -4.45 3.27
CA ARG A 11 0.85 -4.38 3.21
C ARG A 11 1.29 -3.13 2.46
N VAL A 12 1.63 -2.10 3.23
CA VAL A 12 2.06 -0.84 2.64
C VAL A 12 3.59 -0.81 2.59
N PHE A 13 4.12 -1.14 1.42
CA PHE A 13 5.56 -1.17 1.23
C PHE A 13 6.15 0.24 1.35
N ILE A 14 7.27 0.32 2.05
CA ILE A 14 7.93 1.60 2.25
C ILE A 14 9.45 1.39 2.16
N ALA A 15 10.16 2.50 1.95
CA ALA A 15 11.60 2.45 1.84
C ALA A 15 12.21 3.55 2.72
N SER A 16 12.42 3.21 3.98
CA SER A 16 12.98 4.16 4.93
C SER A 16 14.05 5.01 4.24
N SER A 17 15.26 4.46 4.17
CA SER A 17 16.37 5.15 3.55
C SER A 17 16.05 5.41 2.07
N SER A 18 15.27 6.46 1.84
CA SER A 18 14.89 6.83 0.48
C SER A 18 15.13 8.32 0.26
N GLY A 19 16.15 8.62 -0.54
CA GLY A 19 16.49 10.00 -0.84
C GLY A 19 15.41 10.65 -1.71
N PHE A 20 14.39 11.15 -1.03
CA PHE A 20 13.28 11.80 -1.73
C PHE A 20 12.57 12.80 -0.81
N VAL A 21 12.29 12.34 0.40
CA VAL A 21 11.61 13.18 1.37
C VAL A 21 10.11 13.18 1.09
N ALA A 22 9.77 13.49 -0.15
CA ALA A 22 8.38 13.53 -0.56
C ALA A 22 7.75 12.15 -0.33
N ILE A 23 8.46 11.13 -0.77
CA ILE A 23 7.98 9.77 -0.60
C ILE A 23 7.52 9.56 0.85
N LYS A 24 8.38 9.97 1.76
CA LYS A 24 8.08 9.83 3.18
C LYS A 24 6.65 10.33 3.45
N LYS A 25 6.46 11.62 3.20
CA LYS A 25 5.16 12.23 3.41
C LYS A 25 4.07 11.27 2.93
N LYS A 26 4.16 10.91 1.65
CA LYS A 26 3.19 10.01 1.06
C LYS A 26 3.07 8.76 1.93
N GLN A 27 4.21 8.13 2.16
CA GLN A 27 4.24 6.92 2.97
C GLN A 27 3.45 7.13 4.26
N GLN A 28 3.54 8.34 4.79
CA GLN A 28 2.84 8.67 6.01
C GLN A 28 1.35 8.82 5.74
N ASP A 29 1.01 9.83 4.96
CA ASP A 29 -0.38 10.09 4.62
C ASP A 29 -1.12 8.75 4.46
N VAL A 30 -0.39 7.77 3.95
CA VAL A 30 -0.96 6.45 3.73
C VAL A 30 -1.36 5.85 5.07
N VAL A 31 -0.40 5.16 5.69
CA VAL A 31 -0.64 4.54 6.98
C VAL A 31 -1.49 5.47 7.84
N ARG A 32 -1.04 6.71 7.94
CA ARG A 32 -1.74 7.71 8.73
C ARG A 32 -3.26 7.52 8.59
N PHE A 33 -3.72 7.56 7.35
CA PHE A 33 -5.15 7.38 7.08
C PHE A 33 -5.67 6.08 7.67
N LEU A 34 -4.90 5.02 7.45
CA LEU A 34 -5.27 3.70 7.96
C LEU A 34 -5.39 3.77 9.48
N GLU A 35 -4.31 4.24 10.10
CA GLU A 35 -4.29 4.35 11.55
C GLU A 35 -5.45 5.21 12.04
N ALA A 36 -5.55 6.39 11.45
CA ALA A 36 -6.61 7.33 11.82
C ALA A 36 -7.97 6.67 11.57
N ASN A 37 -7.97 5.70 10.67
CA ASN A 37 -9.19 4.98 10.33
C ASN A 37 -9.18 3.62 11.02
N LYS A 38 -8.22 3.44 11.92
CA LYS A 38 -8.09 2.19 12.65
C LYS A 38 -8.16 1.03 11.67
N ILE A 39 -7.37 1.13 10.61
CA ILE A 39 -7.35 0.09 9.60
C ILE A 39 -6.12 -0.79 9.81
N GLU A 40 -6.25 -2.05 9.46
CA GLU A 40 -5.17 -3.01 9.60
C GLU A 40 -4.24 -2.93 8.39
N PHE A 41 -2.95 -2.94 8.68
CA PHE A 41 -1.94 -2.88 7.63
C PHE A 41 -0.54 -3.15 8.20
N GLU A 42 0.45 -2.98 7.32
CA GLU A 42 1.83 -3.20 7.72
C GLU A 42 2.77 -2.40 6.81
N GLU A 43 3.83 -1.91 7.40
CA GLU A 43 4.82 -1.13 6.66
C GLU A 43 5.96 -2.04 6.19
N VAL A 44 5.73 -2.67 5.05
CA VAL A 44 6.71 -3.56 4.47
C VAL A 44 7.94 -2.74 4.02
N ASP A 45 8.91 -2.66 4.92
CA ASP A 45 10.12 -1.91 4.62
C ASP A 45 10.88 -2.60 3.49
N ILE A 46 10.67 -2.11 2.28
CA ILE A 46 11.33 -2.66 1.12
C ILE A 46 12.84 -2.39 1.20
N THR A 47 13.16 -1.20 1.70
CA THR A 47 14.55 -0.80 1.84
C THR A 47 15.31 -1.81 2.70
N MET A 48 14.71 -2.11 3.85
CA MET A 48 15.32 -3.05 4.78
C MET A 48 15.03 -4.49 4.37
N SER A 49 13.75 -4.77 4.16
CA SER A 49 13.32 -6.10 3.76
C SER A 49 14.08 -6.54 2.52
N GLU A 50 14.27 -5.60 1.61
CA GLU A 50 14.98 -5.88 0.37
C GLU A 50 14.17 -6.84 -0.50
N GLU A 51 14.07 -8.08 -0.02
CA GLU A 51 13.34 -9.10 -0.75
C GLU A 51 11.98 -8.54 -1.21
N GLN A 52 11.23 -8.02 -0.25
CA GLN A 52 9.93 -7.45 -0.55
C GLN A 52 10.02 -6.47 -1.71
N ARG A 53 11.02 -5.61 -1.63
CA ARG A 53 11.24 -4.61 -2.66
C ARG A 53 11.25 -5.27 -4.04
N GLN A 54 12.23 -6.13 -4.25
CA GLN A 54 12.35 -6.83 -5.51
C GLN A 54 10.99 -7.32 -6.00
N TRP A 55 10.32 -8.06 -5.12
CA TRP A 55 9.00 -8.58 -5.45
C TRP A 55 8.13 -7.42 -5.93
N MET A 56 8.10 -6.37 -5.11
CA MET A 56 7.31 -5.20 -5.45
C MET A 56 7.60 -4.73 -6.87
N TYR A 57 8.88 -4.63 -7.18
CA TYR A 57 9.30 -4.19 -8.50
C TYR A 57 8.82 -5.17 -9.57
N LYS A 58 8.36 -6.32 -9.12
CA LYS A 58 7.86 -7.34 -10.03
C LYS A 58 6.34 -7.28 -10.08
N ASN A 59 5.78 -6.45 -9.21
CA ASN A 59 4.33 -6.30 -9.14
C ASN A 59 3.98 -4.82 -9.33
N VAL A 60 4.71 -4.18 -10.22
CA VAL A 60 4.48 -2.77 -10.49
C VAL A 60 4.86 -2.47 -11.95
N PRO A 61 3.83 -2.06 -12.73
CA PRO A 61 4.04 -1.74 -14.13
C PRO A 61 4.74 -0.39 -14.28
N PRO A 62 5.18 -0.10 -15.54
CA PRO A 62 5.86 1.15 -15.83
C PRO A 62 4.87 2.31 -15.88
N GLU A 63 3.64 1.98 -16.24
CA GLU A 63 2.60 2.99 -16.32
C GLU A 63 2.20 3.47 -14.93
N LYS A 64 2.54 2.65 -13.94
CA LYS A 64 2.23 2.99 -12.56
C LYS A 64 3.48 3.58 -11.90
N LYS A 65 4.63 3.13 -12.35
CA LYS A 65 5.89 3.61 -11.81
C LYS A 65 5.80 5.12 -11.57
N PRO A 66 6.24 5.55 -10.35
CA PRO A 66 6.20 6.95 -10.00
C PRO A 66 7.32 7.72 -10.71
N THR A 67 8.53 7.22 -10.56
CA THR A 67 9.69 7.84 -11.19
C THR A 67 10.20 7.00 -12.35
N GLN A 68 11.40 7.33 -12.80
CA GLN A 68 12.01 6.60 -13.90
C GLN A 68 12.96 5.53 -13.37
N GLY A 69 12.87 4.36 -13.97
CA GLY A 69 13.73 3.25 -13.57
C GLY A 69 12.91 2.17 -12.86
N ASN A 70 12.95 2.22 -11.54
CA ASN A 70 12.22 1.25 -10.73
C ASN A 70 11.12 1.97 -9.94
N PRO A 71 10.16 1.16 -9.43
CA PRO A 71 9.05 1.71 -8.66
C PRO A 71 9.51 2.13 -7.26
N LEU A 72 8.86 3.16 -6.75
CA LEU A 72 9.19 3.67 -5.42
C LEU A 72 7.92 3.73 -4.58
N PRO A 73 8.13 3.74 -3.23
CA PRO A 73 7.01 3.80 -2.30
C PRO A 73 6.40 5.19 -2.26
N PRO A 74 5.22 5.29 -1.59
CA PRO A 74 4.61 4.12 -0.99
C PRO A 74 3.98 3.21 -2.06
N GLN A 75 3.80 1.95 -1.69
CA GLN A 75 3.22 0.97 -2.60
C GLN A 75 2.26 0.06 -1.84
N ILE A 76 1.00 0.47 -1.77
CA ILE A 76 -0.01 -0.31 -1.10
C ILE A 76 -0.18 -1.65 -1.80
N PHE A 77 -0.36 -2.69 -1.00
CA PHE A 77 -0.53 -4.02 -1.53
C PHE A 77 -1.33 -4.91 -0.57
N ASN A 78 -2.53 -5.26 -0.98
CA ASN A 78 -3.40 -6.10 -0.17
C ASN A 78 -3.08 -7.56 -0.44
N GLY A 79 -2.31 -8.15 0.47
CA GLY A 79 -1.93 -9.55 0.35
C GLY A 79 -0.92 -9.73 -0.79
N ASP A 80 -1.45 -10.05 -1.97
CA ASP A 80 -0.61 -10.26 -3.13
C ASP A 80 -1.26 -9.59 -4.34
N ARG A 81 -2.23 -8.74 -4.06
CA ARG A 81 -2.93 -8.03 -5.12
C ARG A 81 -2.51 -6.57 -5.15
N TYR A 82 -1.96 -6.16 -6.29
CA TYR A 82 -1.51 -4.79 -6.47
C TYR A 82 -2.67 -3.81 -6.32
N CYS A 83 -2.53 -2.90 -5.36
CA CYS A 83 -3.55 -1.91 -5.11
C CYS A 83 -3.20 -0.64 -5.88
N GLY A 84 -2.20 0.08 -5.37
CA GLY A 84 -1.76 1.30 -6.01
C GLY A 84 -0.84 2.10 -5.09
N ASP A 85 -0.15 3.06 -5.68
CA ASP A 85 0.77 3.90 -4.92
C ASP A 85 0.00 5.09 -4.36
N TYR A 86 0.76 6.00 -3.75
CA TYR A 86 0.17 7.19 -3.17
C TYR A 86 -0.81 7.86 -4.14
N ASP A 87 -0.45 7.81 -5.41
CA ASP A 87 -1.28 8.40 -6.45
C ASP A 87 -2.70 7.84 -6.34
N SER A 88 -2.78 6.51 -6.33
CA SER A 88 -4.06 5.84 -6.24
C SER A 88 -4.72 6.15 -4.89
N PHE A 89 -4.05 5.73 -3.82
CA PHE A 89 -4.55 5.95 -2.48
C PHE A 89 -5.21 7.33 -2.37
N PHE A 90 -4.54 8.32 -2.92
CA PHE A 90 -5.04 9.69 -2.89
C PHE A 90 -6.29 9.82 -3.77
N GLU A 91 -6.19 9.27 -4.96
CA GLU A 91 -7.29 9.33 -5.92
C GLU A 91 -8.51 8.59 -5.36
N SER A 92 -8.26 7.81 -4.32
CA SER A 92 -9.33 7.05 -3.68
C SER A 92 -9.82 7.78 -2.43
N LYS A 93 -8.94 8.60 -1.88
CA LYS A 93 -9.26 9.36 -0.68
C LYS A 93 -10.33 10.40 -1.03
N GLU A 94 -9.98 11.26 -1.99
CA GLU A 94 -10.89 12.30 -2.42
C GLU A 94 -12.24 11.71 -2.81
N SER A 95 -12.21 10.44 -3.17
CA SER A 95 -13.42 9.74 -3.57
C SER A 95 -13.97 8.95 -2.38
N ASN A 96 -13.10 8.71 -1.42
CA ASN A 96 -13.50 7.97 -0.23
C ASN A 96 -13.69 6.50 -0.59
N THR A 97 -12.70 5.96 -1.29
CA THR A 97 -12.74 4.56 -1.71
C THR A 97 -11.50 3.82 -1.21
N VAL A 98 -10.64 4.56 -0.52
CA VAL A 98 -9.42 3.98 0.01
C VAL A 98 -9.68 2.53 0.43
N PHE A 99 -10.66 2.38 1.31
CA PHE A 99 -11.01 1.06 1.80
C PHE A 99 -11.17 0.07 0.64
N SER A 100 -11.96 0.47 -0.34
CA SER A 100 -12.21 -0.37 -1.50
C SER A 100 -10.93 -0.48 -2.33
N PHE A 101 -10.23 0.63 -2.46
CA PHE A 101 -9.00 0.67 -3.23
C PHE A 101 -8.00 -0.36 -2.70
N LEU A 102 -8.02 -0.55 -1.39
CA LEU A 102 -7.12 -1.50 -0.76
C LEU A 102 -7.76 -2.89 -0.80
N GLY A 103 -9.07 -2.91 -0.93
CA GLY A 103 -9.81 -4.15 -0.98
C GLY A 103 -10.42 -4.48 0.38
N LEU A 104 -10.87 -3.45 1.07
CA LEU A 104 -11.48 -3.61 2.38
C LEU A 104 -13.00 -3.65 2.23
N LYS A 105 -13.63 -2.57 2.66
CA LYS A 105 -15.08 -2.47 2.58
C LYS A 105 -15.71 -3.49 3.53
N SER A 106 -15.62 -4.75 3.13
CA SER A 106 -16.17 -5.82 3.94
C SER A 106 -15.94 -5.54 5.43
N GLY A 107 -17.01 -5.22 6.12
CA GLY A 107 -16.93 -4.94 7.55
C GLY A 107 -15.95 -3.79 7.81
N PRO A 108 -16.09 -3.20 9.03
CA PRO A 108 -15.22 -2.10 9.42
C PRO A 108 -13.83 -2.60 9.79
N SER A 109 -13.00 -2.79 8.77
CA SER A 109 -11.64 -3.27 8.98
C SER A 109 -11.05 -2.63 10.24
N SER A 110 -10.96 -3.43 11.28
CA SER A 110 -10.41 -2.95 12.54
C SER A 110 -9.32 -3.91 13.03
N GLY A 111 -9.72 -5.17 13.22
CA GLY A 111 -8.79 -6.18 13.68
C GLY A 111 -7.95 -6.72 12.52
N GLY A 1 -21.34 -25.54 10.12
CA GLY A 1 -21.05 -24.15 10.42
C GLY A 1 -19.72 -23.72 9.81
N SER A 2 -18.77 -23.40 10.68
CA SER A 2 -17.46 -22.98 10.23
C SER A 2 -17.58 -21.75 9.34
N SER A 3 -17.42 -20.58 9.96
CA SER A 3 -17.51 -19.33 9.24
C SER A 3 -16.30 -18.44 9.57
N GLY A 4 -16.12 -18.20 10.87
CA GLY A 4 -15.02 -17.38 11.32
C GLY A 4 -15.00 -16.03 10.60
N SER A 5 -13.88 -15.34 10.73
CA SER A 5 -13.72 -14.05 10.09
C SER A 5 -12.23 -13.78 9.83
N SER A 6 -11.96 -13.37 8.59
CA SER A 6 -10.59 -13.08 8.19
C SER A 6 -10.44 -11.58 7.91
N GLY A 7 -9.27 -11.07 8.26
CA GLY A 7 -8.98 -9.65 8.05
C GLY A 7 -7.92 -9.47 6.97
N MET A 8 -8.13 -8.44 6.15
CA MET A 8 -7.19 -8.15 5.08
C MET A 8 -6.16 -7.12 5.53
N VAL A 9 -4.90 -7.52 5.47
CA VAL A 9 -3.80 -6.65 5.87
C VAL A 9 -3.32 -5.87 4.64
N ILE A 10 -3.48 -4.56 4.72
CA ILE A 10 -3.06 -3.68 3.64
C ILE A 10 -1.55 -3.50 3.70
N ARG A 11 -0.83 -4.51 3.24
CA ARG A 11 0.62 -4.46 3.23
C ARG A 11 1.12 -3.25 2.44
N VAL A 12 1.64 -2.28 3.17
CA VAL A 12 2.15 -1.07 2.55
C VAL A 12 3.68 -1.09 2.58
N PHE A 13 4.26 -0.96 1.39
CA PHE A 13 5.71 -0.96 1.27
C PHE A 13 6.28 0.44 1.51
N ILE A 14 7.29 0.49 2.36
CA ILE A 14 7.93 1.75 2.68
C ILE A 14 9.45 1.57 2.65
N ALA A 15 10.13 2.65 2.28
CA ALA A 15 11.58 2.62 2.21
C ALA A 15 12.16 3.63 3.19
N SER A 16 12.30 3.20 4.43
CA SER A 16 12.84 4.05 5.48
C SER A 16 13.97 4.91 4.92
N SER A 17 14.66 4.35 3.93
CA SER A 17 15.77 5.05 3.30
C SER A 17 15.26 5.94 2.17
N SER A 18 15.02 5.31 1.03
CA SER A 18 14.54 6.03 -0.13
C SER A 18 15.47 7.19 -0.47
N GLY A 19 14.96 8.12 -1.26
CA GLY A 19 15.73 9.28 -1.65
C GLY A 19 14.82 10.46 -2.00
N PHE A 20 13.68 10.50 -1.33
CA PHE A 20 12.71 11.56 -1.55
C PHE A 20 11.81 11.75 -0.34
N VAL A 21 12.20 12.69 0.52
CA VAL A 21 11.44 12.97 1.72
C VAL A 21 9.95 13.01 1.38
N ALA A 22 9.67 13.37 0.13
CA ALA A 22 8.30 13.45 -0.33
C ALA A 22 7.66 12.06 -0.27
N ILE A 23 8.37 11.09 -0.82
CA ILE A 23 7.89 9.72 -0.83
C ILE A 23 7.63 9.27 0.61
N LYS A 24 8.56 9.64 1.50
CA LYS A 24 8.45 9.28 2.90
C LYS A 24 7.22 9.96 3.50
N LYS A 25 6.97 11.18 3.04
CA LYS A 25 5.84 11.96 3.52
C LYS A 25 4.54 11.24 3.14
N LYS A 26 4.48 10.81 1.89
CA LYS A 26 3.31 10.11 1.39
C LYS A 26 3.11 8.82 2.19
N GLN A 27 4.19 8.07 2.32
CA GLN A 27 4.15 6.82 3.06
C GLN A 27 3.38 7.00 4.37
N GLN A 28 3.52 8.18 4.94
CA GLN A 28 2.83 8.49 6.19
C GLN A 28 1.33 8.60 5.96
N ASP A 29 0.95 9.67 5.26
CA ASP A 29 -0.45 9.90 4.96
C ASP A 29 -1.14 8.57 4.66
N VAL A 30 -0.35 7.65 4.10
CA VAL A 30 -0.87 6.34 3.75
C VAL A 30 -1.22 5.58 5.03
N VAL A 31 -0.20 5.28 5.81
CA VAL A 31 -0.38 4.56 7.05
C VAL A 31 -1.21 5.42 8.01
N ARG A 32 -0.79 6.66 8.16
CA ARG A 32 -1.48 7.59 9.04
C ARG A 32 -3.00 7.41 8.92
N PHE A 33 -3.46 7.48 7.67
CA PHE A 33 -4.89 7.33 7.40
C PHE A 33 -5.41 6.01 7.97
N LEU A 34 -4.70 4.94 7.64
CA LEU A 34 -5.08 3.61 8.10
C LEU A 34 -5.12 3.60 9.62
N GLU A 35 -4.05 4.11 10.22
CA GLU A 35 -3.95 4.16 11.67
C GLU A 35 -5.11 4.98 12.25
N ALA A 36 -5.31 6.16 11.67
CA ALA A 36 -6.37 7.04 12.12
C ALA A 36 -7.73 6.38 11.85
N ASN A 37 -7.74 5.49 10.87
CA ASN A 37 -8.94 4.79 10.50
C ASN A 37 -8.89 3.36 11.07
N LYS A 38 -7.91 3.14 11.93
CA LYS A 38 -7.74 1.84 12.55
C LYS A 38 -7.93 0.75 11.49
N ILE A 39 -7.38 1.01 10.32
CA ILE A 39 -7.48 0.05 9.22
C ILE A 39 -6.33 -0.94 9.30
N GLU A 40 -6.59 -2.14 8.84
CA GLU A 40 -5.58 -3.19 8.85
C GLU A 40 -4.53 -2.92 7.77
N PHE A 41 -3.27 -3.06 8.17
CA PHE A 41 -2.17 -2.84 7.26
C PHE A 41 -0.82 -3.07 7.95
N GLU A 42 0.24 -3.00 7.16
CA GLU A 42 1.58 -3.20 7.67
C GLU A 42 2.60 -2.46 6.82
N GLU A 43 3.59 -1.89 7.50
CA GLU A 43 4.64 -1.15 6.82
C GLU A 43 5.77 -2.09 6.39
N VAL A 44 5.58 -2.68 5.22
CA VAL A 44 6.56 -3.60 4.68
C VAL A 44 7.83 -2.83 4.32
N ASP A 45 8.67 -2.64 5.32
CA ASP A 45 9.92 -1.92 5.13
C ASP A 45 10.72 -2.59 4.00
N ILE A 46 10.67 -1.97 2.84
CA ILE A 46 11.38 -2.49 1.68
C ILE A 46 12.87 -2.15 1.81
N THR A 47 13.13 -0.99 2.41
CA THR A 47 14.50 -0.55 2.60
C THR A 47 15.27 -1.54 3.49
N MET A 48 14.55 -2.05 4.48
CA MET A 48 15.15 -3.01 5.40
C MET A 48 15.29 -4.39 4.76
N SER A 49 14.18 -4.85 4.19
CA SER A 49 14.16 -6.15 3.54
C SER A 49 14.24 -5.97 2.02
N GLU A 50 15.37 -6.41 1.47
CA GLU A 50 15.58 -6.31 0.04
C GLU A 50 14.55 -7.14 -0.72
N GLU A 51 14.40 -8.38 -0.29
CA GLU A 51 13.45 -9.29 -0.91
C GLU A 51 12.13 -8.57 -1.18
N GLN A 52 11.54 -8.04 -0.12
CA GLN A 52 10.28 -7.32 -0.23
C GLN A 52 10.35 -6.32 -1.39
N ARG A 53 11.44 -5.57 -1.42
CA ARG A 53 11.64 -4.57 -2.46
C ARG A 53 11.54 -5.23 -3.84
N GLN A 54 12.55 -6.02 -4.15
CA GLN A 54 12.60 -6.70 -5.43
C GLN A 54 11.20 -7.20 -5.81
N TRP A 55 10.58 -7.91 -4.89
CA TRP A 55 9.26 -8.44 -5.11
C TRP A 55 8.40 -7.34 -5.73
N MET A 56 8.40 -6.19 -5.07
CA MET A 56 7.63 -5.04 -5.53
C MET A 56 7.98 -4.72 -6.99
N TYR A 57 9.26 -4.54 -7.24
CA TYR A 57 9.73 -4.23 -8.58
C TYR A 57 9.22 -5.24 -9.60
N LYS A 58 8.79 -6.39 -9.08
CA LYS A 58 8.27 -7.45 -9.92
C LYS A 58 6.74 -7.37 -9.95
N ASN A 59 6.20 -6.70 -8.95
CA ASN A 59 4.76 -6.54 -8.85
C ASN A 59 4.38 -5.09 -9.17
N VAL A 60 5.06 -4.55 -10.16
CA VAL A 60 4.82 -3.17 -10.57
C VAL A 60 5.25 -2.99 -12.03
N PRO A 61 4.24 -2.70 -12.90
CA PRO A 61 4.51 -2.51 -14.31
C PRO A 61 5.17 -1.14 -14.56
N PRO A 62 5.65 -0.97 -15.82
CA PRO A 62 6.30 0.28 -16.20
C PRO A 62 5.27 1.40 -16.40
N GLU A 63 4.08 0.99 -16.79
CA GLU A 63 2.99 1.93 -17.02
C GLU A 63 2.53 2.54 -15.69
N LYS A 64 2.92 1.89 -14.62
CA LYS A 64 2.54 2.34 -13.29
C LYS A 64 3.75 3.02 -12.63
N LYS A 65 4.93 2.54 -13.01
CA LYS A 65 6.16 3.10 -12.47
C LYS A 65 6.03 4.62 -12.34
N PRO A 66 6.17 5.11 -11.08
CA PRO A 66 6.06 6.52 -10.82
C PRO A 66 7.32 7.26 -11.27
N THR A 67 7.29 8.58 -11.12
CA THR A 67 8.42 9.41 -11.52
C THR A 67 9.07 8.85 -12.78
N GLN A 68 10.17 8.15 -12.59
CA GLN A 68 10.90 7.56 -13.70
C GLN A 68 11.87 6.51 -13.20
N GLY A 69 11.79 5.33 -13.80
CA GLY A 69 12.66 4.23 -13.42
C GLY A 69 11.93 3.25 -12.50
N ASN A 70 12.74 2.44 -11.80
CA ASN A 70 12.18 1.46 -10.88
C ASN A 70 11.04 2.10 -10.09
N PRO A 71 10.14 1.22 -9.57
CA PRO A 71 9.00 1.68 -8.80
C PRO A 71 9.43 2.10 -7.39
N LEU A 72 8.85 3.20 -6.94
CA LEU A 72 9.16 3.72 -5.62
C LEU A 72 7.90 3.75 -4.77
N PRO A 73 8.10 3.76 -3.43
CA PRO A 73 6.98 3.79 -2.50
C PRO A 73 6.34 5.18 -2.45
N PRO A 74 5.15 5.25 -1.80
CA PRO A 74 4.57 4.06 -1.20
C PRO A 74 3.96 3.15 -2.26
N GLN A 75 3.84 1.87 -1.91
CA GLN A 75 3.28 0.89 -2.82
C GLN A 75 2.38 -0.08 -2.07
N ILE A 76 1.19 0.40 -1.74
CA ILE A 76 0.22 -0.42 -1.03
C ILE A 76 0.05 -1.75 -1.76
N PHE A 77 -0.28 -2.78 -0.98
CA PHE A 77 -0.48 -4.11 -1.52
C PHE A 77 -1.38 -4.95 -0.63
N ASN A 78 -2.59 -5.16 -1.10
CA ASN A 78 -3.57 -5.95 -0.36
C ASN A 78 -3.29 -7.44 -0.57
N GLY A 79 -2.50 -8.00 0.35
CA GLY A 79 -2.15 -9.40 0.27
C GLY A 79 -1.53 -9.74 -1.09
N ASP A 80 -0.47 -9.03 -1.42
CA ASP A 80 0.22 -9.24 -2.68
C ASP A 80 -0.49 -8.46 -3.78
N ARG A 81 -1.81 -8.40 -3.66
CA ARG A 81 -2.63 -7.69 -4.64
C ARG A 81 -2.08 -6.28 -4.85
N TYR A 82 -1.85 -5.96 -6.12
CA TYR A 82 -1.33 -4.64 -6.47
C TYR A 82 -2.38 -3.56 -6.21
N CYS A 83 -2.39 -3.08 -4.97
CA CYS A 83 -3.32 -2.04 -4.58
C CYS A 83 -3.12 -0.84 -5.49
N GLY A 84 -2.13 -0.03 -5.15
CA GLY A 84 -1.82 1.16 -5.93
C GLY A 84 -0.87 2.07 -5.16
N ASP A 85 -0.21 2.95 -5.91
CA ASP A 85 0.73 3.89 -5.32
C ASP A 85 -0.04 5.00 -4.61
N TYR A 86 0.71 5.93 -4.05
CA TYR A 86 0.10 7.05 -3.34
C TYR A 86 -0.97 7.73 -4.19
N ASP A 87 -0.63 7.92 -5.46
CA ASP A 87 -1.56 8.56 -6.38
C ASP A 87 -2.93 7.90 -6.27
N SER A 88 -2.95 6.59 -6.44
CA SER A 88 -4.19 5.84 -6.36
C SER A 88 -4.89 6.14 -5.03
N PHE A 89 -4.19 5.84 -3.95
CA PHE A 89 -4.72 6.07 -2.62
C PHE A 89 -5.40 7.44 -2.53
N PHE A 90 -4.63 8.47 -2.87
CA PHE A 90 -5.13 9.82 -2.82
C PHE A 90 -6.38 9.98 -3.70
N GLU A 91 -6.23 9.56 -4.94
CA GLU A 91 -7.34 9.64 -5.90
C GLU A 91 -8.62 9.13 -5.25
N SER A 92 -8.52 7.96 -4.63
CA SER A 92 -9.67 7.35 -3.97
C SER A 92 -9.99 8.11 -2.69
N LYS A 93 -8.94 8.68 -2.10
CA LYS A 93 -9.10 9.43 -0.86
C LYS A 93 -10.09 10.57 -1.08
N GLU A 94 -9.89 11.29 -2.18
CA GLU A 94 -10.74 12.41 -2.52
C GLU A 94 -12.19 11.93 -2.71
N SER A 95 -12.31 10.67 -3.11
CA SER A 95 -13.62 10.08 -3.33
C SER A 95 -14.03 9.25 -2.11
N ASN A 96 -13.13 9.19 -1.15
CA ASN A 96 -13.38 8.43 0.07
C ASN A 96 -13.63 6.97 -0.29
N THR A 97 -12.69 6.40 -1.02
CA THR A 97 -12.79 5.01 -1.44
C THR A 97 -11.56 4.23 -1.00
N VAL A 98 -10.70 4.91 -0.26
CA VAL A 98 -9.47 4.30 0.24
C VAL A 98 -9.75 2.84 0.59
N PHE A 99 -10.77 2.66 1.43
CA PHE A 99 -11.16 1.33 1.85
C PHE A 99 -11.32 0.39 0.66
N SER A 100 -12.10 0.85 -0.30
CA SER A 100 -12.36 0.08 -1.51
C SER A 100 -11.08 -0.02 -2.35
N PHE A 101 -10.36 1.10 -2.41
CA PHE A 101 -9.14 1.15 -3.18
C PHE A 101 -8.19 0.03 -2.76
N LEU A 102 -8.22 -0.30 -1.48
CA LEU A 102 -7.37 -1.34 -0.95
C LEU A 102 -8.09 -2.69 -1.05
N GLY A 103 -9.42 -2.60 -1.11
CA GLY A 103 -10.24 -3.80 -1.20
C GLY A 103 -10.82 -4.16 0.17
N LEU A 104 -11.14 -3.14 0.93
CA LEU A 104 -11.71 -3.34 2.27
C LEU A 104 -13.24 -3.31 2.16
N LYS A 105 -13.80 -2.22 2.65
CA LYS A 105 -15.25 -2.06 2.63
C LYS A 105 -15.89 -3.13 3.51
N SER A 106 -17.15 -2.90 3.86
CA SER A 106 -17.89 -3.83 4.69
C SER A 106 -17.23 -3.93 6.07
N GLY A 107 -17.70 -3.07 6.98
CA GLY A 107 -17.16 -3.05 8.33
C GLY A 107 -15.72 -2.58 8.34
N PRO A 108 -15.30 -2.03 9.52
CA PRO A 108 -13.94 -1.54 9.68
C PRO A 108 -12.94 -2.69 9.81
N SER A 109 -13.41 -3.77 10.41
CA SER A 109 -12.58 -4.95 10.61
C SER A 109 -11.36 -4.58 11.46
N SER A 110 -11.52 -4.71 12.77
CA SER A 110 -10.45 -4.40 13.69
C SER A 110 -10.51 -5.34 14.89
N GLY A 111 -9.49 -6.19 14.99
CA GLY A 111 -9.41 -7.14 16.08
C GLY A 111 -7.97 -7.54 16.37
#